data_2HMI
#
_entry.id   2HMI
#
_cell.length_a   169.000
_cell.length_b   169.000
_cell.length_c   221.000
_cell.angle_alpha   90.00
_cell.angle_beta   90.00
_cell.angle_gamma   120.00
#
_symmetry.space_group_name_H-M   'P 32 1 2'
#
loop_
_entity.id
_entity.type
_entity.pdbx_description
1 polymer "DNA (5'-D(*AP*TP*GP*GP*CP*GP*CP*CP*CP*GP*AP*AP*CP*AP*GP*GP*GP*AP*C)-3')"
2 polymer "DNA (5'-D(*GP*TP*CP*CP*CP*TP*GP*TP*TP*CP*GP*GP*GP*CP*GP*CP*CP*A)-3')"
3 polymer 'SUBUNIT OF V-1 REVERSE TRANSCRIPTASE'
4 polymer 'HISUBUNIT OF V-1 REVERSE TRANSCRIPTASE'
5 polymer 'FAB FRAGMENT OF MONOCLONAL ANTIBODY 28'
6 polymer 'FAB FRAGMENT OF MONOCLONAL ANTIBODY 28'
#
loop_
_entity_poly.entity_id
_entity_poly.type
_entity_poly.pdbx_seq_one_letter_code
_entity_poly.pdbx_strand_id
1 'polydeoxyribonucleotide' (DA)(DT)(DG)(DG)(DC)(DG)(DC)(DC)(DC)(DG)(DA)(DA)(DC)(DA)(DG)(DG)(DG)(DA)(DC) E
2 'polydeoxyribonucleotide' (DG)(DT)(DC)(DC)(DC)(DT)(DG)(DT)(DT)(DC)(DG)(DG)(DG)(DC)(DG)(DC)(DC)(DA) F
3 'polypeptide(L)'
;PISPIETVPVKLKPGMDGPKVKQWPLTEEKIKALVEICTEMEKEGKISKIGPENPYNTPVFAIKKKDSTKWRKLVDFREL
NKRTQDFWEVQLGIPHPAGLKKKKSVTVLDVGDAYFSVPLDEDFRKYTAFTIPSINNETPGIRYQYNVLPQGWKGSPAIF
QSSMTKILEPFKKQNPDIVIYQYMDDLYVGSDLEIGQHRTKIEELRQHLLRWGLTTPDKKHQKEPPFLWMGYELHPDKWT
VQPIVLPEKDSWTVNDIQKLVGKLNWASQIYPGIKVRQLSKLLRGTKALTEVIPLTEEAELELAENREILKEPVHGVYYD
PSKDLIAEIQKQGQGQWTYQIYQEPFKNLKTGKYARMRGAHTNDVKQLTEAVQKITTESIVIWGKTPKFKLPIQKETWET
WWTEYWQATWIPEWEFVNTPPLVKLWYQLEKEPIVGAETFYVDGAANRETKLGKAGYVTNKGRQKVVPLTNTTNQKTELQ
AIYLALQDSGLEVNIVTDSQYALGIIQAQPDKSESELVNQIIEQLIKKEKVYLAWVPAHKGIGGNEQVDKLVSAGIRK
;
A
4 'polypeptide(L)'
;PISPIETVPVKLKPGMDGPKVKQWPLTEEKIKALVEICTEMEKEGKISKIGPENPYNTPVFAIKKKDSTKWRKLVDFREL
NKRTQDFWEVQLGIPHPAGLKKKKSVTVLDVGDAYFSVPLDEDFRKYTAFTIPSINNETPGIRYQYNVLPQGWKGSPAIF
QSSMTKILEPFKKQNPDIVIYQYMDDLYVGSDLEIGQHRTKIEELRQHLLRWGLTTPDKKHQKEPPFLWMGYELHPDKWT
VQPIVLPEKDSWTVNDIQKLVGKLNWASQIYPGIKVRQLSKLLRGTKALTEVIPLTEEAELELAENREILKEPVHGVYYD
PSKDLIAEIQKQGQGQWTYQIYQEPFKNLKTGKYARMRGAHTNDVKQLTEAVQKITTESIVIWGKTPKFKLPIQKETWET
WWTEYWQATWIPEWEFVNTPPLVKLWYQLE
;
B
5 'polypeptide(L)'
;DIQMTQTTSSLSASLGDRVTISCSASQDISSYLNWYQQKPEGTVKLLIYYTSSLHSGVPSAFSGSGSGTDYSLTISNLEP
EDFATYYCQQYSKFPWTFGGGTKLEIKRADAAPTVSIFPPSSEQLTSGGASVVCFLNNFYPKDINVAWAIDGSAAANGVL
NSWTDQDSKDSTYSMSSTLTLTADEYEAANSYTCAATHKTSTSPIVKSFNANEC
;
C
6 'polypeptide(L)'
;QITLKESGPGIVQPSQPFRLTCTFSGFSLSTSGIGVTWIRQPSGKGLEWLATIWWDDDNRYNPSLKSRLTVSKDTSNNQA
FLNMMTVETADTAIYYCAQSAITSVTDSAMDHWGQGTSVTVSSAATTPPSVYPLAPGSAAQTNSMVTLGCLVKGYFPEPV
TVTWNSGSLSSGVHTFPAVLQSDLYTLSSSVTVPSSTWPSETVTCNVAHPASSTKVDKKI
;
D
#
loop_
_chem_comp.id
_chem_comp.type
_chem_comp.name
_chem_comp.formula
DA DNA linking 2'-DEOXYADENOSINE-5'-MONOPHOSPHATE 'C10 H14 N5 O6 P'
DC DNA linking 2'-DEOXYCYTIDINE-5'-MONOPHOSPHATE 'C9 H14 N3 O7 P'
DG DNA linking 2'-DEOXYGUANOSINE-5'-MONOPHOSPHATE 'C10 H14 N5 O7 P'
DT DNA linking THYMIDINE-5'-MONOPHOSPHATE 'C10 H15 N2 O8 P'
#
# COMPACT_ATOMS: atom_id res chain seq x y z
N PRO C 1 -27.48 38.16 -26.41
CA PRO C 1 -27.18 38.21 -27.85
C PRO C 1 -26.74 36.85 -28.34
N ILE C 2 -26.47 36.75 -29.63
CA ILE C 2 -26.01 35.51 -30.22
C ILE C 2 -24.58 35.26 -29.79
N SER C 3 -24.33 34.08 -29.25
CA SER C 3 -22.98 33.73 -28.84
C SER C 3 -22.11 33.36 -30.05
N PRO C 4 -20.87 33.84 -30.07
CA PRO C 4 -19.92 33.57 -31.13
C PRO C 4 -19.13 32.29 -30.87
N ILE C 5 -19.68 31.44 -30.02
CA ILE C 5 -19.05 30.16 -29.73
C ILE C 5 -19.27 29.17 -30.88
N GLU C 6 -18.31 28.27 -31.08
CA GLU C 6 -18.45 27.26 -32.13
C GLU C 6 -19.65 26.38 -31.82
N THR C 7 -20.37 25.98 -32.84
CA THR C 7 -21.57 25.16 -32.68
C THR C 7 -21.26 23.65 -32.55
N VAL C 8 -21.90 23.01 -31.57
CA VAL C 8 -21.77 21.57 -31.39
C VAL C 8 -22.73 20.87 -32.34
N PRO C 9 -22.20 19.95 -33.13
CA PRO C 9 -23.01 19.22 -34.10
C PRO C 9 -23.94 18.25 -33.41
N VAL C 10 -24.98 17.85 -34.12
CA VAL C 10 -25.95 16.92 -33.57
C VAL C 10 -26.72 16.24 -34.70
N LYS C 11 -26.99 14.96 -34.54
CA LYS C 11 -27.72 14.19 -35.53
C LYS C 11 -28.93 13.47 -34.91
N LEU C 12 -29.77 12.89 -35.77
CA LEU C 12 -30.94 12.14 -35.32
C LEU C 12 -30.55 10.69 -35.22
N LYS C 13 -31.05 10.01 -34.21
CA LYS C 13 -30.71 8.62 -34.00
C LYS C 13 -30.87 7.81 -35.29
N PRO C 14 -29.85 7.03 -35.64
CA PRO C 14 -29.88 6.20 -36.86
C PRO C 14 -31.11 5.31 -36.90
N GLY C 15 -32.14 5.80 -37.60
CA GLY C 15 -33.37 5.03 -37.72
C GLY C 15 -34.58 5.90 -37.97
N MET C 16 -34.64 7.05 -37.29
CA MET C 16 -35.79 7.94 -37.40
C MET C 16 -35.53 9.10 -38.39
N ASP C 17 -36.35 10.16 -38.27
CA ASP C 17 -36.22 11.34 -39.14
C ASP C 17 -36.79 12.59 -38.44
N GLY C 18 -36.97 13.67 -39.18
CA GLY C 18 -37.51 14.89 -38.57
C GLY C 18 -38.90 14.69 -37.99
N PRO C 19 -39.28 15.50 -36.98
CA PRO C 19 -40.60 15.39 -36.34
C PRO C 19 -41.69 16.07 -37.15
N LYS C 20 -42.67 15.30 -37.57
CA LYS C 20 -43.79 15.84 -38.34
C LYS C 20 -45.08 15.65 -37.57
N VAL C 21 -45.51 16.70 -36.89
CA VAL C 21 -46.74 16.65 -36.11
C VAL C 21 -47.68 17.75 -36.52
N LYS C 22 -48.95 17.41 -36.67
CA LYS C 22 -49.98 18.38 -37.08
C LYS C 22 -50.11 19.49 -36.06
N GLN C 23 -50.10 20.73 -36.55
CA GLN C 23 -50.21 21.91 -35.69
C GLN C 23 -51.66 22.29 -35.47
N TRP C 24 -52.19 21.93 -34.32
CA TRP C 24 -53.56 22.24 -33.99
C TRP C 24 -53.76 23.75 -33.98
N PRO C 25 -55.00 24.21 -34.27
CA PRO C 25 -55.33 25.64 -34.29
C PRO C 25 -55.49 26.23 -32.90
N LEU C 26 -54.77 27.31 -32.63
CA LEU C 26 -54.80 27.98 -31.32
C LEU C 26 -55.97 28.97 -31.19
N THR C 27 -56.08 29.59 -30.02
CA THR C 27 -57.13 30.57 -29.76
C THR C 27 -56.83 31.83 -30.53
N GLU C 28 -57.86 32.49 -31.03
CA GLU C 28 -57.68 33.73 -31.79
C GLU C 28 -56.70 34.67 -31.07
N GLU C 29 -56.87 34.80 -29.76
CA GLU C 29 -55.98 35.62 -28.96
C GLU C 29 -54.61 34.95 -28.86
N LYS C 30 -54.61 33.65 -28.59
CA LYS C 30 -53.37 32.88 -28.48
C LYS C 30 -52.49 33.06 -29.72
N ILE C 31 -53.11 32.96 -30.90
CA ILE C 31 -52.40 33.15 -32.16
C ILE C 31 -51.75 34.50 -32.14
N LYS C 32 -52.54 35.54 -31.90
CA LYS C 32 -52.02 36.89 -31.84
C LYS C 32 -50.80 36.92 -30.92
N ALA C 33 -50.93 36.30 -29.76
CA ALA C 33 -49.84 36.22 -28.79
C ALA C 33 -48.61 35.56 -29.43
N LEU C 34 -48.82 34.35 -29.95
CA LEU C 34 -47.75 33.62 -30.60
C LEU C 34 -47.06 34.47 -31.63
N VAL C 35 -47.84 35.28 -32.34
CA VAL C 35 -47.29 36.20 -33.32
C VAL C 35 -46.33 37.16 -32.61
N GLU C 36 -46.87 37.92 -31.64
CA GLU C 36 -46.07 38.87 -30.89
C GLU C 36 -44.72 38.25 -30.47
N ILE C 37 -44.80 37.04 -29.93
CA ILE C 37 -43.63 36.31 -29.49
C ILE C 37 -42.68 35.97 -30.65
N CYS C 38 -43.15 35.17 -31.60
CA CYS C 38 -42.33 34.77 -32.75
C CYS C 38 -41.66 35.97 -33.38
N THR C 39 -42.44 37.01 -33.64
CA THR C 39 -41.93 38.23 -34.26
C THR C 39 -40.82 38.84 -33.42
N GLU C 40 -41.07 38.97 -32.11
CA GLU C 40 -40.07 39.52 -31.20
C GLU C 40 -38.75 38.73 -31.32
N MET C 41 -38.82 37.43 -31.03
CA MET C 41 -37.65 36.56 -31.12
C MET C 41 -36.96 36.73 -32.48
N GLU C 42 -37.77 36.83 -33.53
CA GLU C 42 -37.27 37.03 -34.89
C GLU C 42 -36.48 38.33 -34.97
N LYS C 43 -37.14 39.45 -34.68
CA LYS C 43 -36.50 40.75 -34.74
C LYS C 43 -35.16 40.71 -34.00
N GLU C 44 -35.10 39.90 -32.96
CA GLU C 44 -33.88 39.74 -32.18
C GLU C 44 -32.87 38.89 -32.94
N GLY C 45 -33.15 37.60 -33.08
CA GLY C 45 -32.25 36.71 -33.78
C GLY C 45 -32.27 35.34 -33.19
N LYS C 46 -33.31 35.05 -32.41
CA LYS C 46 -33.42 33.76 -31.75
C LYS C 46 -34.04 32.70 -32.66
N ILE C 47 -34.90 33.14 -33.56
CA ILE C 47 -35.50 32.25 -34.56
C ILE C 47 -35.39 32.90 -35.91
N SER C 48 -35.70 32.15 -36.94
CA SER C 48 -35.59 32.66 -38.29
C SER C 48 -36.73 32.15 -39.14
N LYS C 49 -37.24 33.00 -40.02
CA LYS C 49 -38.30 32.62 -40.92
C LYS C 49 -37.71 31.55 -41.83
N ILE C 50 -38.52 30.56 -42.17
CA ILE C 50 -38.04 29.46 -42.99
C ILE C 50 -38.61 29.46 -44.41
N GLY C 51 -38.16 28.52 -45.23
CA GLY C 51 -38.68 28.40 -46.58
C GLY C 51 -39.77 27.34 -46.67
N PRO C 52 -40.55 27.33 -47.76
CA PRO C 52 -41.62 26.36 -47.95
C PRO C 52 -41.14 25.05 -48.54
N GLU C 53 -40.19 24.39 -47.87
CA GLU C 53 -39.73 23.08 -48.29
C GLU C 53 -39.46 22.21 -47.05
N ASN C 54 -39.40 22.86 -45.90
CA ASN C 54 -39.20 22.17 -44.63
C ASN C 54 -40.50 21.49 -44.24
N PRO C 55 -40.57 20.17 -44.45
CA PRO C 55 -41.74 19.35 -44.14
C PRO C 55 -41.79 18.85 -42.71
N TYR C 56 -41.00 19.47 -41.84
CA TYR C 56 -40.97 19.11 -40.43
C TYR C 56 -41.73 20.17 -39.64
N ASN C 57 -42.34 19.76 -38.52
CA ASN C 57 -43.08 20.68 -37.67
C ASN C 57 -43.50 20.13 -36.29
N THR C 58 -43.23 20.92 -35.26
CA THR C 58 -43.65 20.60 -33.91
C THR C 58 -44.82 21.51 -33.59
N PRO C 59 -45.61 21.14 -32.59
CA PRO C 59 -46.74 21.99 -32.25
C PRO C 59 -46.36 23.01 -31.18
N VAL C 60 -47.14 24.07 -31.09
CA VAL C 60 -46.93 25.08 -30.10
C VAL C 60 -48.24 25.41 -29.39
N PHE C 61 -48.15 25.71 -28.11
CA PHE C 61 -49.31 26.08 -27.33
C PHE C 61 -48.91 27.25 -26.44
N ALA C 62 -49.62 28.36 -26.57
CA ALA C 62 -49.28 29.57 -25.81
C ALA C 62 -50.15 29.79 -24.59
N ILE C 63 -49.65 30.62 -23.68
CA ILE C 63 -50.36 30.96 -22.46
C ILE C 63 -49.56 31.99 -21.64
N LYS C 64 -49.63 33.24 -22.08
CA LYS C 64 -48.90 34.34 -21.42
C LYS C 64 -49.64 34.84 -20.15
N LYS C 65 -50.11 33.91 -19.33
CA LYS C 65 -50.85 34.24 -18.10
C LYS C 65 -49.96 34.60 -16.91
N LYS C 66 -48.64 34.54 -17.10
CA LYS C 66 -47.69 34.88 -16.04
C LYS C 66 -47.63 36.39 -15.76
N ASP C 67 -46.79 36.77 -14.79
CA ASP C 67 -46.61 38.17 -14.43
C ASP C 67 -45.96 38.95 -15.58
N SER C 68 -46.02 40.27 -15.50
CA SER C 68 -45.45 41.15 -16.53
C SER C 68 -43.99 40.76 -16.87
N THR C 69 -43.60 41.00 -18.12
CA THR C 69 -42.26 40.68 -18.58
C THR C 69 -42.02 39.17 -18.52
N LYS C 70 -43.11 38.41 -18.43
CA LYS C 70 -43.05 36.95 -18.37
C LYS C 70 -44.32 36.35 -19.01
N TRP C 71 -44.11 35.43 -19.94
CA TRP C 71 -45.22 34.83 -20.66
C TRP C 71 -44.94 33.37 -21.01
N ARG C 72 -45.74 32.83 -21.93
CA ARG C 72 -45.56 31.46 -22.38
C ARG C 72 -46.11 31.28 -23.78
N LYS C 73 -45.28 30.73 -24.66
CA LYS C 73 -45.63 30.46 -26.06
C LYS C 73 -44.55 29.54 -26.61
N LEU C 74 -44.27 28.46 -25.88
CA LEU C 74 -43.20 27.54 -26.24
C LEU C 74 -43.69 26.34 -27.04
N VAL C 75 -42.74 25.51 -27.46
CA VAL C 75 -43.02 24.31 -28.22
C VAL C 75 -42.88 23.07 -27.37
N ASP C 76 -43.68 22.06 -27.67
CA ASP C 76 -43.60 20.80 -26.98
C ASP C 76 -42.81 19.83 -27.88
N PHE C 77 -41.50 20.03 -27.93
CA PHE C 77 -40.60 19.23 -28.81
C PHE C 77 -40.58 17.73 -28.51
N ARG C 78 -41.55 17.25 -27.73
CA ARG C 78 -41.62 15.84 -27.36
C ARG C 78 -41.22 14.90 -28.51
N GLU C 79 -41.88 15.05 -29.65
CA GLU C 79 -41.60 14.18 -30.79
C GLU C 79 -40.17 14.31 -31.25
N LEU C 80 -39.69 15.55 -31.33
CA LEU C 80 -38.32 15.79 -31.74
C LEU C 80 -37.40 14.96 -30.86
N ASN C 81 -37.51 15.16 -29.55
CA ASN C 81 -36.69 14.45 -28.60
C ASN C 81 -36.65 12.97 -28.90
N LYS C 82 -37.82 12.41 -29.16
CA LYS C 82 -37.97 10.99 -29.44
C LYS C 82 -37.20 10.54 -30.72
N ARG C 83 -36.42 11.44 -31.31
CA ARG C 83 -35.67 11.11 -32.51
C ARG C 83 -34.21 11.57 -32.42
N THR C 84 -33.98 12.70 -31.78
CA THR C 84 -32.63 13.26 -31.61
C THR C 84 -31.70 12.31 -30.84
N GLN C 85 -30.51 12.09 -31.40
CA GLN C 85 -29.49 11.23 -30.79
C GLN C 85 -29.42 11.45 -29.27
N ASP C 86 -28.70 10.57 -28.59
CA ASP C 86 -28.50 10.74 -27.15
C ASP C 86 -27.20 11.50 -26.94
N PHE C 87 -26.91 11.82 -25.70
CA PHE C 87 -25.71 12.53 -25.39
C PHE C 87 -24.98 11.80 -24.31
N TRP C 88 -24.20 12.56 -23.57
CA TRP C 88 -23.51 12.10 -22.38
C TRP C 88 -23.58 13.30 -21.50
N GLU C 89 -24.63 13.39 -20.72
CA GLU C 89 -24.91 14.59 -19.97
C GLU C 89 -23.73 15.35 -19.34
N VAL C 90 -22.57 14.71 -19.21
CA VAL C 90 -21.40 15.39 -18.68
C VAL C 90 -21.67 15.92 -17.26
N GLN C 91 -22.18 15.06 -16.40
CA GLN C 91 -22.48 15.45 -15.03
C GLN C 91 -22.32 14.29 -14.04
N LEU C 92 -21.50 14.49 -13.02
CA LEU C 92 -21.33 13.48 -11.98
C LEU C 92 -22.15 13.89 -10.72
N GLY C 93 -23.09 14.81 -10.92
CA GLY C 93 -23.94 15.22 -9.80
C GLY C 93 -23.88 16.69 -9.43
N ILE C 94 -24.83 17.14 -8.62
CA ILE C 94 -24.88 18.54 -8.16
C ILE C 94 -23.86 18.74 -7.05
N PRO C 95 -23.44 19.99 -6.84
CA PRO C 95 -22.45 20.32 -5.82
C PRO C 95 -23.06 20.30 -4.43
N HIS C 96 -22.21 20.49 -3.42
CA HIS C 96 -22.68 20.55 -2.03
C HIS C 96 -21.88 21.58 -1.27
N PRO C 97 -22.57 22.43 -0.48
CA PRO C 97 -21.94 23.48 0.33
C PRO C 97 -20.82 22.93 1.16
N ALA C 98 -21.09 21.81 1.84
CA ALA C 98 -20.11 21.14 2.67
C ALA C 98 -18.79 20.95 1.95
N GLY C 99 -18.84 20.90 0.62
CA GLY C 99 -17.61 20.74 -0.16
C GLY C 99 -16.91 22.06 -0.36
N LEU C 100 -17.70 23.12 -0.50
CA LEU C 100 -17.16 24.45 -0.68
C LEU C 100 -16.36 24.87 0.54
N LYS C 101 -15.28 25.59 0.30
CA LYS C 101 -14.41 26.05 1.36
C LYS C 101 -14.64 27.55 1.66
N LYS C 102 -14.03 28.04 2.72
CA LYS C 102 -14.21 29.44 3.13
C LYS C 102 -13.22 30.40 2.48
N LYS C 103 -13.75 31.48 1.93
CA LYS C 103 -12.94 32.51 1.29
C LYS C 103 -13.23 33.84 1.98
N LYS C 104 -12.51 34.89 1.58
CA LYS C 104 -12.72 36.22 2.16
C LYS C 104 -13.97 36.90 1.54
N SER C 105 -14.01 36.92 0.20
CA SER C 105 -15.14 37.52 -0.51
C SER C 105 -15.78 36.51 -1.50
N VAL C 106 -17.09 36.58 -1.64
CA VAL C 106 -17.83 35.67 -2.50
C VAL C 106 -18.88 36.45 -3.29
N THR C 107 -19.35 35.87 -4.38
CA THR C 107 -20.41 36.48 -5.18
C THR C 107 -21.21 35.38 -5.86
N VAL C 108 -22.33 35.75 -6.45
CA VAL C 108 -23.14 34.81 -7.20
C VAL C 108 -23.77 35.46 -8.40
N LEU C 109 -23.16 35.23 -9.56
CA LEU C 109 -23.63 35.80 -10.81
C LEU C 109 -24.54 34.84 -11.51
N ASP C 110 -25.32 35.36 -12.43
CA ASP C 110 -26.23 34.54 -13.21
C ASP C 110 -26.33 35.10 -14.61
N VAL C 111 -26.40 34.22 -15.59
CA VAL C 111 -26.54 34.64 -16.96
C VAL C 111 -27.98 34.49 -17.36
N GLY C 112 -28.51 35.51 -18.02
CA GLY C 112 -29.87 35.45 -18.45
C GLY C 112 -29.96 35.03 -19.91
N ASP C 113 -31.05 34.36 -20.25
CA ASP C 113 -31.27 33.91 -21.63
C ASP C 113 -30.31 32.80 -22.02
N ALA C 114 -29.62 32.23 -21.03
CA ALA C 114 -28.62 31.18 -21.28
C ALA C 114 -28.93 30.33 -22.51
N TYR C 115 -29.99 29.52 -22.41
CA TYR C 115 -30.38 28.67 -23.51
C TYR C 115 -30.61 29.49 -24.81
N PHE C 116 -31.19 30.66 -24.67
CA PHE C 116 -31.45 31.53 -25.83
C PHE C 116 -30.24 32.36 -26.19
N SER C 117 -29.06 31.88 -25.83
CA SER C 117 -27.86 32.57 -26.14
C SER C 117 -26.90 31.72 -26.96
N VAL C 118 -26.88 30.43 -26.69
CA VAL C 118 -26.03 29.53 -27.46
C VAL C 118 -26.78 29.05 -28.69
N PRO C 119 -26.14 29.13 -29.85
CA PRO C 119 -26.75 28.71 -31.10
C PRO C 119 -26.76 27.21 -31.30
N LEU C 120 -27.77 26.75 -32.03
CA LEU C 120 -27.93 25.36 -32.35
C LEU C 120 -27.27 25.03 -33.68
N ASP C 121 -26.84 23.78 -33.82
CA ASP C 121 -26.26 23.31 -35.05
C ASP C 121 -27.13 23.78 -36.21
N GLU C 122 -26.64 24.77 -36.98
CA GLU C 122 -27.39 25.26 -38.14
C GLU C 122 -27.88 24.07 -39.02
N ASP C 123 -27.08 23.01 -39.06
CA ASP C 123 -27.41 21.82 -39.83
C ASP C 123 -28.67 21.11 -39.26
N PHE C 124 -28.80 21.14 -37.94
CA PHE C 124 -29.93 20.49 -37.28
C PHE C 124 -31.16 21.41 -37.20
N ARG C 125 -30.93 22.73 -37.18
CA ARG C 125 -32.02 23.73 -37.08
C ARG C 125 -33.30 23.36 -37.79
N LYS C 126 -33.19 22.95 -39.04
CA LYS C 126 -34.35 22.61 -39.85
C LYS C 126 -35.35 21.65 -39.14
N TYR C 127 -34.88 20.98 -38.10
CA TYR C 127 -35.72 20.05 -37.36
C TYR C 127 -36.61 20.75 -36.32
N THR C 128 -36.11 21.79 -35.68
CA THR C 128 -36.90 22.48 -34.63
C THR C 128 -38.12 23.18 -35.23
N ALA C 129 -38.04 23.45 -36.53
CA ALA C 129 -39.10 24.14 -37.26
C ALA C 129 -40.50 23.95 -36.70
N PHE C 130 -41.24 25.04 -36.62
CA PHE C 130 -42.58 24.99 -36.16
C PHE C 130 -43.47 25.91 -36.96
N THR C 131 -44.77 25.85 -36.70
CA THR C 131 -45.72 26.67 -37.39
C THR C 131 -46.61 27.38 -36.39
N ILE C 132 -46.90 28.64 -36.62
CA ILE C 132 -47.79 29.37 -35.75
C ILE C 132 -49.13 29.50 -36.43
N PRO C 133 -50.09 28.65 -36.05
CA PRO C 133 -51.45 28.65 -36.62
C PRO C 133 -51.94 30.03 -36.93
N SER C 134 -52.69 30.15 -38.02
CA SER C 134 -53.16 31.45 -38.46
C SER C 134 -54.60 31.74 -38.10
N ILE C 135 -54.94 33.03 -38.08
CA ILE C 135 -56.32 33.46 -37.85
C ILE C 135 -57.03 33.30 -39.21
N ASN C 136 -58.19 32.65 -39.20
CA ASN C 136 -58.94 32.38 -40.44
C ASN C 136 -58.74 33.38 -41.63
N ASN C 137 -58.42 34.64 -41.32
CA ASN C 137 -58.23 35.68 -42.35
C ASN C 137 -57.24 35.30 -43.50
N GLU C 138 -55.98 35.02 -43.14
CA GLU C 138 -54.95 34.70 -44.13
C GLU C 138 -54.85 33.20 -44.29
N THR C 139 -55.03 32.74 -45.52
CA THR C 139 -55.00 31.30 -45.82
C THR C 139 -53.77 30.55 -45.23
N PRO C 140 -52.56 30.88 -45.70
CA PRO C 140 -51.36 30.20 -45.17
C PRO C 140 -50.84 30.88 -43.93
N GLY C 141 -50.21 30.10 -43.05
CA GLY C 141 -49.67 30.63 -41.81
C GLY C 141 -48.17 30.87 -41.89
N ILE C 142 -47.63 31.47 -40.85
CA ILE C 142 -46.20 31.80 -40.81
C ILE C 142 -45.32 30.60 -40.40
N ARG C 143 -44.13 30.50 -40.98
CA ARG C 143 -43.20 29.41 -40.69
C ARG C 143 -41.91 29.92 -40.03
N TYR C 144 -41.50 29.24 -38.95
CA TYR C 144 -40.30 29.65 -38.20
C TYR C 144 -39.46 28.46 -37.77
N GLN C 145 -38.18 28.71 -37.52
CA GLN C 145 -37.27 27.69 -37.01
C GLN C 145 -36.35 28.30 -35.96
N TYR C 146 -35.93 27.50 -35.01
CA TYR C 146 -35.07 27.98 -33.97
C TYR C 146 -33.70 28.18 -34.53
N ASN C 147 -33.06 29.26 -34.11
CA ASN C 147 -31.70 29.52 -34.51
C ASN C 147 -30.85 29.39 -33.27
N VAL C 148 -31.53 29.23 -32.14
CA VAL C 148 -30.87 29.09 -30.85
C VAL C 148 -31.20 27.75 -30.22
N LEU C 149 -30.88 27.61 -28.94
CA LEU C 149 -31.15 26.39 -28.18
C LEU C 149 -32.54 26.41 -27.55
N PRO C 150 -33.49 25.68 -28.15
CA PRO C 150 -34.87 25.59 -27.65
C PRO C 150 -34.98 24.79 -26.33
N GLN C 151 -35.85 25.23 -25.44
CA GLN C 151 -36.04 24.55 -24.16
C GLN C 151 -37.01 23.37 -24.39
N GLY C 152 -36.88 22.33 -23.57
CA GLY C 152 -37.73 21.17 -23.74
C GLY C 152 -37.17 20.21 -24.76
N TRP C 153 -35.90 20.42 -25.09
CA TRP C 153 -35.18 19.57 -26.05
C TRP C 153 -33.96 18.97 -25.32
N LYS C 154 -33.86 17.63 -25.33
CA LYS C 154 -32.80 16.92 -24.64
C LYS C 154 -31.43 17.51 -24.89
N GLY C 155 -31.22 18.01 -26.11
CA GLY C 155 -29.94 18.56 -26.45
C GLY C 155 -29.53 19.74 -25.62
N SER C 156 -30.38 20.74 -25.57
CA SER C 156 -30.07 21.99 -24.91
C SER C 156 -29.18 21.88 -23.66
N PRO C 157 -29.63 21.12 -22.64
CA PRO C 157 -28.91 20.90 -21.38
C PRO C 157 -27.39 20.74 -21.52
N ALA C 158 -26.97 19.57 -22.01
CA ALA C 158 -25.55 19.28 -22.16
C ALA C 158 -24.79 20.33 -23.03
N ILE C 159 -25.44 20.81 -24.08
CA ILE C 159 -24.81 21.79 -24.95
C ILE C 159 -24.42 23.04 -24.16
N PHE C 160 -25.41 23.77 -23.63
CA PHE C 160 -25.13 25.00 -22.91
C PHE C 160 -24.09 24.78 -21.83
N GLN C 161 -24.04 23.57 -21.29
CA GLN C 161 -23.06 23.23 -20.27
C GLN C 161 -21.67 23.29 -20.86
N SER C 162 -21.36 22.38 -21.77
CA SER C 162 -20.06 22.36 -22.38
C SER C 162 -19.69 23.80 -22.79
N SER C 163 -20.61 24.44 -23.50
CA SER C 163 -20.41 25.79 -23.96
C SER C 163 -19.98 26.69 -22.83
N MET C 164 -20.80 26.75 -21.79
CA MET C 164 -20.51 27.58 -20.62
C MET C 164 -19.09 27.38 -20.15
N THR C 165 -18.69 26.11 -20.01
CA THR C 165 -17.37 25.78 -19.55
C THR C 165 -16.30 26.38 -20.44
N LYS C 166 -16.34 26.02 -21.74
CA LYS C 166 -15.34 26.52 -22.71
C LYS C 166 -15.13 28.01 -22.64
N ILE C 167 -16.21 28.75 -22.43
CA ILE C 167 -16.12 30.20 -22.29
C ILE C 167 -15.33 30.58 -21.04
N LEU C 168 -15.66 29.96 -19.93
CA LEU C 168 -14.98 30.27 -18.69
C LEU C 168 -13.53 29.79 -18.66
N GLU C 169 -13.28 28.62 -19.23
CA GLU C 169 -11.96 28.01 -19.23
C GLU C 169 -10.80 29.00 -19.34
N PRO C 170 -10.78 29.79 -20.42
CA PRO C 170 -9.68 30.75 -20.54
C PRO C 170 -9.57 31.59 -19.28
N PHE C 171 -10.62 32.33 -18.96
CA PHE C 171 -10.65 33.19 -17.78
C PHE C 171 -10.00 32.46 -16.61
N LYS C 172 -10.49 31.26 -16.34
CA LYS C 172 -9.98 30.44 -15.23
C LYS C 172 -8.48 30.17 -15.31
N LYS C 173 -8.00 29.80 -16.50
CA LYS C 173 -6.57 29.52 -16.69
C LYS C 173 -5.66 30.78 -16.51
N GLN C 174 -6.23 31.96 -16.72
CA GLN C 174 -5.47 33.20 -16.58
C GLN C 174 -5.46 33.78 -15.16
N ASN C 175 -6.17 33.14 -14.24
CA ASN C 175 -6.19 33.60 -12.85
C ASN C 175 -6.75 32.53 -11.90
N PRO C 176 -5.96 31.47 -11.66
CA PRO C 176 -6.31 30.35 -10.79
C PRO C 176 -6.26 30.71 -9.31
N ASP C 177 -7.02 31.71 -8.93
CA ASP C 177 -7.13 32.11 -7.53
C ASP C 177 -8.57 32.44 -7.23
N ILE C 178 -9.38 32.55 -8.27
CA ILE C 178 -10.80 32.78 -8.12
C ILE C 178 -11.51 31.46 -8.37
N VAL C 179 -12.18 30.95 -7.34
CA VAL C 179 -12.88 29.68 -7.46
C VAL C 179 -14.23 29.88 -8.08
N ILE C 180 -14.50 29.14 -9.17
CA ILE C 180 -15.78 29.24 -9.86
C ILE C 180 -16.49 27.90 -10.00
N TYR C 181 -17.68 27.80 -9.39
CA TYR C 181 -18.53 26.59 -9.49
C TYR C 181 -19.62 26.90 -10.49
N GLN C 182 -19.55 26.29 -11.66
CA GLN C 182 -20.52 26.57 -12.69
C GLN C 182 -21.60 25.52 -12.73
N TYR C 183 -22.81 25.91 -12.36
CA TYR C 183 -23.93 24.99 -12.41
C TYR C 183 -25.01 25.52 -13.33
N MET C 184 -25.23 24.81 -14.43
CA MET C 184 -26.21 25.24 -15.41
C MET C 184 -25.90 26.68 -15.84
N ASP C 185 -26.71 27.64 -15.40
CA ASP C 185 -26.45 29.03 -15.73
C ASP C 185 -26.22 29.88 -14.48
N ASP C 186 -25.91 29.20 -13.39
CA ASP C 186 -25.61 29.86 -12.12
C ASP C 186 -24.08 29.82 -11.88
N LEU C 187 -23.47 30.97 -11.65
CA LEU C 187 -22.03 31.06 -11.43
C LEU C 187 -21.68 31.49 -10.01
N TYR C 188 -21.29 30.53 -9.18
CA TYR C 188 -20.86 30.84 -7.82
C TYR C 188 -19.36 31.14 -7.85
N VAL C 189 -18.95 32.24 -7.24
CA VAL C 189 -17.53 32.60 -7.23
C VAL C 189 -17.01 33.03 -5.87
N GLY C 190 -15.77 32.64 -5.59
CA GLY C 190 -15.12 33.01 -4.34
C GLY C 190 -13.62 33.19 -4.56
N SER C 191 -12.97 33.97 -3.71
CA SER C 191 -11.53 34.21 -3.83
C SER C 191 -11.01 35.04 -2.67
N ASP C 192 -9.90 34.62 -2.08
CA ASP C 192 -9.33 35.34 -0.94
C ASP C 192 -8.75 36.70 -1.33
N LEU C 193 -9.63 37.68 -1.46
CA LEU C 193 -9.23 39.03 -1.82
C LEU C 193 -10.17 40.04 -1.17
N GLU C 194 -9.67 41.25 -0.92
CA GLU C 194 -10.49 42.30 -0.36
C GLU C 194 -11.65 42.56 -1.29
N ILE C 195 -12.84 42.80 -0.74
CA ILE C 195 -14.03 43.04 -1.55
C ILE C 195 -13.70 43.88 -2.78
N GLY C 196 -12.83 44.85 -2.61
CA GLY C 196 -12.42 45.69 -3.72
C GLY C 196 -11.81 44.87 -4.84
N GLN C 197 -10.69 44.22 -4.55
CA GLN C 197 -10.01 43.40 -5.55
C GLN C 197 -11.00 42.39 -6.14
N HIS C 198 -11.87 41.87 -5.28
CA HIS C 198 -12.87 40.90 -5.72
C HIS C 198 -13.77 41.52 -6.77
N ARG C 199 -14.38 42.65 -6.43
CA ARG C 199 -15.28 43.34 -7.36
C ARG C 199 -14.64 43.44 -8.73
N THR C 200 -13.38 43.89 -8.76
CA THR C 200 -12.66 44.01 -9.99
C THR C 200 -12.77 42.72 -10.77
N LYS C 201 -12.31 41.62 -10.17
CA LYS C 201 -12.37 40.33 -10.82
C LYS C 201 -13.79 39.99 -11.28
N ILE C 202 -14.76 40.16 -10.41
CA ILE C 202 -16.15 39.87 -10.74
C ILE C 202 -16.59 40.62 -12.00
N GLU C 203 -16.13 41.87 -12.12
CA GLU C 203 -16.45 42.67 -13.28
C GLU C 203 -15.72 42.20 -14.52
N GLU C 204 -14.39 42.11 -14.43
CA GLU C 204 -13.54 41.62 -15.52
C GLU C 204 -14.20 40.35 -16.09
N LEU C 205 -14.76 39.55 -15.19
CA LEU C 205 -15.49 38.35 -15.55
C LEU C 205 -16.71 38.73 -16.39
N ARG C 206 -17.64 39.48 -15.78
CA ARG C 206 -18.87 39.90 -16.47
C ARG C 206 -18.57 40.36 -17.88
N GLN C 207 -17.51 41.14 -18.02
CA GLN C 207 -17.10 41.66 -19.32
C GLN C 207 -16.74 40.53 -20.28
N HIS C 208 -15.99 39.55 -19.80
CA HIS C 208 -15.63 38.40 -20.63
C HIS C 208 -16.88 37.60 -20.98
N LEU C 209 -17.69 37.30 -19.96
CA LEU C 209 -18.92 36.56 -20.14
C LEU C 209 -19.78 37.20 -21.23
N LEU C 210 -20.20 38.44 -20.99
CA LEU C 210 -21.06 39.17 -21.92
C LEU C 210 -20.49 39.24 -23.33
N ARG C 211 -19.19 39.56 -23.42
CA ARG C 211 -18.53 39.62 -24.72
C ARG C 211 -18.82 38.33 -25.49
N TRP C 212 -18.77 37.19 -24.79
CA TRP C 212 -19.04 35.89 -25.42
C TRP C 212 -20.52 35.64 -25.62
N GLY C 213 -21.35 36.54 -25.14
CA GLY C 213 -22.78 36.41 -25.35
C GLY C 213 -23.58 36.20 -24.09
N LEU C 214 -22.92 35.81 -23.03
CA LEU C 214 -23.59 35.58 -21.78
C LEU C 214 -23.69 36.87 -20.95
N THR C 215 -24.88 37.43 -20.88
CA THR C 215 -25.13 38.64 -20.10
C THR C 215 -24.79 38.43 -18.63
N THR C 216 -25.20 39.36 -17.79
CA THR C 216 -24.99 39.25 -16.35
C THR C 216 -25.95 40.15 -15.60
N PRO C 217 -27.24 39.80 -15.60
CA PRO C 217 -28.28 40.57 -14.92
C PRO C 217 -27.84 41.05 -13.54
N ASP C 218 -28.42 42.16 -13.09
CA ASP C 218 -28.07 42.73 -11.79
C ASP C 218 -28.54 41.86 -10.63
N LYS C 219 -29.15 40.72 -10.96
CA LYS C 219 -29.60 39.76 -9.95
C LYS C 219 -28.40 39.21 -9.20
N LYS C 220 -27.20 39.54 -9.70
CA LYS C 220 -25.97 39.15 -9.07
C LYS C 220 -26.02 39.45 -7.58
N HIS C 221 -25.90 38.41 -6.77
CA HIS C 221 -25.93 38.58 -5.33
C HIS C 221 -24.74 39.42 -4.87
N GLN C 222 -25.05 40.54 -4.23
CA GLN C 222 -24.01 41.45 -3.71
C GLN C 222 -23.85 41.29 -2.20
N LYS C 223 -24.99 41.17 -1.50
CA LYS C 223 -25.01 41.01 -0.05
C LYS C 223 -24.05 39.92 0.40
N GLU C 224 -22.96 40.34 1.03
CA GLU C 224 -21.93 39.42 1.47
C GLU C 224 -22.42 38.32 2.42
N PRO C 225 -23.01 38.70 3.55
CA PRO C 225 -23.47 37.70 4.51
C PRO C 225 -24.38 36.60 3.93
N PRO C 226 -25.32 36.95 3.04
CA PRO C 226 -26.14 35.84 2.56
C PRO C 226 -26.17 35.69 1.03
N PHE C 227 -26.04 34.45 0.57
CA PHE C 227 -26.11 34.15 -0.84
C PHE C 227 -27.11 33.02 -1.07
N LEU C 228 -28.02 33.23 -2.01
CA LEU C 228 -28.98 32.21 -2.39
C LEU C 228 -28.41 31.44 -3.57
N TRP C 229 -27.90 30.24 -3.31
CA TRP C 229 -27.23 29.45 -4.34
C TRP C 229 -27.59 27.97 -4.26
N MET C 230 -28.07 27.42 -5.37
CA MET C 230 -28.48 26.01 -5.43
C MET C 230 -29.48 25.69 -4.33
N GLY C 231 -30.21 26.71 -3.89
CA GLY C 231 -31.21 26.51 -2.85
C GLY C 231 -30.66 26.70 -1.44
N TYR C 232 -29.36 26.47 -1.26
CA TYR C 232 -28.75 26.61 0.05
C TYR C 232 -28.49 28.06 0.41
N GLU C 233 -28.46 28.35 1.70
CA GLU C 233 -28.20 29.68 2.20
C GLU C 233 -26.75 29.77 2.64
N LEU C 234 -25.95 30.50 1.89
CA LEU C 234 -24.52 30.67 2.20
C LEU C 234 -24.26 31.89 3.06
N HIS C 235 -23.70 31.66 4.25
CA HIS C 235 -23.38 32.75 5.18
C HIS C 235 -21.87 32.95 5.28
N PRO C 236 -21.43 33.96 6.06
CA PRO C 236 -20.00 34.20 6.20
C PRO C 236 -19.29 33.07 6.96
N ASP C 237 -20.07 32.14 7.54
CA ASP C 237 -19.49 31.05 8.32
C ASP C 237 -20.40 29.81 8.51
N LYS C 238 -21.57 29.79 7.86
CA LYS C 238 -22.48 28.64 7.96
C LYS C 238 -23.48 28.62 6.82
N TRP C 239 -24.07 27.46 6.58
CA TRP C 239 -25.06 27.32 5.52
C TRP C 239 -26.31 26.63 6.02
N THR C 240 -27.42 26.86 5.32
CA THR C 240 -28.71 26.30 5.71
C THR C 240 -29.67 26.19 4.51
N VAL C 241 -30.92 25.82 4.79
CA VAL C 241 -31.95 25.71 3.77
C VAL C 241 -33.31 25.99 4.39
N GLN C 242 -33.54 27.26 4.72
CA GLN C 242 -34.77 27.70 5.40
C GLN C 242 -36.11 27.25 4.79
N PRO C 243 -36.17 27.08 3.46
CA PRO C 243 -37.44 26.66 2.83
C PRO C 243 -37.87 25.20 3.15
N ILE C 244 -37.79 24.82 4.42
CA ILE C 244 -38.20 23.49 4.85
C ILE C 244 -39.65 23.52 5.29
N VAL C 245 -40.51 24.15 4.48
CA VAL C 245 -41.94 24.25 4.80
C VAL C 245 -42.67 22.94 4.45
N LEU C 246 -43.34 22.36 5.44
CA LEU C 246 -44.05 21.10 5.25
C LEU C 246 -45.55 21.30 5.18
N PRO C 247 -46.27 20.21 4.86
CA PRO C 247 -47.73 20.25 4.77
C PRO C 247 -48.37 19.28 5.80
N GLU C 248 -48.49 19.75 7.04
CA GLU C 248 -49.02 18.94 8.14
C GLU C 248 -50.39 18.33 7.86
N LYS C 249 -51.35 19.17 7.50
CA LYS C 249 -52.72 18.71 7.27
C LYS C 249 -52.88 17.80 6.07
N ASP C 250 -52.35 18.22 4.93
CA ASP C 250 -52.49 17.47 3.69
C ASP C 250 -51.90 16.06 3.73
N SER C 251 -51.00 15.81 4.69
CA SER C 251 -50.31 14.51 4.81
C SER C 251 -51.21 13.25 5.00
N TRP C 252 -52.45 13.32 4.51
CA TRP C 252 -53.38 12.19 4.61
C TRP C 252 -53.33 11.22 3.39
N THR C 253 -53.28 11.77 2.18
CA THR C 253 -53.30 10.95 0.95
C THR C 253 -51.98 10.24 0.64
N VAL C 254 -52.08 9.12 -0.06
CA VAL C 254 -50.90 8.33 -0.43
C VAL C 254 -49.83 9.17 -1.13
N ASN C 255 -50.26 9.91 -2.13
CA ASN C 255 -49.34 10.76 -2.88
C ASN C 255 -48.68 11.77 -1.96
N ASP C 256 -49.42 12.20 -0.93
CA ASP C 256 -48.88 13.14 0.05
C ASP C 256 -47.86 12.46 0.96
N ILE C 257 -48.10 11.19 1.26
CA ILE C 257 -47.16 10.40 2.04
C ILE C 257 -45.80 10.55 1.37
N GLN C 258 -45.75 10.22 0.09
CA GLN C 258 -44.52 10.35 -0.68
C GLN C 258 -43.91 11.74 -0.50
N LYS C 259 -44.75 12.78 -0.55
CA LYS C 259 -44.31 14.16 -0.35
C LYS C 259 -43.42 14.32 0.88
N LEU C 260 -44.01 14.16 2.05
CA LEU C 260 -43.28 14.32 3.30
C LEU C 260 -42.02 13.49 3.31
N VAL C 261 -42.17 12.19 3.00
CA VAL C 261 -41.02 11.28 2.96
C VAL C 261 -39.85 11.94 2.25
N GLY C 262 -40.09 12.35 1.02
CA GLY C 262 -39.07 13.02 0.25
C GLY C 262 -38.53 14.21 1.03
N LYS C 263 -39.40 15.17 1.32
CA LYS C 263 -38.99 16.37 2.04
C LYS C 263 -38.03 16.04 3.18
N LEU C 264 -38.42 15.09 4.02
CA LEU C 264 -37.59 14.68 5.14
C LEU C 264 -36.20 14.27 4.68
N ASN C 265 -36.12 13.25 3.81
CA ASN C 265 -34.86 12.75 3.29
C ASN C 265 -33.91 13.91 3.01
N TRP C 266 -34.41 14.90 2.28
CA TRP C 266 -33.60 16.09 1.96
C TRP C 266 -33.15 16.77 3.26
N ALA C 267 -34.12 17.11 4.10
CA ALA C 267 -33.83 17.77 5.38
C ALA C 267 -32.62 17.14 6.09
N SER C 268 -32.46 15.82 5.92
CA SER C 268 -31.36 15.07 6.53
C SER C 268 -29.97 15.74 6.37
N GLN C 269 -29.83 16.56 5.33
CA GLN C 269 -28.57 17.27 5.05
C GLN C 269 -27.87 17.81 6.31
N ILE C 270 -28.64 18.44 7.20
CA ILE C 270 -28.09 18.95 8.46
C ILE C 270 -28.93 18.54 9.67
N TYR C 271 -30.20 18.23 9.42
CA TYR C 271 -31.07 17.75 10.47
C TYR C 271 -30.66 16.31 10.78
N PRO C 272 -30.11 16.08 11.98
CA PRO C 272 -29.65 14.78 12.46
C PRO C 272 -30.57 13.59 12.17
N GLY C 273 -30.16 12.44 12.69
CA GLY C 273 -30.86 11.19 12.45
C GLY C 273 -32.37 11.20 12.47
N ILE C 274 -32.96 10.76 11.35
CA ILE C 274 -34.41 10.66 11.22
C ILE C 274 -34.75 9.34 10.57
N LYS C 275 -35.72 8.65 11.14
CA LYS C 275 -36.16 7.38 10.61
C LYS C 275 -37.41 7.59 9.75
N VAL C 276 -37.21 8.05 8.52
CA VAL C 276 -38.33 8.30 7.63
C VAL C 276 -39.22 7.08 7.50
N ARG C 277 -38.61 5.88 7.67
CA ARG C 277 -39.33 4.62 7.55
C ARG C 277 -40.71 4.66 8.20
N GLN C 278 -40.84 5.50 9.22
CA GLN C 278 -42.10 5.67 9.89
C GLN C 278 -43.20 5.83 8.84
N LEU C 279 -43.05 6.87 8.03
CA LEU C 279 -44.03 7.15 6.99
C LEU C 279 -43.84 6.25 5.78
N SER C 280 -42.58 5.90 5.48
CA SER C 280 -42.26 5.04 4.34
C SER C 280 -43.08 3.74 4.32
N LYS C 281 -43.17 3.07 5.47
CA LYS C 281 -43.93 1.81 5.57
C LYS C 281 -45.39 2.00 5.18
N LEU C 282 -45.90 3.22 5.39
CA LEU C 282 -47.27 3.56 5.02
C LEU C 282 -47.39 3.56 3.51
N LEU C 283 -46.41 4.20 2.85
CA LEU C 283 -46.39 4.26 1.39
C LEU C 283 -46.29 2.84 0.79
N ARG C 284 -45.55 1.96 1.46
CA ARG C 284 -45.37 0.56 1.00
C ARG C 284 -46.70 -0.20 0.96
N GLY C 285 -46.82 -1.12 0.02
CA GLY C 285 -48.03 -1.89 -0.11
C GLY C 285 -49.11 -1.12 -0.84
N THR C 286 -49.26 0.16 -0.50
CA THR C 286 -50.26 1.00 -1.13
C THR C 286 -50.08 1.01 -2.63
N LYS C 287 -51.20 1.05 -3.37
CA LYS C 287 -51.17 1.02 -4.82
C LYS C 287 -52.07 2.10 -5.42
N ALA C 288 -53.25 2.26 -4.83
CA ALA C 288 -54.20 3.26 -5.29
C ALA C 288 -53.64 4.66 -5.04
N LEU C 289 -53.00 5.23 -6.08
CA LEU C 289 -52.42 6.57 -5.98
C LEU C 289 -53.50 7.64 -5.90
N THR C 290 -54.21 7.67 -4.78
CA THR C 290 -55.28 8.63 -4.57
C THR C 290 -55.78 8.61 -3.11
N GLU C 291 -56.41 7.50 -2.72
CA GLU C 291 -56.97 7.33 -1.37
C GLU C 291 -55.97 7.59 -0.24
N VAL C 292 -56.45 7.55 1.00
CA VAL C 292 -55.62 7.83 2.16
C VAL C 292 -55.26 6.57 2.96
N ILE C 293 -54.25 6.70 3.81
CA ILE C 293 -53.82 5.59 4.66
C ILE C 293 -53.95 5.96 6.13
N PRO C 294 -54.63 5.12 6.90
CA PRO C 294 -54.88 5.37 8.32
C PRO C 294 -53.64 5.17 9.22
N LEU C 295 -52.67 4.40 8.72
CA LEU C 295 -51.46 4.11 9.48
C LEU C 295 -50.88 5.35 10.16
N THR C 296 -51.31 6.52 9.70
CA THR C 296 -50.85 7.81 10.26
C THR C 296 -50.75 7.79 11.79
N GLU C 297 -51.51 6.91 12.43
CA GLU C 297 -51.49 6.79 13.89
C GLU C 297 -50.07 6.56 14.45
N GLU C 298 -49.34 5.62 13.85
CA GLU C 298 -47.98 5.30 14.28
C GLU C 298 -47.07 6.52 14.09
N ALA C 299 -47.24 7.20 12.96
CA ALA C 299 -46.48 8.40 12.67
C ALA C 299 -46.69 9.40 13.79
N GLU C 300 -47.95 9.56 14.20
CA GLU C 300 -48.31 10.47 15.30
C GLU C 300 -47.31 10.35 16.43
N LEU C 301 -46.73 9.16 16.57
CA LEU C 301 -45.73 8.90 17.58
C LEU C 301 -44.34 9.08 17.00
N GLU C 302 -44.09 8.41 15.88
CA GLU C 302 -42.79 8.48 15.21
C GLU C 302 -42.54 9.84 14.59
N LEU C 303 -43.25 10.14 13.50
CA LEU C 303 -43.11 11.42 12.79
C LEU C 303 -43.01 12.58 13.78
N ALA C 304 -43.73 12.46 14.89
CA ALA C 304 -43.71 13.47 15.94
C ALA C 304 -42.29 13.96 16.22
N GLU C 305 -41.37 13.02 16.38
CA GLU C 305 -39.99 13.34 16.65
C GLU C 305 -39.36 14.07 15.47
N ASN C 306 -39.52 13.50 14.27
CA ASN C 306 -38.97 14.10 13.06
C ASN C 306 -39.39 15.57 12.99
N ARG C 307 -40.67 15.83 13.24
CA ARG C 307 -41.21 17.18 13.21
C ARG C 307 -40.40 18.07 14.15
N GLU C 308 -40.25 17.63 15.39
CA GLU C 308 -39.48 18.38 16.37
C GLU C 308 -38.11 18.71 15.78
N ILE C 309 -37.46 17.69 15.23
CA ILE C 309 -36.14 17.85 14.63
C ILE C 309 -36.17 18.90 13.52
N LEU C 310 -37.15 18.78 12.64
CA LEU C 310 -37.31 19.73 11.54
C LEU C 310 -37.56 21.13 12.09
N LYS C 311 -38.06 21.18 13.33
CA LYS C 311 -38.31 22.45 14.02
C LYS C 311 -36.99 23.02 14.58
N GLU C 312 -36.18 22.14 15.14
CA GLU C 312 -34.87 22.52 15.67
C GLU C 312 -33.99 23.13 14.56
N PRO C 313 -33.65 24.42 14.67
CA PRO C 313 -32.81 25.11 13.67
C PRO C 313 -31.38 24.55 13.64
N VAL C 314 -31.02 23.97 12.51
CA VAL C 314 -29.68 23.38 12.35
C VAL C 314 -28.97 23.96 11.14
N HIS C 315 -27.66 23.77 11.10
CA HIS C 315 -26.85 24.27 10.01
C HIS C 315 -25.48 23.61 10.01
N GLY C 316 -24.84 23.64 8.84
CA GLY C 316 -23.51 23.03 8.71
C GLY C 316 -22.45 24.05 8.38
N VAL C 317 -21.22 23.76 8.77
CA VAL C 317 -20.11 24.66 8.51
C VAL C 317 -19.47 24.33 7.16
N TYR C 318 -18.42 25.06 6.81
CA TYR C 318 -17.72 24.84 5.54
C TYR C 318 -16.59 23.84 5.73
N TYR C 319 -16.04 23.36 4.61
CA TYR C 319 -14.96 22.38 4.67
C TYR C 319 -13.61 23.05 4.70
N ASP C 320 -12.67 22.44 5.40
CA ASP C 320 -11.31 22.96 5.45
C ASP C 320 -10.26 21.86 5.36
N PRO C 321 -9.25 22.07 4.52
CA PRO C 321 -8.13 21.17 4.25
C PRO C 321 -7.22 20.85 5.44
N SER C 322 -6.81 21.87 6.18
CA SER C 322 -5.88 21.65 7.29
C SER C 322 -6.36 20.58 8.27
N LYS C 323 -7.68 20.50 8.47
CA LYS C 323 -8.24 19.49 9.36
C LYS C 323 -8.56 18.18 8.63
N ASP C 324 -9.30 17.32 9.29
CA ASP C 324 -9.62 16.02 8.71
C ASP C 324 -11.12 15.78 8.72
N LEU C 325 -11.54 14.79 7.92
CA LEU C 325 -12.95 14.42 7.85
C LEU C 325 -13.20 13.23 8.77
N ILE C 326 -14.30 13.28 9.52
CA ILE C 326 -14.64 12.21 10.43
C ILE C 326 -16.14 11.94 10.39
N ALA C 327 -16.50 10.66 10.26
CA ALA C 327 -17.90 10.28 10.20
C ALA C 327 -18.25 9.22 11.25
N GLU C 328 -19.33 9.46 12.01
CA GLU C 328 -19.79 8.52 13.04
C GLU C 328 -21.24 8.05 12.80
N ILE C 329 -21.50 6.79 13.09
CA ILE C 329 -22.81 6.19 12.86
C ILE C 329 -23.64 5.96 14.13
N GLN C 330 -24.95 5.91 13.96
CA GLN C 330 -25.87 5.71 15.05
C GLN C 330 -26.84 4.59 14.66
N LYS C 331 -27.51 4.00 15.65
CA LYS C 331 -28.46 2.91 15.40
C LYS C 331 -29.85 3.20 16.00
N GLN C 332 -30.83 3.44 15.12
CA GLN C 332 -32.18 3.76 15.58
C GLN C 332 -33.19 2.62 15.39
N GLY C 333 -33.78 2.54 14.18
CA GLY C 333 -34.77 1.50 13.90
C GLY C 333 -34.13 0.21 13.40
N GLN C 334 -34.94 -0.86 13.28
CA GLN C 334 -34.45 -2.16 12.82
C GLN C 334 -34.01 -2.09 11.36
N GLY C 335 -32.93 -1.36 11.11
CA GLY C 335 -32.46 -1.16 9.76
C GLY C 335 -32.55 0.29 9.38
N GLN C 336 -32.31 1.16 10.37
CA GLN C 336 -32.32 2.60 10.15
C GLN C 336 -31.07 3.18 10.82
N TRP C 337 -30.04 3.44 10.02
CA TRP C 337 -28.78 3.96 10.52
C TRP C 337 -28.61 5.41 10.19
N THR C 338 -27.73 6.07 10.92
CA THR C 338 -27.48 7.47 10.70
C THR C 338 -26.04 7.86 11.01
N TYR C 339 -25.42 8.59 10.10
CA TYR C 339 -24.04 9.01 10.24
C TYR C 339 -23.96 10.51 10.14
N GLN C 340 -23.08 11.09 10.94
CA GLN C 340 -22.84 12.51 10.90
C GLN C 340 -21.38 12.70 10.53
N ILE C 341 -21.12 13.58 9.55
CA ILE C 341 -19.77 13.84 9.11
C ILE C 341 -19.36 15.22 9.55
N TYR C 342 -18.30 15.30 10.34
CA TYR C 342 -17.80 16.57 10.85
C TYR C 342 -16.28 16.58 10.87
N GLN C 343 -15.72 17.73 11.26
CA GLN C 343 -14.28 17.89 11.37
C GLN C 343 -13.94 18.25 12.80
N GLU C 344 -14.77 19.12 13.39
CA GLU C 344 -14.60 19.51 14.77
C GLU C 344 -15.85 19.20 15.56
N PRO C 345 -15.72 18.34 16.57
CA PRO C 345 -16.78 17.88 17.47
C PRO C 345 -18.20 18.36 17.13
N PHE C 346 -18.59 19.51 17.69
CA PHE C 346 -19.94 20.04 17.51
C PHE C 346 -20.18 20.64 16.11
N LYS C 347 -19.12 21.12 15.48
CA LYS C 347 -19.19 21.72 14.15
C LYS C 347 -19.53 20.67 13.10
N ASN C 348 -20.82 20.44 12.91
CA ASN C 348 -21.29 19.45 11.96
C ASN C 348 -21.17 19.92 10.52
N LEU C 349 -20.78 19.02 9.63
CA LEU C 349 -20.66 19.34 8.22
C LEU C 349 -21.92 18.94 7.48
N LYS C 350 -22.04 17.64 7.21
CA LYS C 350 -23.19 17.11 6.49
C LYS C 350 -23.69 15.82 7.18
N THR C 351 -25.00 15.60 7.15
CA THR C 351 -25.59 14.43 7.82
C THR C 351 -26.57 13.65 6.93
N GLY C 352 -26.64 12.35 7.14
CA GLY C 352 -27.52 11.51 6.36
C GLY C 352 -27.71 10.15 6.99
N LYS C 353 -28.50 9.30 6.34
CA LYS C 353 -28.80 7.97 6.88
C LYS C 353 -28.63 6.81 5.89
N TYR C 354 -28.70 5.59 6.42
CA TYR C 354 -28.58 4.37 5.63
C TYR C 354 -29.71 3.44 6.07
N ALA C 355 -30.35 2.74 5.12
CA ALA C 355 -31.47 1.85 5.48
C ALA C 355 -31.81 0.82 4.40
N ARG C 356 -30.90 -0.12 4.15
CA ARG C 356 -31.12 -1.13 3.11
C ARG C 356 -30.67 -2.51 3.52
N MET C 357 -31.52 -3.49 3.24
CA MET C 357 -31.18 -4.88 3.51
C MET C 357 -30.57 -5.49 2.24
N ARG C 358 -29.25 -5.38 2.10
CA ARG C 358 -28.56 -5.90 0.93
C ARG C 358 -29.27 -7.13 0.41
N GLY C 359 -29.60 -8.05 1.32
CA GLY C 359 -30.28 -9.27 0.93
C GLY C 359 -31.42 -9.65 1.86
N ALA C 360 -31.98 -10.83 1.62
CA ALA C 360 -33.08 -11.34 2.43
C ALA C 360 -32.58 -11.79 3.80
N HIS C 361 -31.29 -11.99 3.93
CA HIS C 361 -30.72 -12.43 5.18
C HIS C 361 -29.43 -11.70 5.51
N THR C 362 -29.54 -10.58 6.22
CA THR C 362 -28.37 -9.80 6.60
C THR C 362 -28.28 -9.76 8.11
N ASN C 363 -27.28 -9.06 8.62
CA ASN C 363 -27.10 -8.95 10.05
C ASN C 363 -26.46 -7.62 10.41
N ASP C 364 -26.65 -7.19 11.64
CA ASP C 364 -26.11 -5.91 12.12
C ASP C 364 -24.72 -5.54 11.55
N VAL C 365 -23.74 -6.41 11.72
CA VAL C 365 -22.37 -6.14 11.23
C VAL C 365 -22.36 -5.85 9.74
N LYS C 366 -23.12 -6.63 8.98
CA LYS C 366 -23.24 -6.43 7.55
C LYS C 366 -23.76 -5.04 7.26
N GLN C 367 -24.85 -4.68 7.91
CA GLN C 367 -25.45 -3.36 7.71
C GLN C 367 -24.43 -2.24 7.94
N LEU C 368 -23.77 -2.22 9.10
CA LEU C 368 -22.75 -1.22 9.40
C LEU C 368 -21.75 -1.15 8.25
N THR C 369 -21.21 -2.29 7.88
CA THR C 369 -20.27 -2.37 6.78
C THR C 369 -20.85 -1.64 5.57
N GLU C 370 -22.06 -2.02 5.17
CA GLU C 370 -22.76 -1.40 4.05
C GLU C 370 -22.75 0.13 4.18
N ALA C 371 -23.21 0.62 5.32
CA ALA C 371 -23.25 2.06 5.56
C ALA C 371 -21.86 2.71 5.43
N VAL C 372 -20.90 2.19 6.19
CA VAL C 372 -19.53 2.73 6.16
C VAL C 372 -19.06 2.94 4.74
N GLN C 373 -19.17 1.91 3.91
CA GLN C 373 -18.79 2.00 2.51
C GLN C 373 -19.62 3.09 1.84
N LYS C 374 -20.94 3.03 2.04
CA LYS C 374 -21.85 4.02 1.49
C LYS C 374 -21.27 5.39 1.72
N ILE C 375 -20.97 5.68 2.99
CA ILE C 375 -20.37 6.94 3.38
C ILE C 375 -19.07 7.18 2.61
N THR C 376 -18.25 6.14 2.53
CA THR C 376 -16.99 6.20 1.79
C THR C 376 -17.19 6.86 0.40
N THR C 377 -17.94 6.20 -0.48
CA THR C 377 -18.17 6.72 -1.83
C THR C 377 -18.65 8.17 -1.82
N GLU C 378 -19.63 8.46 -0.99
CA GLU C 378 -20.16 9.82 -0.88
C GLU C 378 -19.05 10.82 -0.59
N SER C 379 -18.26 10.55 0.44
CA SER C 379 -17.18 11.44 0.81
C SER C 379 -16.16 11.58 -0.29
N ILE C 380 -15.79 10.46 -0.90
CA ILE C 380 -14.83 10.48 -2.00
C ILE C 380 -15.27 11.50 -3.06
N VAL C 381 -16.52 11.92 -2.99
CA VAL C 381 -17.06 12.88 -3.94
C VAL C 381 -17.09 14.30 -3.37
N ILE C 382 -17.85 14.50 -2.31
CA ILE C 382 -18.03 15.82 -1.70
C ILE C 382 -16.69 16.49 -1.34
N TRP C 383 -15.67 15.68 -1.08
CA TRP C 383 -14.34 16.20 -0.73
C TRP C 383 -13.23 15.45 -1.42
N GLY C 384 -13.55 14.28 -1.95
CA GLY C 384 -12.56 13.50 -2.66
C GLY C 384 -11.55 12.86 -1.74
N LYS C 385 -12.00 12.40 -0.58
CA LYS C 385 -11.10 11.77 0.40
C LYS C 385 -11.85 10.90 1.43
N THR C 386 -11.27 9.74 1.74
CA THR C 386 -11.87 8.79 2.68
C THR C 386 -11.71 9.27 4.14
N PRO C 387 -12.85 9.66 4.78
CA PRO C 387 -12.86 10.13 6.17
C PRO C 387 -12.61 9.00 7.15
N LYS C 388 -12.33 9.37 8.40
CA LYS C 388 -12.10 8.40 9.45
C LYS C 388 -13.44 7.98 10.07
N PHE C 389 -13.55 6.70 10.47
CA PHE C 389 -14.81 6.18 11.01
C PHE C 389 -14.89 5.98 12.54
N LYS C 390 -15.97 6.46 13.12
CA LYS C 390 -16.26 6.24 14.53
C LYS C 390 -17.44 5.29 14.55
N LEU C 391 -17.16 4.00 14.39
CA LEU C 391 -18.21 3.00 14.32
C LEU C 391 -18.60 2.47 15.69
N PRO C 392 -19.91 2.42 15.96
CA PRO C 392 -20.44 1.94 17.23
C PRO C 392 -20.32 0.43 17.33
N ILE C 393 -19.11 -0.04 17.60
CA ILE C 393 -18.87 -1.47 17.74
C ILE C 393 -17.49 -1.66 18.34
N GLN C 394 -17.37 -2.67 19.20
CA GLN C 394 -16.09 -2.96 19.85
C GLN C 394 -15.17 -3.77 18.92
N LYS C 395 -13.87 -3.57 19.09
CA LYS C 395 -12.88 -4.23 18.26
C LYS C 395 -13.11 -5.74 18.15
N GLU C 396 -13.24 -6.41 19.29
CA GLU C 396 -13.41 -7.86 19.33
C GLU C 396 -14.52 -8.39 18.42
N THR C 397 -15.65 -7.68 18.38
CA THR C 397 -16.78 -8.09 17.55
C THR C 397 -16.37 -8.10 16.10
N TRP C 398 -15.99 -6.93 15.59
CA TRP C 398 -15.56 -6.78 14.21
C TRP C 398 -14.55 -7.88 13.88
N GLU C 399 -13.64 -8.12 14.82
CA GLU C 399 -12.60 -9.15 14.65
C GLU C 399 -13.19 -10.52 14.37
N THR C 400 -13.88 -11.08 15.35
CA THR C 400 -14.48 -12.39 15.21
C THR C 400 -15.39 -12.44 13.97
N TRP C 401 -16.18 -11.39 13.81
CA TRP C 401 -17.10 -11.30 12.70
C TRP C 401 -16.41 -11.62 11.37
N TRP C 402 -15.47 -10.76 10.97
CA TRP C 402 -14.83 -10.92 9.69
C TRP C 402 -13.93 -12.17 9.52
N THR C 403 -13.25 -12.56 10.58
CA THR C 403 -12.39 -13.74 10.50
C THR C 403 -13.17 -14.98 10.06
N GLU C 404 -14.19 -15.34 10.84
CA GLU C 404 -15.02 -16.51 10.54
C GLU C 404 -15.61 -16.37 9.14
N TYR C 405 -16.19 -15.20 8.87
CA TYR C 405 -16.81 -14.92 7.59
C TYR C 405 -15.88 -15.28 6.44
N TRP C 406 -16.11 -16.45 5.84
CA TRP C 406 -15.30 -16.91 4.69
C TRP C 406 -15.68 -16.09 3.44
N GLN C 407 -15.50 -14.78 3.53
CA GLN C 407 -15.83 -13.88 2.42
C GLN C 407 -15.12 -12.53 2.60
N ALA C 408 -14.50 -12.05 1.53
CA ALA C 408 -13.73 -10.83 1.57
C ALA C 408 -14.52 -9.62 2.01
N THR C 409 -14.19 -9.08 3.16
CA THR C 409 -14.85 -7.91 3.67
C THR C 409 -13.88 -7.08 4.49
N TRP C 410 -13.96 -5.78 4.35
CA TRP C 410 -13.03 -4.88 5.02
C TRP C 410 -13.65 -3.51 5.26
N ILE C 411 -13.06 -2.79 6.21
CA ILE C 411 -13.48 -1.44 6.54
C ILE C 411 -12.22 -0.58 6.70
N PRO C 412 -12.25 0.67 6.23
CA PRO C 412 -11.11 1.59 6.32
C PRO C 412 -10.83 1.95 7.77
N GLU C 413 -9.84 2.81 7.99
CA GLU C 413 -9.43 3.21 9.35
C GLU C 413 -10.62 3.65 10.22
N TRP C 414 -10.96 2.81 11.20
CA TRP C 414 -12.07 3.08 12.09
C TRP C 414 -11.63 2.86 13.54
N GLU C 415 -12.23 3.63 14.44
CA GLU C 415 -11.95 3.51 15.87
C GLU C 415 -13.23 3.10 16.62
N PHE C 416 -13.07 2.59 17.83
CA PHE C 416 -14.21 2.11 18.62
C PHE C 416 -14.90 3.19 19.46
N VAL C 417 -16.18 3.38 19.19
CA VAL C 417 -17.00 4.31 19.94
C VAL C 417 -18.21 3.54 20.53
N ASN C 418 -18.67 3.96 21.70
CA ASN C 418 -19.78 3.28 22.37
C ASN C 418 -20.85 4.27 22.79
N THR C 419 -22.09 4.01 22.40
CA THR C 419 -23.17 4.89 22.77
C THR C 419 -24.57 4.30 22.51
N PRO C 420 -24.97 4.19 21.24
CA PRO C 420 -26.29 3.65 20.91
C PRO C 420 -26.34 2.12 21.03
N PRO C 421 -27.46 1.49 20.61
CA PRO C 421 -27.60 0.03 20.67
C PRO C 421 -26.39 -0.64 20.02
N LEU C 422 -25.35 -0.83 20.82
CA LEU C 422 -24.09 -1.42 20.37
C LEU C 422 -24.25 -2.57 19.36
N VAL C 423 -23.79 -2.36 18.15
CA VAL C 423 -23.88 -3.37 17.11
C VAL C 423 -23.01 -4.56 17.47
N LYS C 424 -23.61 -5.73 17.50
CA LYS C 424 -22.87 -6.96 17.78
C LYS C 424 -23.63 -8.17 17.27
N LEU C 425 -22.93 -9.29 17.11
CA LEU C 425 -23.55 -10.52 16.64
C LEU C 425 -24.24 -11.21 17.81
N TRP C 426 -25.41 -11.78 17.54
CA TRP C 426 -26.15 -12.47 18.59
C TRP C 426 -25.55 -13.83 18.88
N TYR C 427 -25.99 -14.82 18.13
CA TYR C 427 -25.55 -16.18 18.34
C TYR C 427 -24.24 -16.50 17.65
N GLN C 428 -23.69 -17.65 17.98
CA GLN C 428 -22.44 -18.08 17.40
C GLN C 428 -22.38 -19.59 17.37
N LEU C 429 -22.33 -20.16 16.18
CA LEU C 429 -22.23 -21.60 16.03
C LEU C 429 -20.95 -22.06 16.72
N GLU C 430 -20.96 -23.29 17.23
CA GLU C 430 -19.79 -23.84 17.90
C GLU C 430 -18.83 -24.45 16.91
N LYS C 431 -17.54 -24.28 17.18
CA LYS C 431 -16.49 -24.79 16.31
C LYS C 431 -16.58 -26.31 16.20
N GLU C 432 -16.30 -27.00 17.29
CA GLU C 432 -16.37 -28.43 17.33
C GLU C 432 -17.63 -28.88 18.06
N PRO C 433 -18.17 -30.06 17.70
CA PRO C 433 -19.38 -30.58 18.33
C PRO C 433 -19.19 -30.80 19.82
N ILE C 434 -20.16 -30.37 20.60
CA ILE C 434 -20.09 -30.52 22.04
C ILE C 434 -20.51 -31.91 22.49
N VAL C 435 -19.61 -32.60 23.17
CA VAL C 435 -19.90 -33.91 23.69
C VAL C 435 -20.75 -33.75 24.93
N GLY C 436 -21.82 -34.54 25.02
CA GLY C 436 -22.70 -34.46 26.17
C GLY C 436 -23.99 -33.74 25.86
N ALA C 437 -24.34 -33.72 24.58
CA ALA C 437 -25.56 -33.10 24.12
C ALA C 437 -26.20 -34.03 23.12
N GLU C 438 -27.47 -33.83 22.85
CA GLU C 438 -28.15 -34.67 21.90
C GLU C 438 -27.74 -34.31 20.47
N THR C 439 -27.76 -35.29 19.57
CA THR C 439 -27.38 -35.06 18.19
C THR C 439 -28.53 -35.38 17.21
N PHE C 440 -29.43 -34.40 17.04
CA PHE C 440 -30.59 -34.54 16.19
C PHE C 440 -30.26 -34.66 14.73
N TYR C 441 -30.74 -35.72 14.11
CA TYR C 441 -30.57 -35.93 12.68
C TYR C 441 -31.83 -35.35 12.04
N VAL C 442 -31.76 -34.11 11.60
CA VAL C 442 -32.92 -33.44 11.03
C VAL C 442 -33.08 -33.70 9.54
N ASP C 443 -34.32 -33.56 9.05
CA ASP C 443 -34.61 -33.73 7.62
C ASP C 443 -35.98 -33.16 7.24
N GLY C 444 -36.17 -32.96 5.96
CA GLY C 444 -37.44 -32.45 5.46
C GLY C 444 -37.58 -32.82 4.00
N ALA C 445 -38.78 -32.64 3.46
CA ALA C 445 -39.04 -32.95 2.04
C ALA C 445 -40.50 -32.77 1.68
N ALA C 446 -40.76 -32.57 0.40
CA ALA C 446 -42.12 -32.41 -0.11
C ALA C 446 -42.15 -32.63 -1.62
N ASN C 447 -43.36 -32.70 -2.17
CA ASN C 447 -43.52 -32.92 -3.60
C ASN C 447 -44.00 -31.66 -4.34
N ARG C 448 -43.26 -31.30 -5.39
CA ARG C 448 -43.55 -30.10 -6.19
C ARG C 448 -45.03 -29.88 -6.48
N GLU C 449 -45.73 -30.94 -6.85
CA GLU C 449 -47.13 -30.84 -7.19
C GLU C 449 -48.06 -30.94 -5.98
N THR C 450 -47.67 -31.73 -4.99
CA THR C 450 -48.52 -31.95 -3.81
C THR C 450 -48.95 -30.67 -3.11
N LYS C 451 -48.08 -29.66 -3.13
CA LYS C 451 -48.37 -28.40 -2.47
C LYS C 451 -48.31 -28.53 -0.94
N LEU C 452 -47.84 -29.71 -0.49
CA LEU C 452 -47.68 -29.98 0.95
C LEU C 452 -46.53 -30.96 1.13
N GLY C 453 -45.98 -30.99 2.34
CA GLY C 453 -44.87 -31.87 2.63
C GLY C 453 -44.71 -32.09 4.11
N LYS C 454 -43.58 -32.65 4.51
CA LYS C 454 -43.33 -32.93 5.93
C LYS C 454 -41.96 -32.48 6.40
N ALA C 455 -41.82 -32.38 7.72
CA ALA C 455 -40.57 -31.99 8.37
C ALA C 455 -40.44 -32.75 9.68
N GLY C 456 -39.30 -33.37 9.93
CA GLY C 456 -39.13 -34.12 11.14
C GLY C 456 -37.71 -34.54 11.39
N TYR C 457 -37.50 -35.47 12.30
CA TYR C 457 -36.16 -35.91 12.63
C TYR C 457 -36.11 -37.12 13.55
N VAL C 458 -34.87 -37.51 13.88
CA VAL C 458 -34.59 -38.62 14.78
C VAL C 458 -33.42 -38.19 15.66
N THR C 459 -33.20 -38.88 16.77
CA THR C 459 -32.08 -38.56 17.66
C THR C 459 -31.19 -39.80 17.86
N ASN C 460 -29.94 -39.57 18.24
CA ASN C 460 -28.99 -40.67 18.49
C ASN C 460 -29.52 -41.61 19.55
N LYS C 461 -30.49 -41.13 20.33
CA LYS C 461 -31.09 -41.91 21.39
C LYS C 461 -32.42 -42.54 20.94
N GLY C 462 -32.58 -42.71 19.64
CA GLY C 462 -33.77 -43.36 19.12
C GLY C 462 -34.99 -42.48 18.95
N ARG C 463 -35.10 -41.41 19.75
CA ARG C 463 -36.26 -40.50 19.66
C ARG C 463 -36.56 -40.10 18.23
N GLN C 464 -37.84 -39.84 17.95
CA GLN C 464 -38.26 -39.47 16.61
C GLN C 464 -39.39 -38.43 16.66
N LYS C 465 -39.69 -37.85 15.50
CA LYS C 465 -40.80 -36.90 15.34
C LYS C 465 -41.02 -36.61 13.87
N VAL C 466 -42.25 -36.27 13.50
CA VAL C 466 -42.58 -35.96 12.11
C VAL C 466 -43.87 -35.15 12.05
N VAL C 467 -43.81 -34.00 11.40
CA VAL C 467 -44.98 -33.14 11.27
C VAL C 467 -45.20 -32.71 9.82
N PRO C 468 -46.45 -32.71 9.37
CA PRO C 468 -46.77 -32.31 7.99
C PRO C 468 -47.09 -30.80 7.92
N LEU C 469 -46.80 -30.20 6.79
CA LEU C 469 -47.03 -28.78 6.56
C LEU C 469 -47.49 -28.55 5.13
N THR C 470 -48.19 -27.43 4.91
CA THR C 470 -48.70 -27.10 3.58
C THR C 470 -48.27 -25.69 3.16
N ASN C 471 -48.14 -25.47 1.85
CA ASN C 471 -47.74 -24.17 1.29
C ASN C 471 -46.23 -23.98 1.26
N THR C 472 -45.48 -25.07 1.37
CA THR C 472 -44.03 -24.97 1.34
C THR C 472 -43.48 -25.68 0.13
N THR C 473 -42.16 -25.82 0.08
CA THR C 473 -41.49 -26.48 -1.01
C THR C 473 -40.30 -27.25 -0.48
N ASN C 474 -39.74 -28.13 -1.31
CA ASN C 474 -38.58 -28.94 -0.90
C ASN C 474 -37.58 -28.15 -0.05
N GLN C 475 -37.05 -27.07 -0.61
CA GLN C 475 -36.09 -26.23 0.10
C GLN C 475 -36.69 -25.67 1.41
N LYS C 476 -37.91 -25.15 1.33
CA LYS C 476 -38.59 -24.60 2.50
C LYS C 476 -38.60 -25.59 3.65
N THR C 477 -38.99 -26.83 3.36
CA THR C 477 -39.09 -27.87 4.39
C THR C 477 -37.78 -28.03 5.20
N GLU C 478 -36.67 -28.27 4.50
CA GLU C 478 -35.38 -28.46 5.17
C GLU C 478 -35.09 -27.34 6.17
N LEU C 479 -35.27 -26.10 5.75
CA LEU C 479 -35.04 -24.98 6.64
C LEU C 479 -35.96 -25.09 7.87
N GLN C 480 -37.20 -25.51 7.64
CA GLN C 480 -38.21 -25.69 8.71
C GLN C 480 -37.80 -26.79 9.69
N ALA C 481 -37.47 -27.95 9.14
CA ALA C 481 -37.03 -29.08 9.96
C ALA C 481 -36.04 -28.62 11.02
N ILE C 482 -35.15 -27.71 10.65
CA ILE C 482 -34.19 -27.17 11.60
C ILE C 482 -34.95 -26.65 12.83
N TYR C 483 -36.03 -25.90 12.58
CA TYR C 483 -36.82 -25.34 13.66
C TYR C 483 -37.30 -26.41 14.64
N LEU C 484 -37.92 -27.45 14.11
CA LEU C 484 -38.44 -28.54 14.94
C LEU C 484 -37.38 -28.97 15.97
N ALA C 485 -36.22 -29.40 15.48
CA ALA C 485 -35.13 -29.83 16.34
C ALA C 485 -34.78 -28.74 17.34
N LEU C 486 -34.70 -27.50 16.87
CA LEU C 486 -34.39 -26.37 17.75
C LEU C 486 -35.36 -26.32 18.92
N GLN C 487 -36.64 -26.12 18.61
CA GLN C 487 -37.67 -26.02 19.63
C GLN C 487 -37.59 -27.18 20.64
N ASP C 488 -37.36 -28.38 20.13
CA ASP C 488 -37.29 -29.58 20.97
C ASP C 488 -35.85 -29.90 21.40
N SER C 489 -35.00 -28.89 21.46
CA SER C 489 -33.62 -29.08 21.85
C SER C 489 -33.44 -28.83 23.32
N GLY C 490 -32.27 -29.20 23.84
CA GLY C 490 -31.98 -28.94 25.24
C GLY C 490 -31.23 -27.65 25.40
N LEU C 491 -30.29 -27.62 26.35
CA LEU C 491 -29.45 -26.44 26.58
C LEU C 491 -28.29 -26.42 25.57
N GLU C 492 -28.02 -27.59 24.98
CA GLU C 492 -26.95 -27.72 24.00
C GLU C 492 -27.35 -28.82 23.00
N VAL C 493 -26.98 -28.65 21.74
CA VAL C 493 -27.34 -29.63 20.70
C VAL C 493 -26.42 -29.64 19.48
N ASN C 494 -26.22 -30.83 18.91
CA ASN C 494 -25.41 -30.97 17.71
C ASN C 494 -26.31 -31.33 16.55
N ILE C 495 -27.00 -30.32 16.00
CA ILE C 495 -27.93 -30.52 14.89
C ILE C 495 -27.21 -30.90 13.60
N VAL C 496 -27.79 -31.85 12.87
CA VAL C 496 -27.22 -32.29 11.60
C VAL C 496 -28.26 -32.18 10.49
N THR C 497 -27.89 -31.52 9.38
CA THR C 497 -28.78 -31.33 8.23
C THR C 497 -28.11 -31.80 6.95
N ASP C 498 -28.92 -32.02 5.92
CA ASP C 498 -28.39 -32.44 4.63
C ASP C 498 -28.56 -31.36 3.57
N SER C 499 -29.55 -30.50 3.76
CA SER C 499 -29.78 -29.39 2.83
C SER C 499 -28.79 -28.28 3.10
N GLN C 500 -27.71 -28.26 2.32
CA GLN C 500 -26.70 -27.23 2.47
C GLN C 500 -27.34 -25.84 2.40
N TYR C 501 -28.47 -25.75 1.68
CA TYR C 501 -29.20 -24.50 1.54
C TYR C 501 -29.49 -23.95 2.92
N ALA C 502 -30.09 -24.79 3.76
CA ALA C 502 -30.42 -24.38 5.10
C ALA C 502 -29.16 -24.03 5.89
N LEU C 503 -28.10 -24.79 5.67
CA LEU C 503 -26.84 -24.58 6.38
C LEU C 503 -26.30 -23.19 6.17
N GLY C 504 -26.13 -22.82 4.90
CA GLY C 504 -25.62 -21.51 4.60
C GLY C 504 -26.40 -20.40 5.30
N ILE C 505 -27.70 -20.32 4.98
CA ILE C 505 -28.55 -19.28 5.53
C ILE C 505 -28.24 -19.01 7.00
N ILE C 506 -27.89 -20.08 7.72
CA ILE C 506 -27.55 -19.96 9.15
C ILE C 506 -26.12 -19.47 9.37
N GLN C 507 -25.15 -20.16 8.77
CA GLN C 507 -23.73 -19.80 8.92
C GLN C 507 -23.48 -18.30 8.79
N ALA C 508 -24.26 -17.66 7.91
CA ALA C 508 -24.14 -16.23 7.67
C ALA C 508 -24.16 -15.46 8.97
N GLN C 509 -24.83 -16.02 9.98
CA GLN C 509 -25.00 -15.38 11.28
C GLN C 509 -26.10 -14.31 11.24
N PRO C 510 -27.27 -14.65 10.67
CA PRO C 510 -28.43 -13.77 10.55
C PRO C 510 -28.82 -13.08 11.85
N ASP C 511 -29.25 -11.83 11.73
CA ASP C 511 -29.70 -11.09 12.88
C ASP C 511 -31.19 -10.91 12.79
N LYS C 512 -31.65 -10.63 11.57
CA LYS C 512 -33.08 -10.45 11.31
C LYS C 512 -33.36 -10.86 9.89
N SER C 513 -34.62 -10.81 9.49
CA SER C 513 -35.01 -11.19 8.14
C SER C 513 -36.48 -11.01 7.96
N GLU C 514 -36.90 -10.68 6.74
CA GLU C 514 -38.33 -10.54 6.48
C GLU C 514 -38.95 -11.92 6.43
N SER C 515 -38.11 -12.96 6.48
CA SER C 515 -38.59 -14.35 6.49
C SER C 515 -38.87 -14.79 7.93
N GLU C 516 -40.15 -14.91 8.28
CA GLU C 516 -40.56 -15.31 9.63
C GLU C 516 -39.94 -16.63 10.11
N LEU C 517 -39.86 -17.63 9.23
CA LEU C 517 -39.30 -18.92 9.60
C LEU C 517 -37.86 -18.79 10.10
N VAL C 518 -37.00 -18.22 9.25
CA VAL C 518 -35.60 -18.00 9.61
C VAL C 518 -35.50 -17.10 10.84
N ASN C 519 -36.36 -16.08 10.87
CA ASN C 519 -36.44 -15.16 12.00
C ASN C 519 -36.58 -15.97 13.29
N GLN C 520 -37.51 -16.93 13.28
CA GLN C 520 -37.72 -17.79 14.41
C GLN C 520 -36.40 -18.49 14.76
N ILE C 521 -35.88 -19.28 13.81
CA ILE C 521 -34.64 -20.01 14.02
C ILE C 521 -33.62 -19.13 14.73
N ILE C 522 -33.43 -17.93 14.21
CA ILE C 522 -32.51 -16.98 14.80
C ILE C 522 -32.85 -16.76 16.28
N GLU C 523 -34.03 -16.20 16.53
CA GLU C 523 -34.49 -15.92 17.90
C GLU C 523 -34.19 -17.07 18.87
N GLN C 524 -34.39 -18.30 18.41
CA GLN C 524 -34.13 -19.48 19.23
C GLN C 524 -32.61 -19.71 19.44
N LEU C 525 -31.88 -19.76 18.32
CA LEU C 525 -30.43 -19.93 18.38
C LEU C 525 -29.87 -19.00 19.40
N ILE C 526 -30.44 -17.80 19.46
CA ILE C 526 -30.05 -16.80 20.43
C ILE C 526 -30.07 -17.41 21.83
N LYS C 527 -31.26 -17.78 22.30
CA LYS C 527 -31.43 -18.35 23.64
C LYS C 527 -30.62 -19.63 23.89
N LYS C 528 -30.61 -20.52 22.91
CA LYS C 528 -29.90 -21.78 23.03
C LYS C 528 -28.41 -21.59 23.37
N GLU C 529 -28.01 -22.20 24.49
CA GLU C 529 -26.63 -22.10 25.01
C GLU C 529 -25.55 -22.46 23.99
N LYS C 530 -25.48 -23.74 23.62
CA LYS C 530 -24.49 -24.18 22.65
C LYS C 530 -25.16 -24.88 21.46
N VAL C 531 -24.87 -24.38 20.27
CA VAL C 531 -25.45 -24.94 19.06
C VAL C 531 -24.41 -25.25 18.00
N TYR C 532 -24.31 -26.50 17.62
CA TYR C 532 -23.36 -26.94 16.62
C TYR C 532 -24.12 -27.26 15.32
N LEU C 533 -23.39 -27.46 14.23
CA LEU C 533 -24.02 -27.73 12.92
C LEU C 533 -23.07 -28.37 11.90
N ALA C 534 -23.49 -29.48 11.31
CA ALA C 534 -22.69 -30.17 10.31
C ALA C 534 -23.52 -30.46 9.06
N TRP C 535 -22.84 -30.80 7.97
CA TRP C 535 -23.52 -31.10 6.71
C TRP C 535 -23.21 -32.51 6.23
N VAL C 536 -24.24 -33.22 5.78
CA VAL C 536 -24.08 -34.58 5.29
C VAL C 536 -24.82 -34.77 3.98
N PRO C 537 -24.22 -35.51 3.04
CA PRO C 537 -24.82 -35.80 1.73
C PRO C 537 -26.03 -36.76 1.84
N ALA C 538 -27.11 -36.42 1.16
CA ALA C 538 -28.37 -37.17 1.25
C ALA C 538 -28.45 -38.54 0.55
N HIS C 539 -27.87 -38.69 -0.64
CA HIS C 539 -28.05 -39.90 -1.46
C HIS C 539 -27.08 -40.98 -1.00
N LYS C 540 -26.14 -40.74 -0.13
CA LYS C 540 -25.20 -41.76 0.33
C LYS C 540 -25.75 -42.52 1.55
N GLY C 541 -26.59 -41.84 2.33
CA GLY C 541 -27.15 -42.46 3.51
C GLY C 541 -26.10 -42.67 4.58
N ILE C 542 -25.48 -41.57 5.02
CA ILE C 542 -24.45 -41.61 6.06
C ILE C 542 -25.09 -41.52 7.44
N GLY C 543 -24.69 -42.41 8.35
CA GLY C 543 -25.24 -42.39 9.69
C GLY C 543 -26.75 -42.38 9.67
N GLY C 544 -27.34 -41.72 10.66
CA GLY C 544 -28.79 -41.67 10.77
C GLY C 544 -29.53 -41.14 9.54
N ASN C 545 -28.79 -40.66 8.56
CA ASN C 545 -29.39 -40.13 7.32
C ASN C 545 -30.31 -41.18 6.68
N GLU C 546 -29.80 -42.40 6.52
CA GLU C 546 -30.58 -43.49 5.88
C GLU C 546 -31.88 -43.77 6.64
N GLN C 547 -31.84 -43.56 7.95
CA GLN C 547 -33.01 -43.78 8.80
C GLN C 547 -34.08 -42.73 8.54
N VAL C 548 -33.74 -41.46 8.78
CA VAL C 548 -34.69 -40.37 8.58
C VAL C 548 -35.31 -40.42 7.17
N ASP C 549 -34.50 -40.82 6.19
CA ASP C 549 -34.98 -40.96 4.80
C ASP C 549 -36.27 -41.77 4.80
N LYS C 550 -36.16 -43.04 5.17
CA LYS C 550 -37.31 -43.93 5.23
C LYS C 550 -38.38 -43.34 6.14
N LEU C 551 -37.93 -42.68 7.21
CA LEU C 551 -38.83 -42.06 8.19
C LEU C 551 -39.76 -40.99 7.57
N VAL C 552 -39.15 -40.03 6.88
CA VAL C 552 -39.91 -38.95 6.26
C VAL C 552 -40.72 -39.45 5.10
N SER C 553 -40.24 -40.51 4.47
CA SER C 553 -40.95 -41.09 3.36
C SER C 553 -40.75 -42.59 3.29
N ALA C 554 -41.85 -43.33 3.29
CA ALA C 554 -41.79 -44.78 3.12
C ALA C 554 -41.85 -45.02 1.61
N GLY C 555 -40.85 -44.48 0.91
CA GLY C 555 -40.86 -44.54 -0.54
C GLY C 555 -41.55 -43.28 -1.04
N ILE C 556 -42.44 -42.75 -0.18
CA ILE C 556 -43.18 -41.54 -0.45
C ILE C 556 -43.78 -41.06 0.89
N ARG C 557 -44.14 -39.79 0.96
CA ARG C 557 -44.73 -39.24 2.18
C ARG C 557 -46.22 -39.03 2.01
N LYS C 558 -46.94 -38.99 3.13
CA LYS C 558 -48.39 -38.80 3.12
C LYS C 558 -48.87 -38.54 4.53
N PRO D 1 2.36 14.85 -34.35
CA PRO D 1 3.20 14.37 -35.47
C PRO D 1 3.19 12.83 -35.54
N ILE D 2 2.00 12.26 -35.69
CA ILE D 2 1.85 10.82 -35.75
C ILE D 2 2.33 10.25 -37.08
N SER D 3 2.84 9.03 -37.04
CA SER D 3 3.37 8.34 -38.21
C SER D 3 2.51 8.49 -39.47
N PRO D 4 3.14 8.42 -40.65
CA PRO D 4 2.40 8.54 -41.89
C PRO D 4 1.80 7.18 -42.31
N ILE D 5 1.85 6.21 -41.40
CA ILE D 5 1.27 4.90 -41.68
C ILE D 5 -0.21 5.07 -41.95
N GLU D 6 -0.76 4.21 -42.79
CA GLU D 6 -2.17 4.30 -43.17
C GLU D 6 -3.10 3.88 -42.02
N THR D 7 -4.35 4.35 -42.08
CA THR D 7 -5.33 4.02 -41.06
C THR D 7 -5.95 2.62 -41.29
N VAL D 8 -5.58 1.68 -40.43
CA VAL D 8 -6.13 0.34 -40.52
C VAL D 8 -7.60 0.42 -40.15
N PRO D 9 -8.47 -0.18 -40.96
CA PRO D 9 -9.90 -0.17 -40.72
C PRO D 9 -10.27 -0.84 -39.39
N VAL D 10 -11.10 -0.16 -38.61
CA VAL D 10 -11.57 -0.69 -37.36
C VAL D 10 -13.05 -0.46 -37.25
N LYS D 11 -13.76 -1.56 -37.05
CA LYS D 11 -15.20 -1.57 -36.89
C LYS D 11 -15.52 -2.61 -35.84
N LEU D 12 -16.68 -2.51 -35.23
CA LEU D 12 -17.04 -3.44 -34.17
C LEU D 12 -18.02 -4.51 -34.58
N LYS D 13 -18.25 -5.44 -33.65
CA LYS D 13 -19.19 -6.52 -33.86
C LYS D 13 -20.58 -5.93 -34.18
N PRO D 14 -21.34 -6.60 -35.04
CA PRO D 14 -22.68 -6.14 -35.41
C PRO D 14 -23.60 -5.91 -34.20
N GLY D 15 -24.48 -4.93 -34.31
CA GLY D 15 -25.46 -4.67 -33.27
C GLY D 15 -24.88 -4.35 -31.91
N MET D 16 -23.70 -3.72 -31.89
CA MET D 16 -23.07 -3.31 -30.64
C MET D 16 -22.87 -1.79 -30.65
N ASP D 17 -23.59 -1.08 -29.79
CA ASP D 17 -23.49 0.38 -29.77
C ASP D 17 -22.27 0.87 -29.01
N GLY D 18 -21.26 0.03 -28.92
CA GLY D 18 -20.04 0.41 -28.25
C GLY D 18 -20.24 0.73 -26.78
N PRO D 19 -19.18 1.07 -26.07
CA PRO D 19 -19.23 1.38 -24.65
C PRO D 19 -19.99 2.62 -24.35
N LYS D 20 -20.70 2.59 -23.22
CA LYS D 20 -21.46 3.72 -22.72
C LYS D 20 -21.54 3.60 -21.21
N VAL D 21 -20.41 3.26 -20.58
CA VAL D 21 -20.32 3.09 -19.14
C VAL D 21 -20.12 4.43 -18.47
N LYS D 22 -20.67 4.59 -17.28
CA LYS D 22 -20.53 5.84 -16.52
C LYS D 22 -19.25 5.82 -15.68
N GLN D 23 -18.80 7.01 -15.28
CA GLN D 23 -17.57 7.15 -14.51
C GLN D 23 -17.79 7.09 -13.01
N TRP D 24 -16.94 6.35 -12.30
CA TRP D 24 -17.03 6.28 -10.84
C TRP D 24 -16.21 7.38 -10.18
N PRO D 25 -16.57 7.77 -8.95
CA PRO D 25 -15.87 8.82 -8.23
C PRO D 25 -14.40 8.51 -8.10
N LEU D 26 -13.58 9.55 -8.05
CA LEU D 26 -12.16 9.37 -7.90
C LEU D 26 -11.63 10.31 -6.86
N THR D 27 -10.59 9.87 -6.17
CA THR D 27 -9.97 10.68 -5.15
C THR D 27 -9.27 11.87 -5.77
N GLU D 28 -9.25 12.97 -5.03
CA GLU D 28 -8.55 14.17 -5.47
C GLU D 28 -7.14 13.77 -5.96
N GLU D 29 -6.51 12.90 -5.17
CA GLU D 29 -5.20 12.41 -5.48
C GLU D 29 -5.18 11.87 -6.92
N LYS D 30 -6.16 11.04 -7.25
CA LYS D 30 -6.24 10.46 -8.59
C LYS D 30 -6.56 11.50 -9.64
N ILE D 31 -7.48 12.42 -9.32
CA ILE D 31 -7.92 13.46 -10.26
C ILE D 31 -6.74 14.27 -10.77
N LYS D 32 -5.99 14.87 -9.85
CA LYS D 32 -4.86 15.69 -10.22
C LYS D 32 -4.04 14.97 -11.27
N ALA D 33 -3.58 13.78 -10.91
CA ALA D 33 -2.78 12.97 -11.82
C ALA D 33 -3.50 12.77 -13.16
N LEU D 34 -4.66 12.12 -13.10
CA LEU D 34 -5.47 11.87 -14.28
C LEU D 34 -5.67 13.14 -15.10
N VAL D 35 -5.41 14.29 -14.49
CA VAL D 35 -5.53 15.55 -15.18
C VAL D 35 -4.24 15.94 -15.89
N GLU D 36 -3.25 16.37 -15.11
CA GLU D 36 -1.97 16.82 -15.66
C GLU D 36 -1.48 15.88 -16.74
N ILE D 37 -1.75 14.60 -16.56
CA ILE D 37 -1.31 13.60 -17.48
C ILE D 37 -2.09 13.65 -18.82
N CYS D 38 -3.38 13.92 -18.74
CA CYS D 38 -4.22 13.94 -19.92
C CYS D 38 -4.16 15.27 -20.70
N THR D 39 -3.92 16.36 -19.99
CA THR D 39 -3.83 17.66 -20.62
C THR D 39 -2.64 17.72 -21.55
N GLU D 40 -1.50 17.21 -21.09
CA GLU D 40 -0.30 17.20 -21.90
C GLU D 40 -0.59 16.37 -23.14
N MET D 41 -1.42 15.35 -22.96
CA MET D 41 -1.80 14.50 -24.07
C MET D 41 -2.61 15.26 -25.10
N GLU D 42 -3.21 16.37 -24.66
CA GLU D 42 -3.98 17.21 -25.55
C GLU D 42 -3.01 17.95 -26.45
N LYS D 43 -2.05 18.61 -25.83
CA LYS D 43 -1.02 19.34 -26.57
C LYS D 43 -0.29 18.42 -27.56
N GLU D 44 0.12 17.25 -27.08
CA GLU D 44 0.82 16.30 -27.93
C GLU D 44 -0.06 15.83 -29.10
N GLY D 45 -1.37 15.97 -28.94
CA GLY D 45 -2.27 15.65 -30.03
C GLY D 45 -2.79 14.24 -30.09
N LYS D 46 -2.30 13.39 -29.20
CA LYS D 46 -2.75 12.02 -29.17
C LYS D 46 -4.20 11.94 -28.65
N ILE D 47 -4.70 13.07 -28.14
CA ILE D 47 -6.08 13.20 -27.65
C ILE D 47 -6.63 14.58 -28.06
N SER D 48 -7.93 14.65 -28.25
CA SER D 48 -8.60 15.91 -28.54
C SER D 48 -9.84 16.03 -27.66
N LYS D 49 -10.42 17.22 -27.58
CA LYS D 49 -11.61 17.39 -26.75
C LYS D 49 -12.87 17.13 -27.55
N ILE D 50 -13.93 16.72 -26.87
CA ILE D 50 -15.24 16.52 -27.52
C ILE D 50 -16.33 16.78 -26.51
N GLY D 51 -17.51 17.19 -26.99
CA GLY D 51 -18.61 17.48 -26.08
C GLY D 51 -19.72 16.43 -26.05
N PRO D 52 -20.89 16.79 -25.49
CA PRO D 52 -22.05 15.91 -25.36
C PRO D 52 -22.36 15.11 -26.61
N GLU D 53 -22.16 15.70 -27.79
CA GLU D 53 -22.49 15.01 -29.05
C GLU D 53 -22.05 13.52 -29.11
N ASN D 54 -20.99 13.16 -28.40
CA ASN D 54 -20.53 11.77 -28.34
C ASN D 54 -21.18 11.12 -27.15
N PRO D 55 -22.13 10.23 -27.39
CA PRO D 55 -22.88 9.53 -26.35
C PRO D 55 -22.17 8.33 -25.78
N TYR D 56 -20.94 8.10 -26.23
CA TYR D 56 -20.17 6.97 -25.74
C TYR D 56 -19.24 7.37 -24.61
N ASN D 57 -18.77 6.39 -23.87
CA ASN D 57 -17.94 6.71 -22.73
C ASN D 57 -17.33 5.47 -22.11
N THR D 58 -16.13 5.61 -21.61
CA THR D 58 -15.44 4.54 -20.92
C THR D 58 -14.75 5.19 -19.74
N PRO D 59 -14.52 4.43 -18.67
CA PRO D 59 -13.89 5.04 -17.48
C PRO D 59 -12.39 4.99 -17.38
N VAL D 60 -11.87 5.98 -16.66
CA VAL D 60 -10.44 6.13 -16.46
C VAL D 60 -10.16 6.36 -15.01
N PHE D 61 -9.02 5.89 -14.57
CA PHE D 61 -8.61 6.10 -13.18
C PHE D 61 -7.09 6.02 -13.12
N ALA D 62 -6.52 6.81 -12.21
CA ALA D 62 -5.10 6.86 -12.06
C ALA D 62 -4.68 5.90 -11.03
N ILE D 63 -3.56 5.23 -11.27
CA ILE D 63 -2.98 4.29 -10.33
C ILE D 63 -1.55 4.72 -10.10
N LYS D 64 -1.11 4.75 -8.84
CA LYS D 64 0.25 5.21 -8.54
C LYS D 64 1.27 4.10 -8.50
N LYS D 65 1.96 3.89 -9.61
CA LYS D 65 2.99 2.89 -9.70
C LYS D 65 4.22 3.36 -8.91
N LYS D 66 5.02 2.40 -8.42
CA LYS D 66 6.21 2.72 -7.64
C LYS D 66 7.42 2.76 -8.55
N ASP D 67 7.38 3.66 -9.53
CA ASP D 67 8.47 3.78 -10.51
C ASP D 67 8.85 5.24 -10.76
N SER D 68 10.05 5.43 -11.29
CA SER D 68 10.60 6.77 -11.50
C SER D 68 9.84 7.67 -12.46
N THR D 69 9.05 7.07 -13.34
CA THR D 69 8.28 7.86 -14.29
C THR D 69 7.25 8.77 -13.60
N LYS D 70 6.01 8.31 -13.54
CA LYS D 70 4.94 9.12 -12.98
C LYS D 70 3.72 8.25 -12.81
N TRP D 71 2.56 8.89 -12.57
CA TRP D 71 1.29 8.16 -12.44
C TRP D 71 1.01 7.46 -13.74
N ARG D 72 0.11 6.49 -13.70
CA ARG D 72 -0.29 5.80 -14.87
C ARG D 72 -1.74 6.03 -15.13
N LYS D 73 -2.06 6.31 -16.38
CA LYS D 73 -3.42 6.48 -16.81
C LYS D 73 -3.99 5.09 -17.17
N LEU D 74 -5.18 4.78 -16.65
CA LEU D 74 -5.87 3.53 -17.00
C LEU D 74 -7.30 3.81 -17.51
N VAL D 75 -7.56 3.44 -18.75
CA VAL D 75 -8.88 3.60 -19.32
C VAL D 75 -9.51 2.24 -19.42
N ASP D 76 -10.41 1.94 -18.49
CA ASP D 76 -11.08 0.67 -18.47
C ASP D 76 -11.83 0.44 -19.81
N PHE D 77 -11.28 -0.37 -20.68
CA PHE D 77 -11.92 -0.60 -22.00
C PHE D 77 -12.49 -2.01 -22.18
N ARG D 78 -12.65 -2.75 -21.08
CA ARG D 78 -13.15 -4.13 -21.15
C ARG D 78 -14.36 -4.25 -22.09
N GLU D 79 -15.27 -3.30 -21.98
CA GLU D 79 -16.43 -3.28 -22.85
C GLU D 79 -16.00 -3.14 -24.29
N LEU D 80 -15.49 -1.96 -24.65
CA LEU D 80 -15.05 -1.68 -26.03
C LEU D 80 -14.35 -2.88 -26.58
N ASN D 81 -13.61 -3.57 -25.73
CA ASN D 81 -12.93 -4.76 -26.14
C ASN D 81 -13.88 -5.77 -26.73
N LYS D 82 -14.76 -6.32 -25.90
CA LYS D 82 -15.72 -7.32 -26.37
C LYS D 82 -16.52 -6.80 -27.56
N ARG D 83 -16.82 -5.51 -27.55
CA ARG D 83 -17.57 -4.90 -28.63
C ARG D 83 -16.76 -4.87 -29.94
N THR D 84 -15.45 -4.67 -29.83
CA THR D 84 -14.59 -4.58 -31.01
C THR D 84 -14.51 -5.86 -31.82
N GLN D 85 -14.28 -5.69 -33.13
CA GLN D 85 -14.20 -6.81 -34.07
C GLN D 85 -13.17 -7.86 -33.70
N ASP D 86 -13.15 -8.93 -34.47
CA ASP D 86 -12.18 -9.96 -34.29
C ASP D 86 -10.98 -9.60 -35.12
N PHE D 87 -9.85 -9.36 -34.45
CA PHE D 87 -8.65 -8.98 -35.15
C PHE D 87 -7.67 -10.12 -35.37
N TRP D 88 -7.60 -10.57 -36.61
CA TRP D 88 -6.68 -11.62 -37.00
C TRP D 88 -5.25 -11.19 -36.72
N GLU D 89 -5.01 -9.88 -36.79
CA GLU D 89 -3.71 -9.31 -36.58
C GLU D 89 -3.05 -9.82 -35.31
N VAL D 90 -3.86 -10.25 -34.34
CA VAL D 90 -3.36 -10.83 -33.11
C VAL D 90 -3.46 -12.35 -33.20
N GLN D 91 -4.53 -12.83 -33.83
CA GLN D 91 -4.76 -14.26 -34.03
C GLN D 91 -3.50 -14.99 -34.52
N LEU D 92 -2.70 -14.30 -35.31
CA LEU D 92 -1.44 -14.85 -35.77
C LEU D 92 -0.30 -14.04 -35.17
N GLY D 93 -0.49 -12.72 -35.16
CA GLY D 93 0.56 -11.82 -34.72
C GLY D 93 0.98 -11.92 -33.27
N ILE D 94 0.30 -12.74 -32.50
CA ILE D 94 0.66 -12.87 -31.13
C ILE D 94 0.51 -14.30 -30.66
N PRO D 95 1.40 -15.18 -31.12
CA PRO D 95 1.39 -16.60 -30.76
C PRO D 95 2.17 -16.83 -29.46
N HIS D 96 1.55 -17.55 -28.52
CA HIS D 96 2.18 -17.79 -27.24
C HIS D 96 3.26 -18.87 -27.28
N PRO D 97 4.50 -18.50 -26.88
CA PRO D 97 5.63 -19.44 -26.87
C PRO D 97 5.66 -20.25 -25.56
N ALA D 98 5.54 -21.57 -25.69
CA ALA D 98 5.54 -22.45 -24.53
C ALA D 98 6.69 -22.19 -23.55
N GLY D 99 7.91 -22.25 -24.06
CA GLY D 99 9.10 -22.05 -23.22
C GLY D 99 9.08 -20.80 -22.33
N LEU D 100 8.11 -19.91 -22.55
CA LEU D 100 8.02 -18.69 -21.77
C LEU D 100 7.88 -18.96 -20.29
N LYS D 101 7.07 -19.97 -19.95
CA LYS D 101 6.82 -20.33 -18.56
C LYS D 101 8.01 -21.03 -17.96
N LYS D 102 8.73 -21.76 -18.79
CA LYS D 102 9.92 -22.49 -18.37
C LYS D 102 11.16 -21.59 -18.50
N LYS D 103 11.51 -20.93 -17.39
CA LYS D 103 12.63 -20.01 -17.35
C LYS D 103 12.94 -19.69 -15.89
N LYS D 104 14.15 -19.22 -15.62
CA LYS D 104 14.54 -18.93 -14.25
C LYS D 104 13.96 -17.62 -13.73
N SER D 105 13.48 -16.80 -14.65
CA SER D 105 12.90 -15.51 -14.31
C SER D 105 12.33 -14.86 -15.55
N VAL D 106 11.43 -13.90 -15.33
CA VAL D 106 10.83 -13.14 -16.42
C VAL D 106 10.51 -11.76 -15.90
N THR D 107 10.66 -10.77 -16.74
CA THR D 107 10.38 -9.42 -16.33
C THR D 107 9.25 -8.79 -17.10
N VAL D 108 8.62 -7.79 -16.48
CA VAL D 108 7.45 -7.14 -17.04
C VAL D 108 7.74 -5.71 -17.40
N LEU D 109 7.58 -5.39 -18.67
CA LEU D 109 7.80 -4.04 -19.18
C LEU D 109 6.49 -3.41 -19.62
N ASP D 110 6.27 -2.18 -19.20
CA ASP D 110 5.11 -1.44 -19.62
C ASP D 110 5.54 -0.65 -20.84
N VAL D 111 5.12 -1.10 -22.01
CA VAL D 111 5.54 -0.44 -23.22
C VAL D 111 4.39 0.22 -23.89
N GLY D 112 3.52 0.80 -23.10
CA GLY D 112 2.37 1.46 -23.64
C GLY D 112 2.64 2.59 -24.61
N ASP D 113 3.62 3.44 -24.28
CA ASP D 113 3.92 4.60 -25.13
C ASP D 113 3.99 4.24 -26.59
N ALA D 114 4.59 3.09 -26.89
CA ALA D 114 4.75 2.62 -28.27
C ALA D 114 3.50 2.82 -29.12
N TYR D 115 2.35 2.81 -28.49
CA TYR D 115 1.08 2.95 -29.18
C TYR D 115 0.70 4.36 -29.63
N PHE D 116 1.46 5.38 -29.18
CA PHE D 116 1.16 6.82 -29.56
C PHE D 116 1.76 7.18 -30.91
N SER D 117 2.79 6.45 -31.30
CA SER D 117 3.47 6.68 -32.56
C SER D 117 2.63 6.28 -33.75
N VAL D 118 1.50 5.63 -33.50
CA VAL D 118 0.62 5.25 -34.57
C VAL D 118 -0.75 5.86 -34.40
N PRO D 119 -1.35 6.27 -35.51
CA PRO D 119 -2.69 6.88 -35.49
C PRO D 119 -3.78 5.81 -35.42
N LEU D 120 -4.97 6.24 -35.00
CA LEU D 120 -6.14 5.34 -34.90
C LEU D 120 -7.17 5.68 -36.00
N ASP D 121 -8.02 4.71 -36.34
CA ASP D 121 -9.00 4.91 -37.39
C ASP D 121 -9.82 6.17 -37.15
N GLU D 122 -9.70 7.11 -38.08
CA GLU D 122 -10.40 8.40 -37.99
C GLU D 122 -11.91 8.24 -37.67
N ASP D 123 -12.51 7.19 -38.18
CA ASP D 123 -13.94 6.96 -38.01
C ASP D 123 -14.28 6.13 -36.80
N PHE D 124 -13.36 6.03 -35.85
CA PHE D 124 -13.58 5.15 -34.67
C PHE D 124 -13.32 5.83 -33.31
N ARG D 125 -12.62 6.95 -33.31
CA ARG D 125 -12.28 7.67 -32.07
C ARG D 125 -13.48 7.89 -31.13
N LYS D 126 -14.68 8.02 -31.68
CA LYS D 126 -15.85 8.24 -30.84
C LYS D 126 -16.07 7.11 -29.82
N TYR D 127 -15.35 5.99 -29.97
CA TYR D 127 -15.49 4.84 -29.06
C TYR D 127 -14.40 4.77 -27.99
N THR D 128 -13.60 5.80 -27.85
CA THR D 128 -12.53 5.77 -26.84
C THR D 128 -12.77 6.75 -25.69
N ALA D 129 -13.69 7.69 -25.91
CA ALA D 129 -13.98 8.78 -24.97
C ALA D 129 -14.16 8.43 -23.48
N PHE D 130 -13.50 9.24 -22.64
CA PHE D 130 -13.57 9.09 -21.20
C PHE D 130 -13.85 10.45 -20.58
N THR D 131 -14.24 10.47 -19.31
CA THR D 131 -14.56 11.73 -18.65
C THR D 131 -13.86 11.95 -17.31
N ILE D 132 -13.02 12.98 -17.26
CA ILE D 132 -12.36 13.33 -16.01
C ILE D 132 -13.33 14.17 -15.23
N PRO D 133 -13.53 13.82 -13.96
CA PRO D 133 -14.47 14.54 -13.09
C PRO D 133 -13.77 15.57 -12.24
N SER D 134 -14.44 16.02 -11.20
CA SER D 134 -13.85 16.98 -10.28
C SER D 134 -14.37 16.78 -8.87
N ILE D 135 -13.69 17.38 -7.90
CA ILE D 135 -14.13 17.27 -6.53
C ILE D 135 -15.37 18.09 -6.37
N ASN D 136 -16.32 17.56 -5.61
CA ASN D 136 -17.57 18.23 -5.32
C ASN D 136 -18.33 18.67 -6.57
N ASN D 137 -17.85 18.27 -7.74
CA ASN D 137 -18.48 18.68 -8.97
C ASN D 137 -18.42 20.20 -9.10
N GLU D 138 -17.21 20.76 -9.10
CA GLU D 138 -17.04 22.21 -9.26
C GLU D 138 -17.49 22.59 -10.66
N THR D 139 -17.08 21.81 -11.62
CA THR D 139 -17.45 22.04 -12.98
C THR D 139 -18.07 20.78 -13.46
N PRO D 140 -18.52 20.76 -14.74
CA PRO D 140 -19.13 19.55 -15.30
C PRO D 140 -18.04 18.54 -15.63
N GLY D 141 -18.33 17.62 -16.53
CA GLY D 141 -17.32 16.64 -16.91
C GLY D 141 -16.49 17.02 -18.13
N ILE D 142 -15.18 16.85 -18.04
CA ILE D 142 -14.27 17.11 -19.17
C ILE D 142 -13.98 15.79 -19.89
N ARG D 143 -14.46 15.68 -21.13
CA ARG D 143 -14.37 14.43 -21.90
C ARG D 143 -13.36 14.47 -23.05
N TYR D 144 -12.36 13.60 -22.99
CA TYR D 144 -11.35 13.53 -23.99
C TYR D 144 -11.59 12.34 -24.90
N GLN D 145 -11.06 12.42 -26.12
CA GLN D 145 -11.22 11.38 -27.13
C GLN D 145 -9.85 11.01 -27.72
N TYR D 146 -9.65 9.73 -28.00
CA TYR D 146 -8.35 9.28 -28.53
C TYR D 146 -8.19 9.50 -30.01
N ASN D 147 -6.96 9.79 -30.43
CA ASN D 147 -6.63 10.02 -31.84
C ASN D 147 -5.67 8.98 -32.31
N VAL D 148 -4.75 8.64 -31.41
CA VAL D 148 -3.79 7.61 -31.67
C VAL D 148 -4.33 6.35 -31.07
N LEU D 149 -3.58 5.27 -31.17
CA LEU D 149 -3.98 4.01 -30.57
C LEU D 149 -4.04 4.13 -29.03
N PRO D 150 -5.23 3.85 -28.43
CA PRO D 150 -5.42 3.94 -26.98
C PRO D 150 -4.74 2.81 -26.25
N GLN D 151 -4.13 3.13 -25.13
CA GLN D 151 -3.39 2.17 -24.34
C GLN D 151 -4.32 1.18 -23.68
N GLY D 152 -4.21 -0.07 -24.08
CA GLY D 152 -5.01 -1.10 -23.47
C GLY D 152 -6.26 -1.48 -24.21
N TRP D 153 -6.27 -1.26 -25.52
CA TRP D 153 -7.40 -1.65 -26.33
C TRP D 153 -7.01 -2.80 -27.21
N LYS D 154 -7.71 -3.92 -27.06
CA LYS D 154 -7.42 -5.17 -27.81
C LYS D 154 -6.91 -4.93 -29.26
N GLY D 155 -7.46 -3.92 -29.92
CA GLY D 155 -7.04 -3.59 -31.28
C GLY D 155 -5.59 -3.10 -31.35
N SER D 156 -5.24 -2.19 -30.45
CA SER D 156 -3.90 -1.58 -30.42
C SER D 156 -2.74 -2.58 -30.67
N PRO D 157 -2.54 -3.54 -29.77
CA PRO D 157 -1.44 -4.49 -30.01
C PRO D 157 -1.60 -5.13 -31.39
N ALA D 158 -2.79 -5.64 -31.66
CA ALA D 158 -3.08 -6.31 -32.90
C ALA D 158 -2.46 -5.57 -34.07
N ILE D 159 -2.82 -4.30 -34.22
CA ILE D 159 -2.34 -3.46 -35.32
C ILE D 159 -0.84 -3.23 -35.30
N PHE D 160 -0.37 -2.65 -34.20
CA PHE D 160 1.03 -2.28 -34.06
C PHE D 160 2.03 -3.43 -34.29
N GLN D 161 1.55 -4.68 -34.14
CA GLN D 161 2.41 -5.89 -34.31
C GLN D 161 3.60 -5.75 -35.28
N SER D 162 3.30 -5.59 -36.57
CA SER D 162 4.35 -5.43 -37.58
C SER D 162 5.47 -4.54 -37.07
N SER D 163 5.10 -3.38 -36.56
CA SER D 163 6.07 -2.45 -36.01
C SER D 163 6.83 -3.04 -34.78
N MET D 164 6.09 -3.58 -33.82
CA MET D 164 6.72 -4.12 -32.63
C MET D 164 7.71 -5.22 -32.99
N THR D 165 7.37 -6.02 -33.98
CA THR D 165 8.21 -7.13 -34.43
C THR D 165 9.55 -6.66 -35.02
N LYS D 166 9.50 -5.74 -35.97
CA LYS D 166 10.72 -5.23 -36.58
C LYS D 166 11.62 -4.58 -35.52
N ILE D 167 11.00 -3.89 -34.57
CA ILE D 167 11.74 -3.22 -33.51
C ILE D 167 12.54 -4.22 -32.68
N LEU D 168 11.85 -5.25 -32.17
CA LEU D 168 12.50 -6.29 -31.34
C LEU D 168 13.38 -7.21 -32.17
N GLU D 169 13.09 -7.29 -33.47
CA GLU D 169 13.83 -8.13 -34.40
C GLU D 169 15.37 -8.15 -34.12
N PRO D 170 15.99 -6.97 -34.01
CA PRO D 170 17.43 -6.95 -33.75
C PRO D 170 17.75 -7.64 -32.43
N PHE D 171 17.15 -7.15 -31.34
CA PHE D 171 17.42 -7.69 -29.99
C PHE D 171 17.28 -9.20 -29.93
N LYS D 172 16.15 -9.71 -30.38
CA LYS D 172 15.93 -11.13 -30.34
C LYS D 172 16.97 -11.85 -31.17
N LYS D 173 17.30 -11.30 -32.33
CA LYS D 173 18.31 -11.90 -33.21
C LYS D 173 19.66 -11.96 -32.51
N GLN D 174 20.04 -10.86 -31.88
CA GLN D 174 21.29 -10.77 -31.16
C GLN D 174 21.41 -11.90 -30.13
N ASN D 175 20.49 -11.94 -29.17
CA ASN D 175 20.47 -13.04 -28.19
C ASN D 175 19.17 -13.82 -28.26
N PRO D 176 19.05 -14.66 -29.28
CA PRO D 176 17.86 -15.51 -29.56
C PRO D 176 17.48 -16.42 -28.37
N ASP D 177 18.39 -16.55 -27.43
CA ASP D 177 18.17 -17.34 -26.24
C ASP D 177 16.96 -16.81 -25.45
N ILE D 178 16.61 -15.55 -25.68
CA ILE D 178 15.52 -14.89 -24.97
C ILE D 178 14.18 -15.04 -25.68
N VAL D 179 13.14 -15.29 -24.88
CA VAL D 179 11.79 -15.42 -25.39
C VAL D 179 10.96 -14.24 -24.94
N ILE D 180 10.42 -13.50 -25.91
CA ILE D 180 9.64 -12.30 -25.61
C ILE D 180 8.17 -12.45 -25.95
N TYR D 181 7.33 -12.09 -25.01
CA TYR D 181 5.89 -12.16 -25.20
C TYR D 181 5.24 -10.77 -25.10
N GLN D 182 4.23 -10.53 -25.94
CA GLN D 182 3.51 -9.27 -25.94
C GLN D 182 2.06 -9.48 -25.46
N TYR D 183 1.67 -8.72 -24.43
CA TYR D 183 0.31 -8.81 -23.94
C TYR D 183 -0.24 -7.46 -23.66
N MET D 184 -1.16 -7.00 -24.50
CA MET D 184 -1.77 -5.68 -24.34
C MET D 184 -0.73 -4.49 -24.23
N ASP D 185 -0.38 -4.13 -23.00
CA ASP D 185 0.56 -3.04 -22.77
C ASP D 185 1.88 -3.52 -22.14
N ASP D 186 2.02 -4.82 -21.92
CA ASP D 186 3.20 -5.36 -21.28
C ASP D 186 4.06 -6.19 -22.20
N LEU D 187 5.35 -6.19 -21.92
CA LEU D 187 6.31 -7.00 -22.65
C LEU D 187 6.93 -7.96 -21.65
N TYR D 188 6.71 -9.25 -21.88
CA TYR D 188 7.21 -10.30 -20.98
C TYR D 188 8.56 -10.88 -21.48
N VAL D 189 9.64 -10.59 -20.73
CA VAL D 189 11.00 -11.07 -21.10
C VAL D 189 11.53 -12.09 -20.11
N GLY D 190 11.69 -13.32 -20.57
CA GLY D 190 12.20 -14.35 -19.68
C GLY D 190 13.56 -14.89 -20.12
N SER D 191 14.33 -15.33 -19.13
CA SER D 191 15.65 -15.89 -19.40
C SER D 191 16.07 -16.81 -18.26
N ASP D 192 16.91 -17.78 -18.56
CA ASP D 192 17.41 -18.66 -17.54
C ASP D 192 18.77 -18.20 -17.12
N LEU D 193 19.01 -16.91 -17.26
CA LEU D 193 20.28 -16.34 -16.86
C LEU D 193 20.26 -16.06 -15.36
N GLU D 194 21.35 -15.48 -14.88
CA GLU D 194 21.46 -15.11 -13.49
C GLU D 194 20.70 -13.82 -13.27
N ILE D 195 20.12 -13.66 -12.09
CA ILE D 195 19.33 -12.49 -11.78
C ILE D 195 20.01 -11.19 -12.24
N GLY D 196 21.28 -11.03 -11.89
CA GLY D 196 22.02 -9.84 -12.29
C GLY D 196 22.20 -9.77 -13.79
N GLN D 197 22.51 -10.91 -14.42
CA GLN D 197 22.69 -10.98 -15.87
C GLN D 197 21.38 -10.64 -16.57
N HIS D 198 20.29 -11.18 -16.04
CA HIS D 198 18.97 -10.94 -16.60
C HIS D 198 18.62 -9.48 -16.55
N ARG D 199 18.75 -8.86 -15.38
CA ARG D 199 18.47 -7.44 -15.24
C ARG D 199 19.18 -6.62 -16.32
N THR D 200 20.49 -6.83 -16.46
CA THR D 200 21.28 -6.14 -17.47
C THR D 200 20.74 -6.37 -18.88
N LYS D 201 20.47 -7.63 -19.22
CA LYS D 201 19.91 -7.95 -20.51
C LYS D 201 18.63 -7.15 -20.72
N ILE D 202 17.78 -7.14 -19.71
CA ILE D 202 16.55 -6.38 -19.77
C ILE D 202 16.86 -4.94 -20.11
N GLU D 203 17.71 -4.32 -19.30
CA GLU D 203 18.12 -2.94 -19.52
C GLU D 203 18.58 -2.69 -20.97
N GLU D 204 19.32 -3.65 -21.54
CA GLU D 204 19.75 -3.55 -22.94
C GLU D 204 18.54 -3.40 -23.85
N LEU D 205 17.66 -4.37 -23.79
CA LEU D 205 16.43 -4.33 -24.56
C LEU D 205 15.67 -3.01 -24.23
N ARG D 206 15.74 -2.57 -22.99
CA ARG D 206 15.09 -1.33 -22.63
C ARG D 206 15.75 -0.15 -23.34
N GLN D 207 17.07 -0.24 -23.54
CA GLN D 207 17.84 0.80 -24.24
C GLN D 207 17.48 0.85 -25.69
N HIS D 208 17.49 -0.32 -26.32
CA HIS D 208 17.14 -0.49 -27.72
C HIS D 208 15.80 0.14 -28.02
N LEU D 209 14.82 -0.15 -27.16
CA LEU D 209 13.47 0.41 -27.32
C LEU D 209 13.48 1.95 -27.37
N LEU D 210 14.57 2.55 -26.89
CA LEU D 210 14.72 3.97 -26.94
C LEU D 210 15.08 4.43 -28.33
N ARG D 211 16.25 4.00 -28.79
CA ARG D 211 16.75 4.39 -30.12
C ARG D 211 15.76 4.11 -31.23
N TRP D 212 15.00 3.05 -31.08
CA TRP D 212 14.02 2.70 -32.09
C TRP D 212 12.63 3.09 -31.64
N GLY D 213 11.85 3.60 -32.59
CA GLY D 213 10.48 3.96 -32.33
C GLY D 213 10.22 4.59 -30.99
N LEU D 214 11.13 5.46 -30.54
CA LEU D 214 10.98 6.17 -29.28
C LEU D 214 10.05 5.41 -28.28
N THR D 215 10.28 4.12 -28.13
CA THR D 215 9.50 3.33 -27.22
C THR D 215 10.00 3.54 -25.79
N THR D 216 9.36 4.44 -25.05
CA THR D 216 9.79 4.75 -23.68
C THR D 216 9.08 3.91 -22.63
N PRO D 217 9.83 3.11 -21.88
CA PRO D 217 9.23 2.27 -20.85
C PRO D 217 9.43 2.83 -19.45
N ASP D 218 8.41 2.65 -18.61
CA ASP D 218 8.47 3.10 -17.22
C ASP D 218 9.81 2.70 -16.66
N LYS D 219 10.38 3.56 -15.85
CA LYS D 219 11.66 3.25 -15.23
C LYS D 219 11.43 2.90 -13.77
N LYS D 220 11.76 1.67 -13.38
CA LYS D 220 11.56 1.24 -12.00
C LYS D 220 12.28 2.14 -11.03
N HIS D 221 11.99 1.97 -9.75
CA HIS D 221 12.58 2.79 -8.70
C HIS D 221 13.12 1.85 -7.63
N GLN D 222 14.44 1.87 -7.42
CA GLN D 222 15.08 0.99 -6.43
C GLN D 222 15.40 1.73 -5.10
N LYS D 223 15.55 0.98 -3.99
CA LYS D 223 15.83 1.59 -2.66
C LYS D 223 16.42 0.56 -1.67
N GLU D 224 16.61 0.97 -0.40
CA GLU D 224 17.20 0.09 0.65
C GLU D 224 16.22 -0.66 1.68
N PRO D 225 15.77 0.05 2.77
CA PRO D 225 14.88 -0.53 3.82
C PRO D 225 14.26 -1.92 3.41
N PRO D 226 12.92 -2.01 3.07
CA PRO D 226 12.46 -3.36 2.66
C PRO D 226 12.51 -3.52 1.12
N PHE D 227 13.55 -4.18 0.65
CA PHE D 227 13.87 -4.36 -0.79
C PHE D 227 12.81 -5.05 -1.74
N LEU D 228 11.71 -4.34 -2.02
CA LEU D 228 10.66 -4.87 -2.91
C LEU D 228 11.16 -5.20 -4.31
N TRP D 229 11.99 -4.30 -4.86
CA TRP D 229 12.51 -4.44 -6.22
C TRP D 229 13.19 -5.78 -6.53
N MET D 230 13.74 -6.42 -5.50
CA MET D 230 14.42 -7.70 -5.67
C MET D 230 13.42 -8.78 -6.12
N GLY D 231 12.14 -8.54 -5.82
CA GLY D 231 11.12 -9.49 -6.17
C GLY D 231 10.33 -9.11 -7.39
N TYR D 232 10.56 -7.91 -7.90
CA TYR D 232 9.89 -7.45 -9.11
C TYR D 232 10.06 -8.52 -10.16
N GLU D 233 11.22 -9.14 -10.15
CA GLU D 233 11.52 -10.20 -11.09
C GLU D 233 10.47 -11.30 -10.91
N LEU D 234 10.07 -11.94 -12.01
CA LEU D 234 9.08 -13.00 -11.95
C LEU D 234 9.71 -14.37 -12.25
N HIS D 235 9.98 -15.15 -11.20
CA HIS D 235 10.60 -16.47 -11.37
C HIS D 235 9.53 -17.56 -11.32
N PRO D 236 9.21 -18.15 -12.48
CA PRO D 236 8.20 -19.20 -12.56
C PRO D 236 8.80 -20.63 -12.62
N ASP D 237 10.12 -20.74 -12.42
CA ASP D 237 10.73 -22.06 -12.43
C ASP D 237 10.35 -22.83 -11.18
N LYS D 238 10.04 -22.09 -10.12
CA LYS D 238 9.56 -22.71 -8.87
C LYS D 238 8.14 -22.21 -8.59
N TRP D 239 7.31 -22.17 -9.64
CA TRP D 239 5.92 -21.71 -9.52
C TRP D 239 5.04 -22.72 -8.77
N THR D 240 4.47 -22.26 -7.65
CA THR D 240 3.64 -23.10 -6.78
C THR D 240 2.78 -24.13 -7.54
N VAL D 241 3.23 -25.38 -7.52
CA VAL D 241 2.51 -26.48 -8.16
C VAL D 241 1.60 -27.15 -7.13
N GLN D 242 0.32 -26.80 -7.15
CA GLN D 242 -0.64 -27.32 -6.17
C GLN D 242 -0.66 -28.84 -6.00
N PRO D 243 -0.76 -29.28 -4.75
CA PRO D 243 -0.84 -30.70 -4.40
C PRO D 243 -0.80 -30.85 -2.88
N ILE D 244 -1.52 -29.97 -2.17
CA ILE D 244 -1.52 -29.96 -0.71
C ILE D 244 -2.92 -30.02 -0.13
N VAL D 245 -3.68 -31.05 -0.53
CA VAL D 245 -5.04 -31.26 -0.03
C VAL D 245 -5.15 -32.68 0.47
N LEU D 246 -4.92 -32.86 1.76
CA LEU D 246 -4.97 -34.18 2.37
C LEU D 246 -5.58 -34.16 3.76
N PRO D 247 -5.77 -35.35 4.34
CA PRO D 247 -6.33 -35.52 5.69
C PRO D 247 -5.76 -36.82 6.32
N GLU D 248 -5.39 -36.74 7.60
CA GLU D 248 -4.82 -37.91 8.30
C GLU D 248 -4.83 -37.75 9.82
N LYS D 249 -5.06 -38.86 10.53
CA LYS D 249 -5.10 -38.87 11.99
C LYS D 249 -5.20 -40.32 12.52
N ASP D 250 -5.45 -40.47 13.81
CA ASP D 250 -5.58 -41.80 14.44
C ASP D 250 -7.04 -42.11 14.86
N SER D 251 -7.37 -41.85 16.12
CA SER D 251 -8.72 -42.09 16.64
C SER D 251 -9.69 -41.01 16.16
N TRP D 252 -10.47 -41.33 15.13
CA TRP D 252 -11.41 -40.38 14.54
C TRP D 252 -12.85 -40.53 15.06
N THR D 253 -13.50 -39.40 15.32
CA THR D 253 -14.87 -39.40 15.80
C THR D 253 -15.85 -39.52 14.65
N VAL D 254 -17.12 -39.69 14.98
CA VAL D 254 -18.16 -39.75 13.95
C VAL D 254 -18.05 -38.49 13.13
N ASN D 255 -18.21 -37.35 13.80
CA ASN D 255 -18.09 -36.04 13.17
C ASN D 255 -16.97 -36.07 12.12
N ASP D 256 -15.79 -36.50 12.54
CA ASP D 256 -14.65 -36.57 11.66
C ASP D 256 -14.88 -37.46 10.42
N ILE D 257 -15.16 -38.73 10.66
CA ILE D 257 -15.37 -39.67 9.55
C ILE D 257 -16.51 -39.21 8.65
N GLN D 258 -17.53 -38.65 9.27
CA GLN D 258 -18.68 -38.15 8.54
C GLN D 258 -18.26 -37.04 7.60
N LYS D 259 -17.55 -36.05 8.13
CA LYS D 259 -17.09 -34.94 7.31
C LYS D 259 -16.20 -35.46 6.18
N LEU D 260 -15.28 -36.36 6.51
CA LEU D 260 -14.36 -36.96 5.54
C LEU D 260 -15.11 -37.55 4.33
N VAL D 261 -16.11 -38.40 4.60
CA VAL D 261 -16.89 -39.01 3.52
C VAL D 261 -17.61 -37.93 2.73
N GLY D 262 -18.14 -36.92 3.43
CA GLY D 262 -18.79 -35.81 2.75
C GLY D 262 -17.86 -35.25 1.70
N LYS D 263 -16.61 -35.00 2.10
CA LYS D 263 -15.58 -34.51 1.18
C LYS D 263 -15.46 -35.43 -0.03
N LEU D 264 -14.86 -36.60 0.17
CA LEU D 264 -14.61 -37.53 -0.91
C LEU D 264 -15.73 -37.64 -1.93
N ASN D 265 -16.97 -37.70 -1.47
CA ASN D 265 -18.12 -37.82 -2.38
C ASN D 265 -18.04 -36.79 -3.51
N TRP D 266 -17.65 -35.56 -3.15
CA TRP D 266 -17.52 -34.46 -4.10
C TRP D 266 -16.25 -34.62 -4.90
N ALA D 267 -15.17 -34.97 -4.22
CA ALA D 267 -13.88 -35.17 -4.86
C ALA D 267 -13.96 -36.24 -5.98
N SER D 268 -14.92 -37.14 -5.87
CA SER D 268 -15.12 -38.17 -6.88
C SER D 268 -15.34 -37.56 -8.28
N GLN D 269 -15.62 -36.25 -8.32
CA GLN D 269 -15.83 -35.54 -9.58
C GLN D 269 -14.50 -35.18 -10.25
N ILE D 270 -13.47 -34.98 -9.43
CA ILE D 270 -12.14 -34.65 -9.93
C ILE D 270 -11.30 -35.90 -10.08
N TYR D 271 -11.54 -36.88 -9.21
CA TYR D 271 -10.83 -38.15 -9.24
C TYR D 271 -11.82 -39.34 -9.32
N PRO D 272 -11.72 -40.13 -10.40
CA PRO D 272 -12.58 -41.30 -10.66
C PRO D 272 -12.45 -42.41 -9.61
N GLY D 273 -11.23 -42.92 -9.44
CA GLY D 273 -11.01 -44.01 -8.50
C GLY D 273 -11.27 -43.64 -7.05
N ILE D 274 -12.55 -43.53 -6.69
CA ILE D 274 -12.94 -43.18 -5.34
C ILE D 274 -14.04 -44.11 -4.80
N LYS D 275 -13.80 -44.66 -3.62
CA LYS D 275 -14.76 -45.55 -2.97
C LYS D 275 -15.34 -44.87 -1.71
N VAL D 276 -16.57 -44.35 -1.83
CA VAL D 276 -17.22 -43.67 -0.71
C VAL D 276 -18.07 -44.59 0.18
N ARG D 277 -18.73 -45.58 -0.44
CA ARG D 277 -19.59 -46.51 0.30
C ARG D 277 -18.85 -47.21 1.45
N GLN D 278 -17.53 -47.35 1.31
CA GLN D 278 -16.70 -47.99 2.32
C GLN D 278 -16.90 -47.38 3.71
N LEU D 279 -16.57 -46.11 3.84
CA LEU D 279 -16.73 -45.41 5.11
C LEU D 279 -18.20 -45.23 5.47
N SER D 280 -19.04 -44.99 4.46
CA SER D 280 -20.48 -44.83 4.67
C SER D 280 -21.03 -46.01 5.47
N LYS D 281 -20.57 -47.22 5.14
CA LYS D 281 -20.96 -48.44 5.86
C LYS D 281 -20.41 -48.40 7.30
N LEU D 282 -19.12 -48.07 7.43
CA LEU D 282 -18.49 -47.96 8.75
C LEU D 282 -19.42 -47.17 9.68
N LEU D 283 -20.05 -46.15 9.12
CA LEU D 283 -21.01 -45.37 9.88
C LEU D 283 -22.39 -45.45 9.24
N ARG D 284 -23.06 -46.58 9.45
CA ARG D 284 -24.41 -46.80 8.94
C ARG D 284 -25.42 -46.91 10.11
N GLY D 285 -25.32 -45.99 11.06
CA GLY D 285 -26.21 -46.01 12.21
C GLY D 285 -26.32 -44.66 12.91
N THR D 286 -27.46 -44.45 13.56
CA THR D 286 -27.74 -43.18 14.26
C THR D 286 -26.89 -42.99 15.53
N LYS D 287 -25.59 -43.21 15.41
CA LYS D 287 -24.68 -43.10 16.56
C LYS D 287 -24.45 -41.64 16.98
N ALA D 288 -23.88 -41.46 18.16
CA ALA D 288 -23.62 -40.13 18.69
C ALA D 288 -22.63 -39.41 17.79
N LEU D 289 -23.03 -38.26 17.27
CA LEU D 289 -22.17 -37.48 16.39
C LEU D 289 -20.82 -37.21 17.03
N THR D 290 -20.82 -36.95 18.34
CA THR D 290 -19.59 -36.58 19.04
C THR D 290 -18.74 -37.75 19.51
N GLU D 291 -18.84 -38.05 20.79
CA GLU D 291 -18.02 -39.08 21.44
C GLU D 291 -17.77 -40.33 20.58
N VAL D 292 -18.74 -40.68 19.76
CA VAL D 292 -18.64 -41.88 18.94
C VAL D 292 -17.34 -41.95 18.14
N ILE D 293 -16.60 -43.03 18.34
CA ILE D 293 -15.34 -43.25 17.65
C ILE D 293 -15.27 -44.65 17.03
N PRO D 294 -15.97 -44.85 15.89
CA PRO D 294 -16.02 -46.14 15.18
C PRO D 294 -14.68 -46.55 14.58
N LEU D 295 -13.70 -46.85 15.44
CA LEU D 295 -12.38 -47.27 14.97
C LEU D 295 -12.49 -48.53 14.14
N THR D 296 -12.21 -48.41 12.85
CA THR D 296 -12.29 -49.53 11.94
C THR D 296 -10.92 -49.84 11.41
N GLU D 297 -10.67 -51.11 11.12
CA GLU D 297 -9.40 -51.52 10.55
C GLU D 297 -9.58 -51.75 9.05
N GLU D 298 -10.80 -52.10 8.67
CA GLU D 298 -11.13 -52.34 7.27
C GLU D 298 -11.04 -51.04 6.43
N ALA D 299 -11.65 -49.97 6.95
CA ALA D 299 -11.63 -48.68 6.27
C ALA D 299 -10.21 -48.25 5.95
N GLU D 300 -9.31 -48.40 6.92
CA GLU D 300 -7.92 -48.00 6.75
C GLU D 300 -7.33 -48.45 5.41
N LEU D 301 -7.45 -49.75 5.12
CA LEU D 301 -6.91 -50.31 3.87
C LEU D 301 -7.42 -49.60 2.61
N GLU D 302 -8.55 -48.93 2.72
CA GLU D 302 -9.11 -48.22 1.58
C GLU D 302 -8.98 -46.71 1.72
N LEU D 303 -8.97 -46.23 2.95
CA LEU D 303 -8.83 -44.81 3.23
C LEU D 303 -7.49 -44.29 2.74
N ALA D 304 -6.44 -45.09 2.89
CA ALA D 304 -5.13 -44.73 2.38
C ALA D 304 -5.12 -44.98 0.87
N GLU D 305 -6.03 -45.87 0.42
CA GLU D 305 -6.15 -46.23 -1.00
C GLU D 305 -6.60 -45.05 -1.86
N ASN D 306 -7.67 -44.38 -1.45
CA ASN D 306 -8.14 -43.20 -2.18
C ASN D 306 -6.98 -42.24 -2.40
N ARG D 307 -6.05 -42.23 -1.45
CA ARG D 307 -4.86 -41.40 -1.55
C ARG D 307 -3.99 -41.87 -2.71
N GLU D 308 -3.73 -43.17 -2.74
CA GLU D 308 -2.96 -43.77 -3.83
C GLU D 308 -3.60 -43.42 -5.17
N ILE D 309 -4.93 -43.42 -5.21
CA ILE D 309 -5.68 -43.06 -6.41
C ILE D 309 -5.41 -41.61 -6.83
N LEU D 310 -5.74 -40.68 -5.95
CA LEU D 310 -5.50 -39.27 -6.20
C LEU D 310 -4.07 -38.92 -5.75
N LYS D 311 -3.13 -39.84 -6.01
CA LYS D 311 -1.74 -39.70 -5.59
C LYS D 311 -1.01 -38.50 -6.19
N GLU D 312 -1.08 -38.38 -7.51
CA GLU D 312 -0.40 -37.30 -8.21
C GLU D 312 -1.28 -36.66 -9.26
N PRO D 313 -0.67 -35.81 -10.08
CA PRO D 313 -1.36 -35.10 -11.16
C PRO D 313 -2.50 -35.92 -11.79
N VAL D 314 -3.66 -35.30 -11.94
CA VAL D 314 -4.84 -35.96 -12.49
C VAL D 314 -4.83 -36.04 -14.02
N HIS D 315 -5.20 -37.21 -14.55
CA HIS D 315 -5.30 -37.38 -15.98
C HIS D 315 -6.56 -36.67 -16.46
N GLY D 316 -6.38 -35.49 -17.07
CA GLY D 316 -7.52 -34.71 -17.55
C GLY D 316 -7.09 -33.36 -18.10
N VAL D 317 -5.84 -32.99 -17.86
CA VAL D 317 -5.29 -31.72 -18.32
C VAL D 317 -5.42 -31.61 -19.85
N TYR D 318 -6.27 -30.69 -20.30
CA TYR D 318 -6.52 -30.49 -21.73
C TYR D 318 -6.99 -29.05 -21.98
N TYR D 319 -6.06 -28.17 -22.35
CA TYR D 319 -6.38 -26.80 -22.61
C TYR D 319 -6.87 -26.64 -24.03
N ASP D 320 -8.08 -26.14 -24.16
CA ASP D 320 -8.67 -25.90 -25.46
C ASP D 320 -8.73 -24.39 -25.70
N PRO D 321 -7.81 -23.87 -26.54
CA PRO D 321 -7.71 -22.44 -26.86
C PRO D 321 -9.00 -21.83 -27.41
N SER D 322 -10.07 -22.64 -27.48
CA SER D 322 -11.36 -22.16 -27.97
C SER D 322 -12.26 -21.72 -26.82
N LYS D 323 -11.90 -22.13 -25.61
CA LYS D 323 -12.69 -21.83 -24.43
C LYS D 323 -12.04 -20.79 -23.53
N ASP D 324 -12.87 -20.12 -22.73
CA ASP D 324 -12.38 -19.11 -21.82
C ASP D 324 -11.68 -19.79 -20.67
N LEU D 325 -11.12 -18.99 -19.80
CA LEU D 325 -10.50 -19.48 -18.59
C LEU D 325 -11.32 -18.92 -17.43
N ILE D 326 -11.45 -19.71 -16.37
CA ILE D 326 -12.16 -19.26 -15.18
C ILE D 326 -11.25 -19.38 -13.98
N ALA D 327 -11.33 -18.40 -13.09
CA ALA D 327 -10.54 -18.42 -11.86
C ALA D 327 -11.47 -18.31 -10.66
N GLU D 328 -11.25 -19.16 -9.66
CA GLU D 328 -12.04 -19.13 -8.43
C GLU D 328 -11.15 -18.88 -7.23
N ILE D 329 -11.50 -17.91 -6.42
CA ILE D 329 -10.72 -17.56 -5.23
C ILE D 329 -11.62 -17.61 -3.97
N GLN D 330 -11.14 -18.26 -2.91
CA GLN D 330 -11.90 -18.37 -1.68
C GLN D 330 -11.07 -18.10 -0.44
N LYS D 331 -11.72 -17.46 0.55
CA LYS D 331 -11.06 -17.05 1.80
C LYS D 331 -10.77 -18.22 2.76
N GLN D 332 -9.83 -19.08 2.37
CA GLN D 332 -9.46 -20.24 3.19
C GLN D 332 -8.42 -19.91 4.27
N GLY D 333 -8.89 -19.44 5.42
CA GLY D 333 -7.97 -19.13 6.51
C GLY D 333 -7.60 -17.64 6.60
N GLN D 334 -6.83 -17.28 7.61
CA GLN D 334 -6.43 -15.89 7.78
C GLN D 334 -5.19 -15.60 7.00
N GLY D 335 -5.28 -14.57 6.15
CA GLY D 335 -4.15 -14.18 5.35
C GLY D 335 -4.01 -15.06 4.12
N GLN D 336 -4.17 -16.37 4.32
CA GLN D 336 -4.06 -17.33 3.24
C GLN D 336 -5.25 -17.20 2.26
N TRP D 337 -4.97 -17.33 0.96
CA TRP D 337 -6.00 -17.30 -0.07
C TRP D 337 -5.69 -18.40 -1.09
N THR D 338 -6.73 -19.11 -1.52
CA THR D 338 -6.56 -20.22 -2.47
C THR D 338 -7.27 -19.96 -3.80
N TYR D 339 -6.76 -20.57 -4.88
CA TYR D 339 -7.33 -20.35 -6.22
C TYR D 339 -7.18 -21.54 -7.17
N GLN D 340 -8.05 -21.59 -8.18
CA GLN D 340 -8.00 -22.63 -9.24
C GLN D 340 -8.39 -22.01 -10.60
N ILE D 341 -7.84 -22.57 -11.68
CA ILE D 341 -8.09 -22.10 -13.04
C ILE D 341 -8.63 -23.26 -13.88
N TYR D 342 -9.83 -23.11 -14.42
CA TYR D 342 -10.42 -24.17 -15.23
C TYR D 342 -11.10 -23.67 -16.47
N GLN D 343 -11.29 -24.57 -17.43
CA GLN D 343 -12.02 -24.26 -18.65
C GLN D 343 -13.34 -24.98 -18.54
N GLU D 344 -13.29 -26.16 -17.95
CA GLU D 344 -14.48 -26.95 -17.71
C GLU D 344 -14.52 -27.26 -16.22
N PRO D 345 -15.71 -27.21 -15.63
CA PRO D 345 -15.93 -27.48 -14.20
C PRO D 345 -15.37 -28.82 -13.70
N PHE D 346 -14.75 -28.79 -12.53
CA PHE D 346 -14.21 -29.98 -11.86
C PHE D 346 -13.02 -30.58 -12.56
N LYS D 347 -12.65 -30.01 -13.69
CA LYS D 347 -11.48 -30.45 -14.43
C LYS D 347 -10.52 -29.27 -14.56
N ASN D 348 -9.96 -28.89 -13.41
CA ASN D 348 -9.05 -27.76 -13.33
C ASN D 348 -7.73 -28.02 -14.05
N LEU D 349 -7.23 -26.99 -14.73
CA LEU D 349 -5.99 -27.12 -15.50
C LEU D 349 -4.80 -26.81 -14.63
N LYS D 350 -5.02 -26.03 -13.59
CA LYS D 350 -3.98 -25.69 -12.63
C LYS D 350 -4.60 -25.18 -11.35
N THR D 351 -3.85 -25.28 -10.26
CA THR D 351 -4.31 -24.83 -8.95
C THR D 351 -3.22 -24.00 -8.27
N GLY D 352 -3.55 -23.38 -7.14
CA GLY D 352 -2.56 -22.61 -6.39
C GLY D 352 -3.14 -21.87 -5.20
N LYS D 353 -2.34 -21.00 -4.60
CA LYS D 353 -2.79 -20.25 -3.43
C LYS D 353 -1.92 -19.02 -3.18
N TYR D 354 -2.56 -17.89 -2.88
CA TYR D 354 -1.85 -16.68 -2.51
C TYR D 354 -1.71 -16.74 -0.99
N ALA D 355 -0.49 -16.91 -0.51
CA ALA D 355 -0.25 -17.10 0.93
C ALA D 355 -0.22 -15.82 1.80
N ARG D 356 0.62 -15.86 2.84
CA ARG D 356 0.77 -14.74 3.77
C ARG D 356 1.65 -13.68 3.16
N MET D 357 1.21 -12.44 3.24
CA MET D 357 1.95 -11.33 2.66
C MET D 357 3.02 -10.81 3.63
N ARG D 358 4.28 -10.89 3.21
CA ARG D 358 5.39 -10.44 4.07
C ARG D 358 5.42 -8.91 4.19
N GLY D 359 4.48 -8.37 4.98
CA GLY D 359 4.38 -6.93 5.17
C GLY D 359 3.13 -6.60 5.97
N ALA D 360 3.27 -5.68 6.93
CA ALA D 360 2.16 -5.29 7.81
C ALA D 360 0.85 -4.86 7.11
N HIS D 361 0.85 -4.86 5.77
CA HIS D 361 -0.35 -4.48 5.02
C HIS D 361 -1.46 -5.51 5.19
N THR D 362 -2.42 -5.18 6.04
CA THR D 362 -3.54 -6.05 6.32
C THR D 362 -4.83 -5.47 5.76
N ASN D 363 -5.36 -6.13 4.73
CA ASN D 363 -6.59 -5.67 4.10
C ASN D 363 -7.16 -6.74 3.20
N ASP D 364 -8.31 -7.27 3.61
CA ASP D 364 -8.98 -8.31 2.86
C ASP D 364 -9.03 -8.01 1.37
N VAL D 365 -9.65 -6.90 1.00
CA VAL D 365 -9.79 -6.55 -0.40
C VAL D 365 -8.44 -6.56 -1.07
N LYS D 366 -7.47 -5.95 -0.41
CA LYS D 366 -6.10 -5.88 -0.93
C LYS D 366 -5.53 -7.29 -1.18
N GLN D 367 -5.58 -8.15 -0.17
CA GLN D 367 -5.08 -9.53 -0.31
C GLN D 367 -5.72 -10.21 -1.52
N LEU D 368 -7.03 -10.06 -1.65
CA LEU D 368 -7.72 -10.63 -2.76
C LEU D 368 -7.22 -10.04 -4.08
N THR D 369 -7.30 -8.72 -4.22
CA THR D 369 -6.87 -8.07 -5.46
C THR D 369 -5.44 -8.42 -5.84
N GLU D 370 -4.54 -8.39 -4.87
CA GLU D 370 -3.17 -8.76 -5.12
C GLU D 370 -3.14 -10.19 -5.65
N ALA D 371 -3.97 -11.05 -5.05
CA ALA D 371 -4.09 -12.45 -5.49
C ALA D 371 -4.56 -12.54 -6.94
N VAL D 372 -5.71 -11.94 -7.23
CA VAL D 372 -6.24 -11.97 -8.59
C VAL D 372 -5.21 -11.48 -9.59
N GLN D 373 -4.56 -10.36 -9.27
CA GLN D 373 -3.52 -9.80 -10.15
C GLN D 373 -2.37 -10.80 -10.37
N LYS D 374 -1.88 -11.40 -9.28
CA LYS D 374 -0.82 -12.43 -9.40
C LYS D 374 -1.32 -13.74 -10.06
N ILE D 375 -2.58 -14.08 -9.86
CA ILE D 375 -3.17 -15.22 -10.54
C ILE D 375 -3.13 -14.94 -12.03
N THR D 376 -3.67 -13.76 -12.42
CA THR D 376 -3.67 -13.35 -13.85
C THR D 376 -2.29 -13.40 -14.45
N THR D 377 -1.31 -12.85 -13.72
CA THR D 377 0.06 -12.87 -14.18
C THR D 377 0.41 -14.28 -14.67
N GLU D 378 0.07 -15.27 -13.85
CA GLU D 378 0.33 -16.67 -14.18
C GLU D 378 -0.42 -17.11 -15.42
N SER D 379 -1.73 -16.86 -15.43
CA SER D 379 -2.55 -17.25 -16.55
C SER D 379 -1.98 -16.71 -17.85
N ILE D 380 -1.40 -15.50 -17.79
CA ILE D 380 -0.79 -14.88 -18.98
C ILE D 380 0.45 -15.65 -19.44
N VAL D 381 1.45 -15.74 -18.56
CA VAL D 381 2.71 -16.43 -18.87
C VAL D 381 2.50 -17.83 -19.46
N ILE D 382 1.39 -18.45 -19.12
CA ILE D 382 1.09 -19.77 -19.63
C ILE D 382 0.21 -19.69 -20.88
N TRP D 383 -1.07 -19.89 -20.70
CA TRP D 383 -2.01 -19.89 -21.79
C TRP D 383 -1.96 -18.58 -22.59
N GLY D 384 -1.81 -17.46 -21.88
CA GLY D 384 -1.71 -16.18 -22.54
C GLY D 384 -2.98 -15.39 -22.48
N LYS D 385 -4.06 -16.01 -22.03
CA LYS D 385 -5.34 -15.33 -21.90
C LYS D 385 -5.68 -15.04 -20.43
N THR D 386 -6.52 -14.06 -20.20
CA THR D 386 -6.92 -13.71 -18.84
C THR D 386 -8.26 -14.38 -18.48
N PRO D 387 -8.26 -15.17 -17.39
CA PRO D 387 -9.43 -15.91 -16.88
C PRO D 387 -10.49 -15.01 -16.21
N LYS D 388 -11.75 -15.41 -16.32
CA LYS D 388 -12.85 -14.68 -15.69
C LYS D 388 -12.88 -15.03 -14.21
N PHE D 389 -12.82 -14.01 -13.38
CA PHE D 389 -12.78 -14.23 -11.95
C PHE D 389 -14.14 -14.26 -11.26
N LYS D 390 -14.37 -15.32 -10.50
CA LYS D 390 -15.56 -15.42 -9.68
C LYS D 390 -15.14 -14.97 -8.30
N LEU D 391 -15.33 -13.69 -8.03
CA LEU D 391 -14.86 -13.08 -6.78
C LEU D 391 -15.65 -13.39 -5.50
N PRO D 392 -14.92 -13.70 -4.41
CA PRO D 392 -15.48 -14.01 -3.10
C PRO D 392 -15.79 -12.72 -2.33
N ILE D 393 -16.60 -11.86 -2.94
CA ILE D 393 -16.94 -10.57 -2.34
C ILE D 393 -18.22 -10.00 -2.98
N GLN D 394 -18.82 -9.01 -2.36
CA GLN D 394 -20.03 -8.40 -2.93
C GLN D 394 -19.67 -7.24 -3.90
N LYS D 395 -20.41 -7.15 -5.02
CA LYS D 395 -20.16 -6.13 -6.05
C LYS D 395 -19.88 -4.79 -5.46
N GLU D 396 -20.63 -4.45 -4.43
CA GLU D 396 -20.49 -3.20 -3.76
C GLU D 396 -19.10 -3.02 -3.19
N THR D 397 -18.71 -3.87 -2.24
CA THR D 397 -17.38 -3.75 -1.60
C THR D 397 -16.24 -3.63 -2.62
N TRP D 398 -16.06 -4.66 -3.43
CA TRP D 398 -14.97 -4.65 -4.41
C TRP D 398 -14.89 -3.31 -5.12
N GLU D 399 -16.06 -2.84 -5.57
CA GLU D 399 -16.18 -1.60 -6.32
C GLU D 399 -15.84 -0.33 -5.61
N THR D 400 -15.42 -0.41 -4.36
CA THR D 400 -15.04 0.80 -3.66
C THR D 400 -13.62 0.75 -3.14
N TRP D 401 -12.87 -0.29 -3.53
CA TRP D 401 -11.49 -0.43 -3.07
C TRP D 401 -10.52 -1.13 -4.08
N TRP D 402 -11.06 -1.86 -5.05
CA TRP D 402 -10.18 -2.58 -6.01
C TRP D 402 -9.19 -1.68 -6.70
N THR D 403 -9.59 -0.44 -6.93
CA THR D 403 -8.72 0.53 -7.58
C THR D 403 -7.53 0.96 -6.71
N GLU D 404 -7.79 1.25 -5.45
CA GLU D 404 -6.73 1.69 -4.54
C GLU D 404 -5.69 0.61 -4.17
N TYR D 405 -5.59 -0.43 -4.99
CA TYR D 405 -4.64 -1.51 -4.73
C TYR D 405 -4.12 -2.15 -6.04
N TRP D 406 -4.90 -2.02 -7.11
CA TRP D 406 -4.49 -2.52 -8.40
C TRP D 406 -3.22 -1.83 -8.87
N GLN D 407 -2.44 -2.52 -9.68
CA GLN D 407 -1.20 -1.98 -10.11
C GLN D 407 -0.82 -2.43 -11.53
N ALA D 408 -1.44 -3.49 -12.00
CA ALA D 408 -1.18 -3.99 -13.35
C ALA D 408 -1.73 -3.03 -14.42
N THR D 409 -1.28 -3.20 -15.66
CA THR D 409 -1.74 -2.35 -16.76
C THR D 409 -3.00 -2.90 -17.37
N TRP D 410 -3.06 -4.22 -17.47
CA TRP D 410 -4.23 -4.86 -18.02
C TRP D 410 -5.28 -5.05 -16.93
N ILE D 411 -6.53 -5.29 -17.34
CA ILE D 411 -7.61 -5.52 -16.39
C ILE D 411 -8.45 -6.75 -16.79
N PRO D 412 -8.74 -7.62 -15.81
CA PRO D 412 -9.51 -8.84 -16.10
C PRO D 412 -11.00 -8.66 -15.90
N GLU D 413 -11.76 -9.61 -16.42
CA GLU D 413 -13.19 -9.59 -16.26
C GLU D 413 -13.47 -10.31 -14.95
N TRP D 414 -14.46 -9.83 -14.21
CA TRP D 414 -14.77 -10.45 -12.95
C TRP D 414 -16.21 -10.25 -12.56
N GLU D 415 -16.76 -11.25 -11.87
CA GLU D 415 -18.12 -11.23 -11.37
C GLU D 415 -18.12 -11.60 -9.88
N PHE D 416 -19.22 -11.30 -9.20
CA PHE D 416 -19.33 -11.59 -7.77
C PHE D 416 -20.21 -12.85 -7.50
N VAL D 417 -19.74 -13.71 -6.56
CA VAL D 417 -20.44 -14.96 -6.21
C VAL D 417 -20.08 -15.40 -4.78
N ASN D 418 -20.64 -16.53 -4.35
CA ASN D 418 -20.37 -17.10 -3.02
C ASN D 418 -20.06 -18.61 -3.13
N THR D 419 -19.31 -19.16 -2.16
CA THR D 419 -18.94 -20.58 -2.17
C THR D 419 -19.46 -21.38 -1.00
N PRO D 420 -19.64 -22.70 -1.20
CA PRO D 420 -20.14 -23.65 -0.19
C PRO D 420 -18.97 -24.39 0.52
N PRO D 421 -19.30 -25.21 1.53
CA PRO D 421 -18.26 -25.96 2.25
C PRO D 421 -17.53 -26.90 1.31
N LEU D 422 -18.17 -27.20 0.17
CA LEU D 422 -17.58 -28.06 -0.87
C LEU D 422 -16.22 -27.55 -1.33
N VAL D 423 -16.17 -26.26 -1.69
CA VAL D 423 -14.93 -25.64 -2.15
C VAL D 423 -14.10 -25.19 -0.93
N LYS D 424 -14.77 -24.53 0.02
CA LYS D 424 -14.13 -24.07 1.25
C LYS D 424 -13.74 -25.26 2.14
N LEU D 425 -13.92 -26.47 1.61
CA LEU D 425 -13.58 -27.69 2.32
C LEU D 425 -12.07 -27.80 2.45
N TRP D 426 -11.35 -26.80 1.92
CA TRP D 426 -9.88 -26.77 1.92
C TRP D 426 -9.40 -27.63 0.74
N TYR D 427 -10.37 -28.22 0.05
CA TYR D 427 -10.12 -28.98 -1.15
C TYR D 427 -10.54 -28.09 -2.28
N GLN D 428 -9.64 -27.18 -2.66
CA GLN D 428 -9.92 -26.13 -3.66
C GLN D 428 -10.47 -26.59 -5.01
N LEU D 429 -9.76 -27.51 -5.67
CA LEU D 429 -10.12 -27.99 -7.01
C LEU D 429 -11.60 -27.88 -7.34
N GLU D 430 -11.94 -26.90 -8.19
CA GLU D 430 -13.33 -26.69 -8.60
C GLU D 430 -13.51 -27.03 -10.07
N ASP E 1 19.36 6.92 11.16
CA ASP E 1 19.73 7.81 12.30
C ASP E 1 19.13 7.30 13.60
N ILE E 2 19.33 6.02 13.84
CA ILE E 2 18.80 5.36 15.02
C ILE E 2 19.90 5.23 16.04
N GLN E 3 19.63 5.65 17.27
CA GLN E 3 20.63 5.55 18.32
C GLN E 3 20.79 4.07 18.69
N MET E 4 21.94 3.53 18.33
CA MET E 4 22.24 2.16 18.60
C MET E 4 23.12 2.09 19.83
N THR E 5 22.67 1.32 20.82
CA THR E 5 23.40 1.20 22.07
C THR E 5 23.69 -0.24 22.45
N GLN E 6 24.97 -0.55 22.62
CA GLN E 6 25.38 -1.85 23.08
C GLN E 6 25.71 -1.66 24.53
N THR E 7 24.74 -1.95 25.37
CA THR E 7 24.85 -1.77 26.81
C THR E 7 26.21 -2.24 27.36
N THR E 8 26.38 -3.55 27.42
CA THR E 8 27.60 -4.18 27.89
C THR E 8 28.76 -3.80 26.99
N SER E 9 29.72 -3.06 27.53
CA SER E 9 30.88 -2.62 26.74
C SER E 9 31.91 -3.74 26.53
N SER E 10 32.51 -4.19 27.61
CA SER E 10 33.52 -5.23 27.53
C SER E 10 33.34 -6.28 28.61
N LEU E 11 32.99 -7.49 28.22
CA LEU E 11 32.76 -8.58 29.17
C LEU E 11 33.96 -9.54 29.18
N SER E 12 34.05 -10.34 30.24
CA SER E 12 35.12 -11.32 30.37
C SER E 12 34.54 -12.72 30.47
N ALA E 13 35.13 -13.66 29.75
CA ALA E 13 34.69 -15.06 29.79
C ALA E 13 35.87 -15.95 29.56
N SER E 14 35.63 -17.25 29.52
CA SER E 14 36.72 -18.15 29.35
C SER E 14 36.43 -19.18 28.33
N LEU E 15 37.45 -19.96 27.97
CA LEU E 15 37.31 -21.01 27.00
C LEU E 15 36.18 -21.92 27.44
N GLY E 16 35.32 -22.28 26.50
CA GLY E 16 34.20 -23.15 26.83
C GLY E 16 32.96 -22.39 27.27
N ASP E 17 33.17 -21.17 27.78
CA ASP E 17 32.07 -20.32 28.24
C ASP E 17 31.01 -20.06 27.18
N ARG E 18 29.89 -19.51 27.62
CA ARG E 18 28.81 -19.11 26.75
C ARG E 18 28.64 -17.60 26.93
N VAL E 19 28.52 -16.87 25.82
CA VAL E 19 28.35 -15.42 25.90
C VAL E 19 27.22 -14.89 25.04
N THR E 20 26.48 -13.93 25.60
CA THR E 20 25.41 -13.27 24.90
C THR E 20 25.63 -11.76 24.95
N ILE E 21 25.61 -11.13 23.79
CA ILE E 21 25.81 -9.69 23.69
C ILE E 21 24.48 -8.96 23.38
N SER E 22 24.23 -7.88 24.14
CA SER E 22 22.98 -7.13 24.01
C SER E 22 23.10 -5.83 23.21
N CYS E 23 22.34 -5.75 22.12
CA CYS E 23 22.29 -4.56 21.26
C CYS E 23 20.87 -4.00 21.27
N SER E 24 20.74 -2.73 21.60
CA SER E 24 19.44 -2.07 21.64
C SER E 24 19.33 -0.96 20.61
N ALA E 25 18.16 -0.85 19.99
CA ALA E 25 17.90 0.15 18.99
C ALA E 25 17.03 1.30 19.55
N SER E 26 16.58 2.19 18.68
CA SER E 26 15.73 3.30 19.09
C SER E 26 14.33 3.17 18.52
N GLN E 27 14.14 2.18 17.65
CA GLN E 27 12.83 1.94 17.04
C GLN E 27 12.83 0.65 16.23
N ASP E 28 11.72 -0.07 16.32
CA ASP E 28 11.53 -1.32 15.59
C ASP E 28 12.30 -1.28 14.28
N ILE E 29 13.37 -2.06 14.19
CA ILE E 29 14.16 -2.09 12.97
C ILE E 29 13.77 -3.28 12.13
N SER E 30 12.73 -3.97 12.57
CA SER E 30 12.24 -5.14 11.85
C SER E 30 13.39 -6.11 11.53
N SER E 31 14.24 -6.33 12.51
CA SER E 31 15.35 -7.27 12.40
C SER E 31 16.44 -6.84 11.45
N TYR E 32 16.39 -5.61 10.98
CA TYR E 32 17.41 -5.12 10.09
C TYR E 32 18.67 -4.80 10.86
N LEU E 33 19.29 -5.85 11.35
CA LEU E 33 20.48 -5.73 12.15
C LEU E 33 21.48 -6.76 11.75
N ASN E 34 22.74 -6.36 11.72
CA ASN E 34 23.81 -7.26 11.36
C ASN E 34 24.81 -7.38 12.52
N TRP E 35 25.81 -8.23 12.34
CA TRP E 35 26.83 -8.42 13.37
C TRP E 35 28.25 -8.51 12.80
N TYR E 36 29.07 -7.50 13.07
CA TYR E 36 30.42 -7.44 12.57
C TYR E 36 31.42 -7.78 13.66
N GLN E 37 32.38 -8.63 13.34
CA GLN E 37 33.39 -9.01 14.31
C GLN E 37 34.79 -8.48 13.93
N GLN E 38 35.29 -7.53 14.73
CA GLN E 38 36.59 -6.93 14.48
C GLN E 38 37.62 -7.54 15.38
N LYS E 39 38.55 -8.27 14.76
CA LYS E 39 39.62 -8.95 15.47
C LYS E 39 40.67 -7.92 15.92
N PRO E 40 41.32 -8.16 17.05
CA PRO E 40 42.35 -7.27 17.60
C PRO E 40 43.40 -6.83 16.57
N GLU E 41 43.65 -7.69 15.57
CA GLU E 41 44.65 -7.40 14.54
C GLU E 41 44.18 -6.34 13.52
N GLY E 42 42.91 -5.93 13.62
CA GLY E 42 42.40 -4.88 12.75
C GLY E 42 41.29 -5.27 11.80
N THR E 43 41.41 -6.45 11.22
CA THR E 43 40.44 -6.91 10.24
C THR E 43 39.03 -7.11 10.79
N VAL E 44 38.05 -6.62 10.05
CA VAL E 44 36.65 -6.76 10.43
C VAL E 44 36.00 -7.75 9.48
N LYS E 45 35.39 -8.78 10.03
CA LYS E 45 34.74 -9.78 9.23
C LYS E 45 33.24 -9.80 9.47
N LEU E 46 32.50 -10.23 8.47
CA LEU E 46 31.05 -10.32 8.57
C LEU E 46 30.63 -11.62 9.20
N LEU E 47 29.79 -11.54 10.24
CA LEU E 47 29.31 -12.73 10.91
C LEU E 47 27.96 -13.14 10.45
N ILE E 48 26.98 -12.25 10.60
CA ILE E 48 25.59 -12.58 10.26
C ILE E 48 24.69 -11.41 9.84
N TYR E 49 23.62 -11.76 9.13
CA TYR E 49 22.64 -10.79 8.66
C TYR E 49 21.22 -11.16 9.13
N TYR E 50 20.31 -10.19 9.06
CA TYR E 50 18.92 -10.39 9.51
C TYR E 50 18.84 -10.74 10.99
N THR E 51 19.87 -10.36 11.73
CA THR E 51 19.95 -10.67 13.15
C THR E 51 19.71 -12.16 13.41
N SER E 52 19.83 -12.98 12.37
CA SER E 52 19.56 -14.38 12.51
C SER E 52 20.29 -15.23 11.51
N SER E 53 20.22 -14.84 10.25
CA SER E 53 20.85 -15.61 9.20
C SER E 53 22.37 -15.65 9.30
N LEU E 54 22.91 -16.87 9.25
CA LEU E 54 24.33 -17.14 9.37
C LEU E 54 25.09 -16.89 8.06
N HIS E 55 26.14 -16.09 8.13
CA HIS E 55 26.92 -15.77 6.95
C HIS E 55 27.82 -16.93 6.52
N SER E 56 27.75 -17.28 5.23
CA SER E 56 28.52 -18.39 4.68
C SER E 56 29.98 -18.43 5.20
N GLY E 57 30.33 -19.50 5.90
CA GLY E 57 31.67 -19.65 6.41
C GLY E 57 31.85 -19.36 7.88
N VAL E 58 30.81 -18.84 8.54
CA VAL E 58 30.87 -18.59 9.97
C VAL E 58 30.29 -19.80 10.69
N PRO E 59 31.05 -20.36 11.65
CA PRO E 59 30.70 -21.55 12.46
C PRO E 59 29.34 -21.46 13.22
N SER E 60 28.64 -22.60 13.28
CA SER E 60 27.33 -22.70 13.94
C SER E 60 27.24 -21.96 15.27
N ALA E 61 28.24 -22.18 16.12
CA ALA E 61 28.31 -21.56 17.44
C ALA E 61 27.77 -20.13 17.44
N PHE E 62 27.90 -19.47 16.30
CA PHE E 62 27.40 -18.13 16.15
C PHE E 62 25.92 -18.18 15.74
N SER E 63 25.03 -17.94 16.71
CA SER E 63 23.58 -17.96 16.47
C SER E 63 22.96 -16.57 16.53
N GLY E 64 21.97 -16.33 15.65
CA GLY E 64 21.30 -15.04 15.61
C GLY E 64 20.04 -15.02 16.45
N SER E 65 19.77 -13.87 17.07
CA SER E 65 18.61 -13.72 17.93
C SER E 65 18.21 -12.24 18.12
N GLY E 66 16.91 -12.00 18.31
CA GLY E 66 16.45 -10.64 18.52
C GLY E 66 15.11 -10.31 17.87
N SER E 67 14.49 -9.21 18.33
CA SER E 67 13.21 -8.74 17.80
C SER E 67 13.00 -7.28 18.16
N GLY E 68 11.94 -6.69 17.62
CA GLY E 68 11.61 -5.30 17.92
C GLY E 68 12.77 -4.32 17.86
N THR E 69 13.17 -3.83 19.03
CA THR E 69 14.26 -2.88 19.11
C THR E 69 15.31 -3.37 20.10
N ASP E 70 15.26 -4.67 20.41
CA ASP E 70 16.23 -5.30 21.29
C ASP E 70 16.63 -6.63 20.67
N TYR E 71 17.91 -6.76 20.37
CA TYR E 71 18.43 -7.97 19.75
C TYR E 71 19.64 -8.50 20.48
N SER E 72 20.03 -9.71 20.13
CA SER E 72 21.14 -10.35 20.80
C SER E 72 21.96 -11.22 19.88
N LEU E 73 23.22 -11.45 20.29
CA LEU E 73 24.16 -12.30 19.54
C LEU E 73 24.79 -13.27 20.55
N THR E 74 24.77 -14.56 20.26
CA THR E 74 25.30 -15.56 21.21
C THR E 74 26.25 -16.58 20.60
N ILE E 75 27.33 -16.87 21.31
CA ILE E 75 28.30 -17.85 20.90
C ILE E 75 28.15 -19.02 21.83
N SER E 76 27.91 -20.21 21.27
CA SER E 76 27.74 -21.42 22.08
C SER E 76 28.89 -21.63 23.07
N ASN E 77 29.99 -22.18 22.58
CA ASN E 77 31.17 -22.45 23.41
C ASN E 77 32.36 -21.63 22.90
N LEU E 78 32.69 -20.56 23.63
CA LEU E 78 33.79 -19.65 23.25
C LEU E 78 35.09 -20.34 22.99
N GLU E 79 35.66 -20.08 21.82
CA GLU E 79 36.99 -20.61 21.46
C GLU E 79 37.99 -19.42 21.36
N PRO E 80 39.30 -19.70 21.56
CA PRO E 80 40.37 -18.70 21.55
C PRO E 80 40.33 -17.65 20.45
N GLU E 81 39.60 -17.91 19.38
CA GLU E 81 39.55 -16.98 18.24
C GLU E 81 38.43 -15.93 18.38
N ASP E 82 37.38 -16.29 19.07
CA ASP E 82 36.22 -15.42 19.21
C ASP E 82 36.42 -14.24 20.18
N PHE E 83 37.62 -14.11 20.74
CA PHE E 83 37.91 -13.01 21.67
C PHE E 83 38.28 -11.76 20.92
N ALA E 84 37.28 -10.94 20.61
CA ALA E 84 37.51 -9.70 19.87
C ALA E 84 36.42 -8.68 20.21
N THR E 85 36.19 -7.75 19.31
CA THR E 85 35.14 -6.76 19.50
C THR E 85 34.00 -6.99 18.51
N TYR E 86 32.78 -7.14 19.04
CA TYR E 86 31.59 -7.38 18.21
C TYR E 86 30.73 -6.11 18.03
N TYR E 87 30.71 -5.60 16.80
CA TYR E 87 29.97 -4.39 16.48
C TYR E 87 28.56 -4.77 16.02
N CYS E 88 27.56 -4.09 16.55
CA CYS E 88 26.16 -4.30 16.16
C CYS E 88 25.76 -3.23 15.15
N GLN E 89 25.06 -3.62 14.08
CA GLN E 89 24.64 -2.68 13.04
C GLN E 89 23.17 -2.79 12.68
N GLN E 90 22.61 -1.68 12.19
CA GLN E 90 21.19 -1.63 11.76
C GLN E 90 21.08 -1.10 10.33
N TYR E 91 19.95 -1.35 9.66
CA TYR E 91 19.74 -0.80 8.32
C TYR E 91 18.31 -0.51 7.91
N SER E 92 17.58 0.19 8.77
CA SER E 92 16.23 0.62 8.45
C SER E 92 16.34 2.04 7.88
N LYS E 93 16.55 3.01 8.74
CA LYS E 93 16.76 4.38 8.30
C LYS E 93 18.17 4.42 7.72
N PHE E 94 18.33 5.00 6.53
CA PHE E 94 19.62 4.98 5.84
C PHE E 94 20.84 5.42 6.60
N PRO E 95 20.69 6.40 7.51
CA PRO E 95 21.93 6.73 8.20
C PRO E 95 22.40 5.50 9.01
N TRP E 96 23.14 4.62 8.33
CA TRP E 96 23.63 3.39 8.94
C TRP E 96 24.42 3.76 10.18
N THR E 97 24.07 3.12 11.28
CA THR E 97 24.69 3.37 12.55
C THR E 97 25.18 2.09 13.22
N PHE E 98 26.36 2.18 13.82
CA PHE E 98 26.93 1.08 14.55
C PHE E 98 26.90 1.48 16.02
N GLY E 99 26.40 0.59 16.86
CA GLY E 99 26.38 0.88 18.27
C GLY E 99 27.61 0.28 18.92
N GLY E 100 28.54 1.15 19.35
CA GLY E 100 29.78 0.67 19.99
C GLY E 100 29.79 -0.82 20.33
N GLY E 101 30.62 -1.58 19.62
CA GLY E 101 30.67 -3.00 19.82
C GLY E 101 30.92 -3.46 21.25
N THR E 102 30.84 -4.76 21.46
CA THR E 102 31.08 -5.34 22.76
C THR E 102 32.39 -6.12 22.76
N LYS E 103 33.32 -5.72 23.63
CA LYS E 103 34.60 -6.40 23.76
C LYS E 103 34.39 -7.74 24.50
N LEU E 104 35.03 -8.79 24.00
CA LEU E 104 34.94 -10.12 24.60
C LEU E 104 36.36 -10.62 24.97
N GLU E 105 36.82 -10.24 26.16
CA GLU E 105 38.18 -10.55 26.58
C GLU E 105 38.36 -11.84 27.40
N ILE E 106 39.62 -12.25 27.57
CA ILE E 106 39.96 -13.43 28.33
C ILE E 106 39.94 -13.17 29.83
N LYS E 107 39.18 -13.98 30.56
CA LYS E 107 39.07 -13.84 32.00
C LYS E 107 40.21 -14.57 32.70
N ARG E 108 41.03 -13.83 33.42
CA ARG E 108 42.18 -14.40 34.13
C ARG E 108 42.12 -14.13 35.62
N ALA E 109 42.78 -14.96 36.40
CA ALA E 109 42.84 -14.78 37.85
C ALA E 109 43.67 -13.55 38.16
N ASP E 110 42.99 -12.46 38.44
CA ASP E 110 43.65 -11.18 38.72
C ASP E 110 44.97 -11.29 39.50
N ALA E 111 45.81 -10.27 39.36
CA ALA E 111 47.10 -10.22 40.03
C ALA E 111 47.58 -8.77 40.13
N ALA E 112 48.25 -8.44 41.22
CA ALA E 112 48.70 -7.07 41.45
C ALA E 112 49.66 -6.58 40.38
N PRO E 113 49.81 -5.26 40.24
CA PRO E 113 50.71 -4.67 39.24
C PRO E 113 52.16 -4.59 39.73
N THR E 114 53.08 -5.09 38.92
CA THR E 114 54.49 -5.04 39.24
C THR E 114 55.01 -3.63 38.93
N VAL E 115 55.01 -2.77 39.94
CA VAL E 115 55.37 -1.35 39.75
C VAL E 115 56.83 -1.00 39.91
N SER E 116 57.34 -0.29 38.91
CA SER E 116 58.73 0.19 38.92
C SER E 116 58.78 1.68 38.48
N ILE E 117 59.46 2.50 39.27
CA ILE E 117 59.59 3.93 38.97
C ILE E 117 61.03 4.32 38.64
N PHE E 118 61.20 4.98 37.51
CA PHE E 118 62.50 5.38 37.05
C PHE E 118 62.69 6.88 37.15
N PRO E 119 63.85 7.32 37.67
CA PRO E 119 64.19 8.74 37.84
C PRO E 119 64.83 9.31 36.58
N PRO E 120 64.43 10.54 36.20
CA PRO E 120 64.94 11.23 35.00
C PRO E 120 66.48 11.20 34.91
N SER E 121 66.99 10.85 33.73
CA SER E 121 68.43 10.73 33.51
C SER E 121 69.08 12.07 33.17
N SER E 122 70.35 12.21 33.53
CA SER E 122 71.09 13.43 33.22
C SER E 122 71.25 13.52 31.71
N GLU E 123 71.22 12.37 31.04
CA GLU E 123 71.34 12.31 29.59
C GLU E 123 70.27 13.16 28.93
N GLN E 124 69.22 13.48 29.68
CA GLN E 124 68.12 14.31 29.20
C GLN E 124 68.06 15.64 29.95
N LEU E 125 68.10 15.55 31.28
CA LEU E 125 68.03 16.73 32.15
C LEU E 125 68.84 17.90 31.60
N THR E 126 69.99 17.60 31.02
CA THR E 126 70.89 18.61 30.47
C THR E 126 70.28 19.42 29.32
N SER E 127 69.05 19.11 28.98
CA SER E 127 68.34 19.82 27.92
C SER E 127 67.05 20.41 28.48
N GLY E 128 66.99 20.52 29.81
CA GLY E 128 65.82 21.06 30.47
C GLY E 128 64.74 20.00 30.66
N GLY E 129 64.92 18.86 29.99
CA GLY E 129 63.94 17.80 30.07
C GLY E 129 64.10 16.89 31.26
N ALA E 130 63.07 16.82 32.09
CA ALA E 130 63.07 15.96 33.24
C ALA E 130 61.85 15.08 33.16
N SER E 131 61.99 13.96 32.46
CA SER E 131 60.89 13.06 32.26
C SER E 131 60.93 11.88 33.22
N VAL E 132 59.87 11.73 34.01
CA VAL E 132 59.80 10.65 34.96
C VAL E 132 58.74 9.67 34.49
N VAL E 133 59.02 8.38 34.61
CA VAL E 133 58.06 7.35 34.21
C VAL E 133 57.96 6.25 35.25
N CYS E 134 56.73 5.78 35.47
CA CYS E 134 56.46 4.73 36.43
C CYS E 134 55.70 3.63 35.73
N PHE E 135 56.40 2.54 35.42
CA PHE E 135 55.81 1.45 34.69
C PHE E 135 54.98 0.53 35.58
N LEU E 136 53.76 0.28 35.16
CA LEU E 136 52.89 -0.63 35.88
C LEU E 136 52.65 -1.81 34.95
N ASN E 137 53.40 -2.90 35.15
CA ASN E 137 53.29 -4.08 34.27
C ASN E 137 52.52 -5.25 34.87
N ASN E 138 51.98 -6.10 33.98
CA ASN E 138 51.27 -7.33 34.37
C ASN E 138 50.32 -7.16 35.54
N PHE E 139 49.04 -7.00 35.23
CA PHE E 139 48.00 -6.88 36.26
C PHE E 139 46.62 -7.10 35.65
N TYR E 140 45.71 -7.65 36.45
CA TYR E 140 44.36 -7.94 35.97
C TYR E 140 43.30 -7.54 36.96
N PRO E 141 42.22 -6.91 36.47
CA PRO E 141 42.05 -6.60 35.05
C PRO E 141 42.43 -5.15 34.81
N LYS E 142 42.15 -4.66 33.61
CA LYS E 142 42.49 -3.29 33.26
C LYS E 142 42.27 -2.31 34.42
N ASP E 143 41.09 -2.41 35.05
CA ASP E 143 40.73 -1.52 36.16
C ASP E 143 41.89 -1.18 37.12
N ILE E 144 42.62 -0.12 36.81
CA ILE E 144 43.76 0.29 37.63
C ILE E 144 43.87 1.79 37.70
N ASN E 145 44.21 2.32 38.87
CA ASN E 145 44.38 3.76 39.04
C ASN E 145 45.79 4.14 39.41
N VAL E 146 46.20 5.28 38.93
CA VAL E 146 47.52 5.78 39.21
C VAL E 146 47.41 7.17 39.79
N ALA E 147 48.41 7.55 40.55
CA ALA E 147 48.44 8.86 41.13
C ALA E 147 49.86 9.35 41.18
N TRP E 148 50.13 10.42 40.44
CA TRP E 148 51.44 11.05 40.46
C TRP E 148 51.38 12.14 41.52
N ALA E 149 51.91 11.83 42.69
CA ALA E 149 51.84 12.75 43.81
C ALA E 149 53.19 13.15 44.33
N ILE E 150 53.58 14.38 44.03
CA ILE E 150 54.82 14.94 44.55
C ILE E 150 54.47 15.48 45.95
N ASP E 151 55.47 15.76 46.76
CA ASP E 151 55.25 16.31 48.10
C ASP E 151 53.99 17.18 48.09
N GLY E 152 52.92 16.69 48.71
CA GLY E 152 51.68 17.45 48.73
C GLY E 152 50.52 16.73 48.05
N SER E 153 50.81 15.55 47.49
CA SER E 153 49.80 14.68 46.84
C SER E 153 49.10 15.28 45.62
N ALA E 154 49.64 16.37 45.11
CA ALA E 154 49.06 17.01 43.95
C ALA E 154 49.40 16.21 42.70
N ALA E 155 48.37 15.92 41.89
CA ALA E 155 48.57 15.20 40.64
C ALA E 155 49.14 16.17 39.62
N ALA E 156 50.41 16.54 39.82
CA ALA E 156 51.10 17.52 38.99
C ALA E 156 50.66 17.51 37.52
N ASN E 157 50.28 18.68 37.02
CA ASN E 157 49.84 18.80 35.64
C ASN E 157 50.97 18.39 34.71
N GLY E 158 50.71 17.36 33.92
CA GLY E 158 51.71 16.81 33.03
C GLY E 158 51.62 15.31 33.11
N VAL E 159 50.39 14.82 33.15
CA VAL E 159 50.09 13.40 33.27
C VAL E 159 49.74 12.80 31.92
N LEU E 160 50.71 12.11 31.32
CA LEU E 160 50.47 11.41 30.06
C LEU E 160 50.67 9.92 30.31
N ASN E 161 49.63 9.13 30.03
CA ASN E 161 49.72 7.70 30.30
C ASN E 161 48.95 6.86 29.29
N SER E 162 49.45 5.65 29.04
CA SER E 162 48.79 4.71 28.12
C SER E 162 48.94 3.30 28.63
N TRP E 163 48.00 2.45 28.26
CA TRP E 163 48.02 1.05 28.67
C TRP E 163 47.80 0.16 27.45
N THR E 164 48.37 -1.03 27.50
CA THR E 164 48.31 -1.98 26.40
C THR E 164 47.06 -2.80 26.44
N ASP E 165 46.82 -3.55 25.37
CA ASP E 165 45.70 -4.46 25.30
C ASP E 165 46.02 -5.66 26.15
N GLN E 166 45.20 -6.69 26.05
CA GLN E 166 45.43 -7.91 26.77
C GLN E 166 46.50 -8.76 26.04
N ASP E 167 47.66 -8.91 26.65
CA ASP E 167 48.72 -9.72 26.06
C ASP E 167 48.23 -11.18 26.00
N SER E 168 47.92 -11.66 24.81
CA SER E 168 47.40 -13.02 24.63
C SER E 168 48.32 -14.12 25.16
N LYS E 169 49.29 -13.77 26.00
CA LYS E 169 50.15 -14.75 26.62
C LYS E 169 49.77 -14.99 28.09
N ASP E 170 49.67 -13.90 28.85
CA ASP E 170 49.34 -14.01 30.27
C ASP E 170 47.95 -13.42 30.62
N SER E 171 47.25 -12.94 29.60
CA SER E 171 45.91 -12.45 29.78
C SER E 171 45.80 -11.21 30.66
N THR E 172 46.92 -10.57 30.96
CA THR E 172 46.90 -9.37 31.79
C THR E 172 47.09 -8.12 30.95
N TYR E 173 47.23 -6.99 31.62
CA TYR E 173 47.46 -5.71 30.96
C TYR E 173 48.57 -4.96 31.69
N SER E 174 49.12 -3.95 31.03
CA SER E 174 50.16 -3.11 31.61
C SER E 174 49.96 -1.68 31.14
N MET E 175 50.34 -0.75 31.99
CA MET E 175 50.17 0.66 31.68
C MET E 175 51.39 1.40 32.18
N SER E 176 51.63 2.57 31.63
CA SER E 176 52.77 3.38 32.05
C SER E 176 52.45 4.83 31.95
N SER E 177 52.75 5.56 33.02
CA SER E 177 52.51 6.99 33.04
C SER E 177 53.82 7.74 33.08
N THR E 178 53.88 8.83 32.34
CA THR E 178 55.08 9.66 32.30
C THR E 178 54.74 11.08 32.76
N LEU E 179 55.22 11.42 33.96
CA LEU E 179 55.01 12.76 34.50
C LEU E 179 55.97 13.71 33.79
N THR E 180 55.46 14.80 33.26
CA THR E 180 56.30 15.73 32.54
C THR E 180 56.55 17.05 33.28
N LEU E 181 57.75 17.17 33.85
CA LEU E 181 58.13 18.36 34.59
C LEU E 181 59.39 18.94 34.00
N THR E 182 59.48 20.27 34.00
CA THR E 182 60.65 20.96 33.48
C THR E 182 61.79 20.81 34.46
N ALA E 183 63.02 20.97 33.96
CA ALA E 183 64.18 20.92 34.82
C ALA E 183 63.95 21.84 36.03
N ASP E 184 63.36 23.01 35.77
CA ASP E 184 63.05 23.97 36.82
C ASP E 184 62.34 23.29 37.97
N GLU E 185 61.21 22.67 37.67
CA GLU E 185 60.42 21.99 38.69
C GLU E 185 61.17 20.78 39.27
N TYR E 186 61.88 20.04 38.43
CA TYR E 186 62.63 18.88 38.89
C TYR E 186 63.50 19.22 40.07
N GLU E 187 64.27 20.28 39.93
CA GLU E 187 65.15 20.71 40.99
C GLU E 187 64.38 21.22 42.20
N ALA E 188 63.35 22.04 41.94
CA ALA E 188 62.53 22.61 43.00
C ALA E 188 61.97 21.54 43.96
N ALA E 189 61.33 20.53 43.39
CA ALA E 189 60.76 19.47 44.20
C ALA E 189 61.84 18.67 44.95
N ASN E 190 61.42 17.59 45.64
CA ASN E 190 62.36 16.74 46.39
C ASN E 190 62.21 15.27 45.99
N SER E 191 61.14 14.64 46.48
CA SER E 191 60.87 13.25 46.16
C SER E 191 59.63 13.13 45.28
N TYR E 192 59.68 12.21 44.35
CA TYR E 192 58.56 11.95 43.46
C TYR E 192 58.00 10.61 43.84
N THR E 193 56.68 10.49 43.81
CA THR E 193 56.02 9.28 44.25
C THR E 193 54.99 8.75 43.27
N CYS E 194 55.04 7.43 43.02
CA CYS E 194 54.07 6.78 42.15
C CYS E 194 53.13 5.93 42.99
N ALA E 195 51.83 6.19 42.90
CA ALA E 195 50.84 5.46 43.67
C ALA E 195 49.92 4.63 42.77
N ALA E 196 50.07 3.32 42.86
CA ALA E 196 49.23 2.40 42.10
C ALA E 196 48.19 1.73 43.01
N THR E 197 46.93 2.00 42.72
CA THR E 197 45.82 1.42 43.49
C THR E 197 45.12 0.34 42.66
N HIS E 198 45.05 -0.87 43.21
CA HIS E 198 44.45 -2.00 42.51
C HIS E 198 43.77 -2.94 43.49
N LYS E 199 42.89 -3.79 42.96
CA LYS E 199 42.11 -4.77 43.75
C LYS E 199 42.99 -5.76 44.54
N THR E 200 44.25 -5.40 44.76
CA THR E 200 45.21 -6.25 45.44
C THR E 200 44.75 -6.70 46.82
N SER E 201 44.84 -5.81 47.78
CA SER E 201 44.48 -6.10 49.15
C SER E 201 44.16 -4.77 49.83
N THR E 202 43.52 -3.88 49.06
CA THR E 202 43.14 -2.57 49.57
C THR E 202 44.38 -1.83 49.98
N SER E 203 45.49 -2.14 49.32
CA SER E 203 46.75 -1.53 49.65
C SER E 203 47.23 -0.66 48.51
N PRO E 204 47.59 0.59 48.82
CA PRO E 204 48.10 1.50 47.78
C PRO E 204 49.57 1.20 47.48
N ILE E 205 49.83 0.61 46.32
CA ILE E 205 51.18 0.26 45.91
C ILE E 205 51.94 1.53 45.59
N VAL E 206 52.88 1.88 46.44
CA VAL E 206 53.60 3.14 46.29
C VAL E 206 55.12 2.97 46.19
N LYS E 207 55.68 3.48 45.11
CA LYS E 207 57.12 3.46 44.92
C LYS E 207 57.60 4.84 44.57
N SER E 208 58.66 5.29 45.22
CA SER E 208 59.16 6.62 45.04
C SER E 208 60.67 6.70 45.05
N PHE E 209 61.18 7.92 44.87
CA PHE E 209 62.61 8.17 44.88
C PHE E 209 62.86 9.65 45.15
N ASN E 210 64.05 9.97 45.67
CA ASN E 210 64.42 11.35 45.94
C ASN E 210 65.84 11.62 45.45
N ALA E 211 65.99 12.58 44.54
CA ALA E 211 67.31 12.94 43.99
C ALA E 211 67.16 14.05 42.96
N ASN E 212 67.20 15.30 43.43
CA ASN E 212 67.02 16.46 42.55
C ASN E 212 68.31 16.86 41.81
N GLU E 213 69.00 15.88 41.22
CA GLU E 213 70.22 16.15 40.47
C GLU E 213 69.91 16.44 38.99
N CYS E 214 70.57 17.44 38.43
CA CYS E 214 70.37 17.83 37.03
C CYS E 214 71.70 17.97 36.29
N GLN F 1 38.38 -15.25 -3.71
CA GLN F 1 37.10 -14.51 -3.88
C GLN F 1 37.37 -13.01 -4.07
N ILE F 2 36.32 -12.21 -4.09
CA ILE F 2 36.47 -10.77 -4.27
C ILE F 2 37.24 -10.17 -3.10
N THR F 3 37.92 -9.06 -3.35
CA THR F 3 38.67 -8.34 -2.31
C THR F 3 38.83 -6.88 -2.66
N LEU F 4 39.01 -6.06 -1.64
CA LEU F 4 39.15 -4.62 -1.87
C LEU F 4 40.18 -3.99 -0.94
N LYS F 5 41.17 -3.32 -1.52
CA LYS F 5 42.20 -2.64 -0.75
C LYS F 5 42.06 -1.16 -0.95
N GLU F 6 42.41 -0.39 0.05
CA GLU F 6 42.30 1.05 -0.05
C GLU F 6 43.64 1.71 0.10
N SER F 7 43.71 2.95 -0.33
CA SER F 7 44.94 3.71 -0.28
C SER F 7 44.64 5.17 -0.10
N GLY F 8 45.49 5.87 0.64
CA GLY F 8 45.28 7.28 0.89
C GLY F 8 46.57 8.05 0.89
N PRO F 9 46.58 9.27 1.44
CA PRO F 9 47.77 10.13 1.48
C PRO F 9 48.59 9.92 2.76
N GLY F 10 48.05 9.17 3.71
CA GLY F 10 48.76 8.94 4.95
C GLY F 10 48.73 10.16 5.87
N ILE F 11 49.14 11.32 5.37
CA ILE F 11 49.14 12.53 6.20
C ILE F 11 48.56 13.76 5.47
N VAL F 12 47.75 14.54 6.18
CA VAL F 12 47.13 15.69 5.60
C VAL F 12 47.05 16.87 6.57
N GLN F 13 47.62 17.99 6.16
CA GLN F 13 47.64 19.20 6.99
C GLN F 13 46.22 19.67 7.28
N PRO F 14 45.91 19.93 8.55
CA PRO F 14 44.56 20.38 8.91
C PRO F 14 44.13 21.53 8.00
N SER F 15 42.84 21.55 7.69
CA SER F 15 42.21 22.57 6.82
C SER F 15 42.37 22.23 5.35
N GLN F 16 43.31 21.36 5.04
CA GLN F 16 43.51 20.91 3.69
C GLN F 16 42.63 19.69 3.47
N PRO F 17 42.44 19.30 2.21
CA PRO F 17 41.60 18.13 1.93
C PRO F 17 42.38 16.91 1.50
N PHE F 18 41.68 15.79 1.36
CA PHE F 18 42.28 14.56 0.91
C PHE F 18 41.34 13.69 0.05
N ARG F 19 41.92 12.65 -0.57
CA ARG F 19 41.17 11.74 -1.43
C ARG F 19 41.64 10.28 -1.22
N LEU F 20 40.73 9.45 -0.68
CA LEU F 20 41.01 8.02 -0.46
C LEU F 20 40.43 7.19 -1.59
N THR F 21 41.12 6.10 -1.94
CA THR F 21 40.65 5.22 -3.03
C THR F 21 40.45 3.77 -2.60
N CYS F 22 39.41 3.14 -3.13
CA CYS F 22 39.16 1.73 -2.86
C CYS F 22 39.23 0.93 -4.15
N THR F 23 40.35 0.30 -4.37
CA THR F 23 40.52 -0.51 -5.57
C THR F 23 40.06 -1.95 -5.28
N PHE F 24 38.92 -2.33 -5.83
CA PHE F 24 38.35 -3.65 -5.59
C PHE F 24 38.57 -4.62 -6.75
N SER F 25 38.58 -5.91 -6.42
CA SER F 25 38.76 -6.95 -7.42
C SER F 25 37.84 -8.16 -7.14
N GLY F 26 36.84 -8.34 -7.99
CA GLY F 26 35.90 -9.42 -7.80
C GLY F 26 34.50 -9.09 -8.26
N PHE F 27 33.96 -7.97 -7.82
CA PHE F 27 32.62 -7.60 -8.22
C PHE F 27 32.65 -6.49 -9.25
N SER F 28 31.59 -5.69 -9.27
CA SER F 28 31.53 -4.54 -10.16
C SER F 28 30.48 -3.58 -9.66
N LEU F 29 30.72 -2.30 -9.80
CA LEU F 29 29.75 -1.32 -9.38
C LEU F 29 28.71 -1.15 -10.47
N SER F 30 28.46 -2.23 -11.18
CA SER F 30 27.49 -2.23 -12.25
C SER F 30 26.66 -3.52 -12.21
N THR F 31 26.17 -3.87 -11.04
CA THR F 31 25.36 -5.07 -10.87
C THR F 31 24.30 -4.78 -9.84
N SER F 32 23.05 -4.80 -10.27
CA SER F 32 21.90 -4.47 -9.39
C SER F 32 22.11 -4.50 -7.86
N GLY F 33 22.72 -5.56 -7.35
CA GLY F 33 22.85 -5.68 -5.91
C GLY F 33 24.14 -5.20 -5.25
N ILE F 34 25.19 -5.01 -6.05
CA ILE F 34 26.50 -4.60 -5.53
C ILE F 34 26.50 -3.18 -4.93
N GLY F 35 27.65 -2.79 -4.37
CA GLY F 35 27.81 -1.45 -3.81
C GLY F 35 29.18 -1.33 -3.14
N VAL F 36 29.55 -0.11 -2.73
CA VAL F 36 30.84 0.14 -2.02
C VAL F 36 30.66 1.16 -0.92
N THR F 37 31.07 0.78 0.29
CA THR F 37 30.82 1.58 1.48
C THR F 37 32.11 2.00 2.27
N TRP F 38 32.18 3.28 2.63
CA TRP F 38 33.33 3.81 3.37
C TRP F 38 33.00 3.94 4.87
N ILE F 39 33.70 3.18 5.70
CA ILE F 39 33.50 3.23 7.15
C ILE F 39 34.74 3.77 7.82
N ARG F 40 34.57 4.71 8.73
CA ARG F 40 35.68 5.33 9.41
C ARG F 40 35.77 4.88 10.86
N GLN F 41 36.99 4.61 11.32
CA GLN F 41 37.21 4.19 12.70
C GLN F 41 38.19 5.13 13.34
N PRO F 42 37.68 6.05 14.16
CA PRO F 42 38.47 7.06 14.87
C PRO F 42 39.36 6.46 15.93
N SER F 43 40.29 7.26 16.41
CA SER F 43 41.24 6.82 17.42
C SER F 43 40.54 6.33 18.71
N GLY F 44 40.53 5.01 18.91
CA GLY F 44 39.93 4.42 20.11
C GLY F 44 38.40 4.32 20.07
N LYS F 45 37.77 5.01 19.12
CA LYS F 45 36.31 4.99 19.00
C LYS F 45 35.81 3.72 18.32
N GLY F 46 34.51 3.69 18.04
CA GLY F 46 33.93 2.53 17.37
C GLY F 46 33.88 2.72 15.86
N LEU F 47 32.87 2.14 15.23
CA LEU F 47 32.73 2.27 13.80
C LEU F 47 31.71 3.34 13.44
N GLU F 48 32.10 4.21 12.51
CA GLU F 48 31.25 5.29 12.06
C GLU F 48 30.95 5.11 10.56
N TRP F 49 29.71 5.36 10.18
CA TRP F 49 29.34 5.26 8.78
C TRP F 49 29.47 6.62 8.12
N LEU F 50 30.25 6.69 7.04
CA LEU F 50 30.47 7.94 6.30
C LEU F 50 29.48 8.09 5.16
N ALA F 51 29.61 7.22 4.15
CA ALA F 51 28.71 7.24 3.01
C ALA F 51 28.69 5.89 2.34
N THR F 52 27.77 5.74 1.41
CA THR F 52 27.66 4.52 0.65
C THR F 52 27.38 4.83 -0.81
N ILE F 53 28.17 4.21 -1.71
CA ILE F 53 28.01 4.42 -3.15
C ILE F 53 27.21 3.26 -3.72
N TRP F 54 26.19 3.58 -4.53
CA TRP F 54 25.33 2.56 -5.09
C TRP F 54 25.35 2.50 -6.61
N TRP F 55 25.25 1.29 -7.14
CA TRP F 55 25.31 1.04 -8.58
C TRP F 55 24.55 2.01 -9.46
N ASP F 56 23.31 2.29 -9.09
CA ASP F 56 22.46 3.19 -9.88
C ASP F 56 22.88 4.67 -9.81
N ASP F 57 24.09 4.94 -9.32
CA ASP F 57 24.58 6.31 -9.19
C ASP F 57 23.95 7.01 -7.94
N ASP F 58 23.03 6.31 -7.27
CA ASP F 58 22.42 6.85 -6.05
C ASP F 58 23.40 6.84 -4.90
N ASN F 59 24.01 7.99 -4.64
CA ASN F 59 24.99 8.12 -3.56
C ASN F 59 24.36 8.76 -2.34
N ARG F 60 24.75 8.27 -1.16
CA ARG F 60 24.21 8.78 0.09
C ARG F 60 25.30 8.99 1.10
N TYR F 61 25.25 10.09 1.80
CA TYR F 61 26.26 10.43 2.78
C TYR F 61 25.66 10.47 4.18
N ASN F 62 26.52 10.75 5.16
CA ASN F 62 26.08 10.93 6.52
C ASN F 62 25.66 12.40 6.62
N PRO F 63 24.48 12.67 7.15
CA PRO F 63 23.99 14.06 7.28
C PRO F 63 24.98 15.00 7.96
N SER F 64 25.93 14.45 8.70
CA SER F 64 26.88 15.25 9.42
C SER F 64 28.13 15.63 8.65
N LEU F 65 28.37 14.97 7.52
CA LEU F 65 29.60 15.21 6.75
C LEU F 65 29.39 15.61 5.29
N LYS F 66 28.28 15.20 4.70
CA LYS F 66 27.99 15.51 3.30
C LYS F 66 28.56 16.87 2.89
N SER F 67 28.56 17.82 3.82
CA SER F 67 29.05 19.17 3.57
C SER F 67 30.50 19.21 3.10
N ARG F 68 31.34 18.38 3.69
CA ARG F 68 32.74 18.31 3.34
C ARG F 68 33.08 16.92 2.82
N LEU F 69 32.06 16.21 2.34
CA LEU F 69 32.23 14.87 1.83
C LEU F 69 31.64 14.69 0.41
N THR F 70 32.34 13.93 -0.42
CA THR F 70 31.86 13.61 -1.75
C THR F 70 32.47 12.31 -2.20
N VAL F 71 31.66 11.45 -2.80
CA VAL F 71 32.12 10.15 -3.25
C VAL F 71 32.11 10.03 -4.74
N SER F 72 32.83 9.04 -5.24
CA SER F 72 32.90 8.81 -6.67
C SER F 72 33.23 7.35 -6.95
N LYS F 73 33.30 6.99 -8.23
CA LYS F 73 33.62 5.63 -8.59
C LYS F 73 33.85 5.45 -10.06
N ASP F 74 35.13 5.33 -10.46
CA ASP F 74 35.44 5.07 -11.86
C ASP F 74 35.15 3.61 -12.13
N THR F 75 33.90 3.32 -12.42
CA THR F 75 33.46 1.97 -12.65
C THR F 75 34.37 1.17 -13.61
N SER F 76 34.81 1.81 -14.69
CA SER F 76 35.64 1.13 -15.70
C SER F 76 36.88 0.40 -15.12
N ASN F 77 37.44 0.93 -14.04
CA ASN F 77 38.60 0.30 -13.47
C ASN F 77 38.41 -0.16 -12.02
N ASN F 78 37.17 -0.53 -11.69
CA ASN F 78 36.82 -1.08 -10.38
C ASN F 78 37.34 -0.29 -9.19
N GLN F 79 37.16 1.02 -9.22
CA GLN F 79 37.64 1.87 -8.14
C GLN F 79 36.63 2.87 -7.70
N ALA F 80 36.31 2.85 -6.43
CA ALA F 80 35.43 3.85 -5.87
C ALA F 80 36.33 4.83 -5.11
N PHE F 81 35.82 6.02 -4.83
CA PHE F 81 36.62 7.02 -4.18
C PHE F 81 35.89 7.74 -3.06
N LEU F 82 36.67 8.35 -2.17
CA LEU F 82 36.14 9.10 -1.07
C LEU F 82 36.91 10.42 -0.97
N ASN F 83 36.21 11.54 -1.08
CA ASN F 83 36.86 12.85 -1.00
C ASN F 83 36.44 13.63 0.21
N MET F 84 37.42 14.12 0.95
CA MET F 84 37.15 14.86 2.15
C MET F 84 37.87 16.19 2.14
N MET F 85 37.11 17.27 2.28
CA MET F 85 37.70 18.60 2.27
C MET F 85 37.80 19.21 3.66
N THR F 86 38.73 20.14 3.81
CA THR F 86 38.96 20.83 5.09
C THR F 86 39.00 19.86 6.24
N VAL F 87 40.11 19.15 6.37
CA VAL F 87 40.27 18.13 7.41
C VAL F 87 40.78 18.70 8.73
N GLU F 88 40.07 18.41 9.81
CA GLU F 88 40.47 18.84 11.14
C GLU F 88 40.87 17.64 12.01
N THR F 89 41.64 17.93 13.05
CA THR F 89 42.12 16.93 14.04
C THR F 89 41.32 15.63 14.04
N ALA F 90 40.12 15.70 14.58
CA ALA F 90 39.27 14.55 14.70
C ALA F 90 39.42 13.54 13.56
N ASP F 91 39.34 14.04 12.34
CA ASP F 91 39.37 13.18 11.18
C ASP F 91 40.52 12.20 11.12
N THR F 92 41.58 12.46 11.86
CA THR F 92 42.69 11.54 11.84
C THR F 92 42.21 10.18 12.31
N ALA F 93 42.14 9.24 11.38
CA ALA F 93 41.61 7.91 11.69
C ALA F 93 41.91 6.90 10.59
N ILE F 94 41.44 5.67 10.78
CA ILE F 94 41.64 4.60 9.78
C ILE F 94 40.37 4.42 9.02
N TYR F 95 40.40 4.69 7.74
CA TYR F 95 39.21 4.57 6.89
C TYR F 95 39.22 3.22 6.15
N TYR F 96 38.06 2.56 6.10
CA TYR F 96 37.93 1.27 5.39
C TYR F 96 36.89 1.39 4.27
N CYS F 97 36.97 0.52 3.27
CA CYS F 97 35.94 0.45 2.24
C CYS F 97 35.37 -0.95 2.32
N ALA F 98 34.14 -1.11 1.89
CA ALA F 98 33.51 -2.40 2.00
C ALA F 98 32.51 -2.64 0.90
N GLN F 99 32.53 -3.87 0.37
CA GLN F 99 31.61 -4.21 -0.66
C GLN F 99 30.30 -4.54 -0.06
N SER F 100 29.32 -3.66 -0.30
CA SER F 100 27.99 -3.87 0.19
C SER F 100 27.15 -4.43 -0.96
N ALA F 101 26.24 -5.34 -0.63
CA ALA F 101 25.40 -5.93 -1.65
C ALA F 101 24.04 -6.32 -1.17
N ILE F 102 23.02 -5.80 -1.83
CA ILE F 102 21.63 -6.15 -1.52
C ILE F 102 21.42 -7.61 -1.94
N THR F 103 21.87 -8.48 -1.05
CA THR F 103 21.83 -9.91 -1.29
C THR F 103 20.45 -10.37 -1.78
N SER F 104 19.40 -9.87 -1.14
CA SER F 104 18.05 -10.25 -1.51
C SER F 104 17.03 -9.41 -0.78
N VAL F 105 15.77 -9.65 -1.10
CA VAL F 105 14.61 -8.89 -0.57
C VAL F 105 14.65 -8.46 0.91
N THR F 106 15.39 -9.18 1.73
CA THR F 106 15.42 -8.89 3.17
C THR F 106 16.83 -8.73 3.73
N ASP F 107 17.84 -8.89 2.87
CA ASP F 107 19.22 -8.88 3.33
C ASP F 107 20.12 -7.85 2.66
N SER F 108 20.82 -7.09 3.46
CA SER F 108 21.74 -6.10 2.94
C SER F 108 22.75 -5.72 4.01
N ALA F 109 23.86 -6.42 4.02
CA ALA F 109 24.96 -6.11 4.95
C ALA F 109 26.26 -5.94 4.17
N MET F 110 27.30 -5.48 4.86
CA MET F 110 28.61 -5.34 4.26
C MET F 110 29.29 -6.70 4.35
N ASP F 111 29.54 -7.29 3.20
CA ASP F 111 30.07 -8.63 3.14
C ASP F 111 31.55 -8.70 3.27
N HIS F 112 32.25 -7.87 2.53
CA HIS F 112 33.71 -7.92 2.55
C HIS F 112 34.35 -6.56 2.67
N TRP F 113 35.29 -6.44 3.61
CA TRP F 113 35.98 -5.22 3.82
C TRP F 113 37.44 -5.42 3.48
N GLY F 114 38.31 -4.73 4.22
CA GLY F 114 39.73 -4.85 4.02
C GLY F 114 40.38 -3.85 4.93
N GLN F 115 41.42 -4.26 5.65
CA GLN F 115 42.10 -3.36 6.56
C GLN F 115 42.20 -1.97 5.95
N GLY F 116 41.66 -0.99 6.65
CA GLY F 116 41.66 0.36 6.14
C GLY F 116 43.02 1.06 6.11
N THR F 117 43.00 2.33 5.68
CA THR F 117 44.21 3.17 5.63
C THR F 117 44.22 4.08 6.84
N SER F 118 45.37 4.62 7.14
CA SER F 118 45.49 5.54 8.24
C SER F 118 45.85 6.92 7.74
N VAL F 119 44.92 7.85 7.93
CA VAL F 119 45.13 9.23 7.55
C VAL F 119 45.39 10.03 8.81
N THR F 120 46.51 10.71 8.84
CA THR F 120 46.87 11.52 9.99
C THR F 120 46.82 13.00 9.69
N VAL F 121 46.23 13.76 10.61
CA VAL F 121 46.09 15.21 10.46
C VAL F 121 46.97 15.96 11.48
N SER F 122 48.12 16.48 11.04
CA SER F 122 49.00 17.19 11.95
C SER F 122 49.89 18.23 11.27
N SER F 123 50.01 19.39 11.90
CA SER F 123 50.84 20.47 11.39
C SER F 123 52.32 20.12 11.52
N ALA F 124 52.62 19.04 12.23
CA ALA F 124 53.98 18.64 12.45
C ALA F 124 54.67 18.12 11.20
N ALA F 125 56.00 18.04 11.25
CA ALA F 125 56.80 17.53 10.14
C ALA F 125 57.74 16.39 10.60
N THR F 126 58.52 15.85 9.66
CA THR F 126 59.43 14.75 9.98
C THR F 126 60.34 15.05 11.17
N THR F 127 60.22 14.25 12.22
CA THR F 127 61.04 14.46 13.41
C THR F 127 61.54 13.17 13.98
N PRO F 128 62.86 13.12 14.27
CA PRO F 128 63.51 11.93 14.84
C PRO F 128 63.21 11.85 16.32
N PRO F 129 63.34 10.67 16.89
CA PRO F 129 63.06 10.48 18.31
C PRO F 129 64.17 10.94 19.25
N SER F 130 63.76 11.30 20.45
CA SER F 130 64.69 11.62 21.51
C SER F 130 64.67 10.41 22.42
N VAL F 131 65.67 9.54 22.26
CA VAL F 131 65.71 8.30 23.03
C VAL F 131 66.60 8.34 24.31
N TYR F 132 65.93 8.33 25.46
CA TYR F 132 66.60 8.40 26.75
C TYR F 132 66.45 7.06 27.47
N PRO F 133 67.54 6.58 28.07
CA PRO F 133 67.57 5.30 28.79
C PRO F 133 66.93 5.41 30.20
N LEU F 134 66.22 4.36 30.61
CA LEU F 134 65.59 4.36 31.92
C LEU F 134 66.31 3.45 32.91
N ALA F 135 67.49 3.86 33.34
CA ALA F 135 68.26 3.12 34.31
C ALA F 135 67.60 3.25 35.71
N PRO F 136 67.46 2.12 36.44
CA PRO F 136 66.86 2.02 37.78
C PRO F 136 67.30 3.14 38.73
N GLY F 137 68.57 3.51 38.64
CA GLY F 137 69.12 4.61 39.42
C GLY F 137 68.90 4.57 40.93
N SER F 138 68.53 5.74 41.48
CA SER F 138 68.35 5.93 42.94
C SER F 138 68.17 4.63 43.74
N ALA F 139 67.18 3.83 43.36
CA ALA F 139 66.95 2.55 44.03
C ALA F 139 67.72 1.48 43.26
N ALA F 140 68.75 0.94 43.90
CA ALA F 140 69.57 -0.08 43.27
C ALA F 140 68.78 -1.39 43.06
N GLN F 141 69.21 -2.16 42.07
CA GLN F 141 68.61 -3.45 41.76
C GLN F 141 68.44 -4.24 43.05
N THR F 142 67.19 -4.51 43.42
CA THR F 142 66.89 -5.19 44.68
C THR F 142 66.49 -6.65 44.49
N ASN F 143 65.34 -6.87 43.88
CA ASN F 143 64.85 -8.22 43.65
C ASN F 143 65.69 -8.90 42.60
N SER F 144 65.55 -10.21 42.49
CA SER F 144 66.27 -10.95 41.48
C SER F 144 65.59 -10.76 40.11
N MET F 145 64.75 -9.73 40.00
CA MET F 145 64.09 -9.37 38.74
C MET F 145 64.06 -7.87 38.62
N VAL F 146 64.70 -7.35 37.56
CA VAL F 146 64.80 -5.91 37.35
C VAL F 146 64.11 -5.50 36.08
N THR F 147 63.46 -4.34 36.11
CA THR F 147 62.81 -3.81 34.94
C THR F 147 63.69 -2.67 34.37
N LEU F 148 63.92 -2.71 33.08
CA LEU F 148 64.70 -1.69 32.41
C LEU F 148 63.77 -0.97 31.46
N GLY F 149 64.05 0.28 31.13
CA GLY F 149 63.15 1.01 30.27
C GLY F 149 63.77 1.97 29.28
N CYS F 150 63.00 2.32 28.26
CA CYS F 150 63.45 3.25 27.27
C CYS F 150 62.37 4.24 26.90
N LEU F 151 62.71 5.51 26.96
CA LEU F 151 61.80 6.57 26.63
C LEU F 151 62.10 7.10 25.22
N VAL F 152 61.16 6.91 24.31
CA VAL F 152 61.31 7.41 22.95
C VAL F 152 60.37 8.60 22.80
N LYS F 153 60.88 9.79 23.12
CA LYS F 153 60.06 10.98 23.11
C LYS F 153 60.21 11.83 21.88
N GLY F 154 59.13 12.51 21.52
CA GLY F 154 59.16 13.49 20.43
C GLY F 154 59.40 13.12 18.96
N TYR F 155 58.77 12.04 18.47
CA TYR F 155 58.87 11.70 17.05
C TYR F 155 57.52 12.01 16.44
N PHE F 156 57.49 12.24 15.12
CA PHE F 156 56.24 12.63 14.47
C PHE F 156 55.47 11.56 13.68
N PRO F 157 56.09 10.98 12.63
CA PRO F 157 55.35 9.96 11.87
C PRO F 157 55.15 8.74 12.73
N GLU F 158 53.92 8.58 13.25
CA GLU F 158 53.56 7.48 14.19
C GLU F 158 54.30 6.12 14.10
N PRO F 159 54.61 5.66 12.88
CA PRO F 159 55.33 4.36 12.80
C PRO F 159 56.79 4.42 13.32
N VAL F 160 57.03 3.86 14.52
CA VAL F 160 58.39 3.76 15.09
C VAL F 160 58.53 2.42 15.80
N THR F 161 59.65 1.75 15.58
CA THR F 161 59.85 0.41 16.10
C THR F 161 60.95 0.33 17.17
N VAL F 162 60.69 -0.43 18.24
CA VAL F 162 61.67 -0.60 19.32
C VAL F 162 61.85 -2.06 19.76
N THR F 163 63.10 -2.49 19.87
CA THR F 163 63.42 -3.84 20.32
C THR F 163 64.57 -3.86 21.33
N TRP F 164 64.65 -4.95 22.12
CA TRP F 164 65.65 -5.08 23.16
C TRP F 164 66.77 -6.08 22.89
N ASN F 165 67.99 -5.56 22.87
CA ASN F 165 69.18 -6.35 22.66
C ASN F 165 69.24 -6.93 21.29
N SER F 166 69.04 -6.08 20.29
CA SER F 166 69.11 -6.49 18.91
C SER F 166 68.25 -7.74 18.62
N GLY F 167 67.18 -7.91 19.40
CA GLY F 167 66.29 -9.04 19.17
C GLY F 167 66.46 -10.25 20.07
N SER F 168 67.48 -10.24 20.91
CA SER F 168 67.69 -11.35 21.82
C SER F 168 66.54 -11.41 22.84
N LEU F 169 66.10 -10.25 23.30
CA LEU F 169 65.02 -10.18 24.29
C LEU F 169 63.65 -10.22 23.63
N SER F 170 62.76 -11.00 24.22
CA SER F 170 61.40 -11.12 23.72
C SER F 170 60.52 -11.68 24.80
N SER F 171 61.12 -12.51 25.67
CA SER F 171 60.41 -13.15 26.77
C SER F 171 59.37 -12.23 27.44
N GLY F 172 59.86 -11.21 28.15
CA GLY F 172 58.95 -10.30 28.85
C GLY F 172 59.19 -8.83 28.54
N VAL F 173 58.64 -8.36 27.41
CA VAL F 173 58.79 -6.97 26.99
C VAL F 173 57.43 -6.30 26.78
N HIS F 174 57.32 -5.05 27.21
CA HIS F 174 56.09 -4.28 27.00
C HIS F 174 56.38 -2.97 26.28
N THR F 175 55.65 -2.72 25.21
CA THR F 175 55.77 -1.48 24.48
C THR F 175 54.40 -0.85 24.43
N PHE F 176 54.30 0.36 24.94
CA PHE F 176 53.02 1.03 25.04
C PHE F 176 52.81 2.04 23.94
N PRO F 177 51.58 2.15 23.43
CA PRO F 177 51.24 3.10 22.38
C PRO F 177 51.61 4.50 22.77
N ALA F 178 51.90 5.32 21.78
CA ALA F 178 52.31 6.69 22.02
C ALA F 178 51.13 7.60 22.30
N VAL F 179 51.41 8.83 22.68
CA VAL F 179 50.38 9.80 22.93
C VAL F 179 50.83 11.14 22.36
N LEU F 180 49.91 11.85 21.73
CA LEU F 180 50.21 13.12 21.05
C LEU F 180 50.68 14.26 21.98
N GLN F 181 51.94 14.18 22.41
CA GLN F 181 52.48 15.22 23.26
C GLN F 181 53.07 16.34 22.42
N SER F 182 52.41 17.49 22.46
CA SER F 182 52.86 18.66 21.73
C SER F 182 52.86 18.40 20.23
N ASP F 183 51.82 17.72 19.77
CA ASP F 183 51.67 17.40 18.34
C ASP F 183 52.66 16.34 17.89
N LEU F 184 53.52 15.89 18.81
CA LEU F 184 54.48 14.83 18.51
C LEU F 184 54.14 13.58 19.33
N TYR F 185 54.91 12.52 19.11
CA TYR F 185 54.67 11.26 19.79
C TYR F 185 55.72 10.92 20.84
N THR F 186 55.26 10.64 22.06
CA THR F 186 56.12 10.22 23.17
C THR F 186 55.80 8.74 23.53
N LEU F 187 56.64 7.83 23.04
CA LEU F 187 56.46 6.38 23.21
C LEU F 187 57.49 5.78 24.18
N SER F 188 57.03 4.92 25.08
CA SER F 188 57.94 4.27 26.03
C SER F 188 57.88 2.76 25.88
N SER F 189 58.83 2.09 26.51
CA SER F 189 58.89 0.63 26.50
C SER F 189 59.76 0.19 27.64
N SER F 190 59.54 -1.02 28.15
CA SER F 190 60.34 -1.56 29.25
C SER F 190 60.41 -3.07 29.24
N VAL F 191 61.46 -3.62 29.83
CA VAL F 191 61.70 -5.07 29.88
C VAL F 191 61.99 -5.51 31.31
N THR F 192 61.96 -6.82 31.53
CA THR F 192 62.28 -7.38 32.83
C THR F 192 63.24 -8.55 32.71
N VAL F 193 64.41 -8.37 33.28
CA VAL F 193 65.45 -9.36 33.22
C VAL F 193 65.73 -9.94 34.59
N PRO F 194 66.01 -11.23 34.65
CA PRO F 194 66.30 -11.89 35.93
C PRO F 194 67.61 -11.40 36.52
N SER F 195 67.50 -10.55 37.53
CA SER F 195 68.66 -9.99 38.22
C SER F 195 69.98 -10.15 37.48
N SER F 196 70.74 -11.18 37.89
CA SER F 196 72.06 -11.46 37.34
C SER F 196 72.33 -10.89 35.96
N THR F 197 71.44 -11.20 35.02
CA THR F 197 71.60 -10.79 33.63
C THR F 197 72.08 -9.34 33.44
N TRP F 198 71.17 -8.39 33.55
CA TRP F 198 71.48 -6.97 33.32
C TRP F 198 72.72 -6.47 34.07
N PRO F 199 72.79 -6.72 35.37
CA PRO F 199 73.98 -6.26 36.07
C PRO F 199 75.27 -6.71 35.34
N SER F 200 75.28 -7.95 34.84
CA SER F 200 76.46 -8.51 34.15
C SER F 200 76.55 -8.19 32.64
N GLU F 201 75.66 -8.80 31.86
CA GLU F 201 75.66 -8.62 30.41
C GLU F 201 74.79 -7.43 30.04
N THR F 202 75.15 -6.74 28.97
CA THR F 202 74.45 -5.52 28.58
C THR F 202 73.10 -5.69 27.89
N VAL F 203 72.14 -4.88 28.34
CA VAL F 203 70.83 -4.85 27.75
C VAL F 203 70.71 -3.55 26.97
N THR F 204 70.02 -3.58 25.85
CA THR F 204 69.94 -2.39 25.03
C THR F 204 68.58 -2.25 24.37
N CYS F 205 68.13 -1.01 24.25
CA CYS F 205 66.90 -0.71 23.56
C CYS F 205 67.30 0.02 22.29
N ASN F 206 66.93 -0.53 21.16
CA ASN F 206 67.26 0.06 19.89
C ASN F 206 66.01 0.59 19.24
N VAL F 207 66.05 1.87 18.86
CA VAL F 207 64.89 2.50 18.26
C VAL F 207 65.15 2.81 16.80
N ALA F 208 64.10 2.67 16.00
CA ALA F 208 64.17 2.93 14.58
C ALA F 208 62.96 3.69 14.14
N HIS F 209 63.20 4.80 13.45
CA HIS F 209 62.13 5.64 12.95
C HIS F 209 62.33 5.93 11.49
N PRO F 210 61.86 5.01 10.63
CA PRO F 210 61.98 5.10 9.16
C PRO F 210 61.91 6.53 8.61
N ALA F 211 60.82 7.22 8.94
CA ALA F 211 60.58 8.56 8.44
C ALA F 211 61.77 9.51 8.57
N SER F 212 62.50 9.43 9.67
CA SER F 212 63.67 10.28 9.85
C SER F 212 64.96 9.51 9.60
N SER F 213 64.80 8.24 9.22
CA SER F 213 65.92 7.39 8.85
C SER F 213 67.00 7.34 9.90
N THR F 214 66.61 7.55 11.16
CA THR F 214 67.56 7.54 12.25
C THR F 214 67.48 6.28 13.10
N LYS F 215 68.46 5.41 12.92
CA LYS F 215 68.54 4.20 13.71
C LYS F 215 69.45 4.55 14.88
N VAL F 216 69.05 4.17 16.08
CA VAL F 216 69.82 4.53 17.25
C VAL F 216 69.78 3.46 18.32
N ASP F 217 70.92 3.27 19.00
CA ASP F 217 71.02 2.28 20.08
C ASP F 217 71.43 2.90 21.40
N LYS F 218 70.69 2.60 22.46
CA LYS F 218 71.02 3.09 23.78
C LYS F 218 71.19 1.93 24.71
N LYS F 219 72.35 1.86 25.36
CA LYS F 219 72.67 0.80 26.31
C LYS F 219 72.33 1.22 27.73
N ILE F 220 72.58 0.32 28.67
CA ILE F 220 72.32 0.55 30.11
C ILE F 220 70.82 0.51 30.46
#